data_5ZB8
#
_entry.id   5ZB8
#
_cell.length_a   257.354
_cell.length_b   82.245
_cell.length_c   116.581
_cell.angle_alpha   90.000
_cell.angle_beta   109.130
_cell.angle_gamma   90.000
#
_symmetry.space_group_name_H-M   'C 1 2 1'
#
loop_
_entity.id
_entity.type
_entity.pdbx_description
1 polymer PfuEndoQ
2 non-polymer 'ZINC ION'
3 non-polymer 'SAMARIUM (III) ION'
4 water water
#
_entity_poly.entity_id   1
_entity_poly.type   'polypeptide(L)'
_entity_poly.pdbx_seq_one_letter_code
;MVVDGDLHIHSHYSKAVSKLMTFPIIAENAKLKGLNLVGTGDSLNPHWEKELLKHSKPIDDGTFEVNGVKFILTCEVEDK
RRVHHLLIFPTLSQVREFREKVKIYSTNIESEGRPNLNLTAEEIAEMANELDILIGPAHAFTPWTSLYKEYDSLKDAYGD
AKIDFLELGLSADSDMADMIKAHHSIPYLSNSDAHSPNPHRLGREFNRFEVKDVTFEEIRKAIKGVGGRKIMLNAGLDPR
LGKYHLTACSRCYTKYTLQDAVSLSWKCPKCGGIIKKGVRDRILELADTSEKPKDRPPYVRLAPLAEIIAMVLGKGIESK
AVKLLWNRFLREFGSEIRVLIDLPIESIASVHEGVAKAIWAYRNNKLIIVPGGGGKYGEIRIPEEILKAKIEDLNSIEIS
;
_entity_poly.pdbx_strand_id   A,B,C,D,E
#
# COMPACT_ATOMS: atom_id res chain seq x y z
N MET A 1 -34.58 -2.53 -8.66
CA MET A 1 -35.55 -3.36 -7.95
C MET A 1 -35.33 -3.29 -6.44
N VAL A 2 -36.39 -2.99 -5.71
CA VAL A 2 -36.35 -2.85 -4.25
C VAL A 2 -37.07 -4.03 -3.63
N VAL A 3 -36.38 -4.72 -2.72
CA VAL A 3 -36.95 -5.88 -2.01
C VAL A 3 -36.67 -5.74 -0.52
N ASP A 4 -37.64 -6.16 0.29
CA ASP A 4 -37.53 -6.16 1.74
C ASP A 4 -37.36 -7.59 2.22
N GLY A 5 -36.33 -7.81 3.02
CA GLY A 5 -35.91 -9.16 3.35
C GLY A 5 -35.63 -9.34 4.84
N ASP A 6 -36.03 -10.51 5.35
CA ASP A 6 -35.86 -10.89 6.75
C ASP A 6 -35.16 -12.24 6.76
N LEU A 7 -33.89 -12.26 7.14
CA LEU A 7 -33.02 -13.41 6.89
C LEU A 7 -32.74 -14.27 8.12
N HIS A 8 -33.47 -14.07 9.22
CA HIS A 8 -33.28 -14.87 10.42
C HIS A 8 -34.64 -15.16 11.03
N ILE A 9 -35.13 -16.39 10.86
CA ILE A 9 -36.33 -16.89 11.49
C ILE A 9 -36.06 -18.31 11.98
N HIS A 10 -37.07 -18.95 12.55
CA HIS A 10 -36.96 -20.31 13.02
C HIS A 10 -38.21 -21.10 12.64
N SER A 11 -38.01 -22.40 12.41
CA SER A 11 -39.09 -23.28 12.01
C SER A 11 -39.72 -23.95 13.23
N HIS A 12 -40.79 -24.70 12.99
CA HIS A 12 -41.44 -25.43 14.07
C HIS A 12 -40.57 -26.53 14.64
N TYR A 13 -39.41 -26.80 14.05
CA TYR A 13 -38.46 -27.76 14.59
C TYR A 13 -37.56 -27.17 15.67
N SER A 14 -37.62 -25.86 15.89
CA SER A 14 -36.80 -25.22 16.91
C SER A 14 -37.52 -25.21 18.26
N LYS A 15 -36.74 -25.16 19.33
CA LYS A 15 -37.29 -25.10 20.67
C LYS A 15 -38.01 -23.78 20.90
N ALA A 16 -39.15 -23.85 21.60
CA ALA A 16 -39.91 -22.67 21.99
C ALA A 16 -40.33 -21.82 20.79
N VAL A 17 -40.66 -22.49 19.69
CA VAL A 17 -41.09 -21.83 18.45
C VAL A 17 -42.46 -22.37 18.07
N SER A 18 -43.33 -21.47 17.60
CA SER A 18 -44.70 -21.84 17.28
C SER A 18 -44.76 -22.91 16.20
N LYS A 19 -45.71 -23.83 16.35
CA LYS A 19 -45.93 -24.84 15.33
C LYS A 19 -46.47 -24.25 14.03
N LEU A 20 -46.94 -23.01 14.06
CA LEU A 20 -47.40 -22.34 12.85
C LEU A 20 -46.27 -21.87 11.96
N MET A 21 -45.01 -22.12 12.34
CA MET A 21 -43.86 -21.73 11.53
C MET A 21 -43.56 -22.81 10.49
N THR A 22 -44.50 -22.96 9.56
CA THR A 22 -44.32 -23.80 8.39
C THR A 22 -44.11 -22.90 7.16
N PHE A 23 -43.61 -23.50 6.09
CA PHE A 23 -43.35 -22.72 4.88
C PHE A 23 -44.59 -22.07 4.28
N PRO A 24 -45.75 -22.75 4.17
CA PRO A 24 -46.94 -22.04 3.66
C PRO A 24 -47.37 -20.87 4.53
N ILE A 25 -47.42 -21.06 5.85
CA ILE A 25 -47.91 -20.01 6.73
C ILE A 25 -46.94 -18.83 6.79
N ILE A 26 -45.64 -19.13 6.82
CA ILE A 26 -44.64 -18.05 6.77
C ILE A 26 -44.78 -17.25 5.49
N ALA A 27 -45.08 -17.94 4.38
CA ALA A 27 -45.19 -17.25 3.09
C ALA A 27 -46.40 -16.33 3.05
N GLU A 28 -47.52 -16.76 3.64
CA GLU A 28 -48.74 -15.93 3.62
C GLU A 28 -48.57 -14.67 4.45
N ASN A 29 -48.00 -14.80 5.65
CA ASN A 29 -47.82 -13.62 6.49
C ASN A 29 -46.72 -12.71 5.96
N ALA A 30 -45.74 -13.26 5.23
CA ALA A 30 -44.75 -12.42 4.59
C ALA A 30 -45.38 -11.51 3.54
N LYS A 31 -46.39 -12.03 2.83
CA LYS A 31 -47.12 -11.21 1.87
C LYS A 31 -47.86 -10.08 2.57
N LEU A 32 -48.49 -10.37 3.72
CA LEU A 32 -49.18 -9.33 4.47
C LEU A 32 -48.19 -8.30 4.99
N LYS A 33 -47.02 -8.75 5.45
CA LYS A 33 -46.02 -7.84 6.00
C LYS A 33 -45.37 -6.99 4.91
N GLY A 34 -45.22 -7.54 3.71
CA GLY A 34 -44.49 -6.87 2.65
C GLY A 34 -43.09 -7.41 2.41
N LEU A 35 -42.76 -8.57 2.96
CA LEU A 35 -41.45 -9.17 2.75
C LEU A 35 -41.46 -9.95 1.44
N ASN A 36 -40.63 -9.52 0.50
CA ASN A 36 -40.47 -10.26 -0.75
C ASN A 36 -39.48 -11.41 -0.60
N LEU A 37 -38.64 -11.36 0.43
CA LEU A 37 -37.59 -12.34 0.63
C LEU A 37 -37.55 -12.72 2.12
N VAL A 38 -37.48 -14.02 2.39
CA VAL A 38 -37.39 -14.54 3.75
C VAL A 38 -36.32 -15.61 3.77
N GLY A 39 -35.50 -15.59 4.82
CA GLY A 39 -34.59 -16.71 5.05
C GLY A 39 -35.35 -17.94 5.50
N THR A 40 -34.89 -19.11 5.03
CA THR A 40 -35.56 -20.35 5.42
C THR A 40 -35.47 -20.59 6.91
N GLY A 41 -34.31 -20.29 7.51
CA GLY A 41 -34.04 -20.69 8.87
C GLY A 41 -33.85 -22.19 8.97
N ASP A 42 -33.14 -22.64 10.01
CA ASP A 42 -33.05 -24.07 10.37
C ASP A 42 -32.66 -24.95 9.18
N SER A 43 -31.86 -24.42 8.25
CA SER A 43 -31.57 -25.16 7.03
C SER A 43 -30.68 -26.38 7.28
N LEU A 44 -29.97 -26.42 8.39
CA LEU A 44 -29.16 -27.58 8.72
C LEU A 44 -29.99 -28.78 9.19
N ASN A 45 -31.28 -28.57 9.48
CA ASN A 45 -32.14 -29.67 9.89
C ASN A 45 -32.65 -30.40 8.65
N PRO A 46 -32.46 -31.72 8.54
CA PRO A 46 -32.82 -32.41 7.28
C PRO A 46 -34.31 -32.47 7.02
N HIS A 47 -35.13 -32.53 8.07
CA HIS A 47 -36.59 -32.57 7.86
C HIS A 47 -37.10 -31.22 7.37
N TRP A 48 -36.50 -30.12 7.82
CA TRP A 48 -36.90 -28.80 7.34
C TRP A 48 -36.45 -28.58 5.90
N GLU A 49 -35.36 -29.22 5.48
CA GLU A 49 -34.97 -29.18 4.07
C GLU A 49 -35.95 -29.97 3.22
N LYS A 50 -36.49 -31.08 3.76
CA LYS A 50 -37.51 -31.84 3.05
C LYS A 50 -38.74 -30.98 2.77
N GLU A 51 -39.24 -30.28 3.80
CA GLU A 51 -40.45 -29.48 3.64
C GLU A 51 -40.23 -28.32 2.67
N LEU A 52 -39.00 -27.81 2.56
CA LEU A 52 -38.72 -26.76 1.60
C LEU A 52 -38.88 -27.26 0.16
N LEU A 53 -38.20 -28.36 -0.17
CA LEU A 53 -38.28 -28.91 -1.53
C LEU A 53 -39.69 -29.37 -1.86
N LYS A 54 -40.45 -29.77 -0.85
CA LYS A 54 -41.84 -30.20 -1.10
C LYS A 54 -42.74 -29.02 -1.39
N HIS A 55 -42.53 -27.89 -0.71
CA HIS A 55 -43.42 -26.74 -0.82
C HIS A 55 -42.94 -25.67 -1.79
N SER A 56 -41.70 -25.73 -2.26
CA SER A 56 -41.13 -24.68 -3.07
C SER A 56 -40.90 -25.14 -4.51
N LYS A 57 -40.73 -24.17 -5.40
CA LYS A 57 -40.30 -24.32 -6.77
C LYS A 57 -38.93 -23.67 -6.95
N PRO A 58 -38.04 -24.26 -7.74
CA PRO A 58 -36.66 -23.73 -7.84
C PRO A 58 -36.61 -22.45 -8.67
N ILE A 59 -35.89 -21.46 -8.15
CA ILE A 59 -35.57 -20.25 -8.89
C ILE A 59 -34.17 -20.42 -9.48
N ASP A 60 -33.17 -20.59 -8.61
CA ASP A 60 -31.87 -21.09 -9.02
C ASP A 60 -31.37 -22.04 -7.94
N ASP A 61 -30.07 -22.34 -7.98
CA ASP A 61 -29.52 -23.32 -7.05
C ASP A 61 -29.56 -22.86 -5.60
N GLY A 62 -29.91 -21.61 -5.33
CA GLY A 62 -29.94 -21.12 -3.97
C GLY A 62 -31.18 -20.33 -3.60
N THR A 63 -32.08 -20.12 -4.56
CA THR A 63 -33.29 -19.35 -4.35
C THR A 63 -34.51 -20.22 -4.58
N PHE A 64 -35.48 -20.12 -3.67
CA PHE A 64 -36.69 -20.94 -3.71
C PHE A 64 -37.91 -20.04 -3.57
N GLU A 65 -39.03 -20.49 -4.11
CA GLU A 65 -40.26 -19.71 -4.10
C GLU A 65 -41.40 -20.53 -3.52
N VAL A 66 -42.11 -19.96 -2.55
CA VAL A 66 -43.25 -20.60 -1.92
C VAL A 66 -44.41 -19.61 -1.98
N ASN A 67 -45.39 -19.90 -2.84
CA ASN A 67 -46.59 -19.08 -2.98
C ASN A 67 -46.24 -17.62 -3.28
N GLY A 68 -45.33 -17.44 -4.24
CA GLY A 68 -44.97 -16.09 -4.65
C GLY A 68 -44.03 -15.37 -3.71
N VAL A 69 -43.36 -16.08 -2.81
CA VAL A 69 -42.42 -15.50 -1.86
C VAL A 69 -41.08 -16.20 -2.03
N LYS A 70 -40.02 -15.42 -2.17
CA LYS A 70 -38.69 -15.95 -2.39
C LYS A 70 -38.03 -16.31 -1.05
N PHE A 71 -37.33 -17.44 -1.04
CA PHE A 71 -36.57 -17.89 0.12
C PHE A 71 -35.12 -18.17 -0.27
N ILE A 72 -34.21 -17.83 0.64
CA ILE A 72 -32.82 -18.24 0.53
C ILE A 72 -32.46 -19.02 1.79
N LEU A 73 -31.36 -19.78 1.70
CA LEU A 73 -31.01 -20.75 2.72
C LEU A 73 -30.27 -20.07 3.87
N THR A 74 -30.87 -20.08 5.06
CA THR A 74 -30.27 -19.52 6.26
C THR A 74 -30.37 -20.52 7.39
N CYS A 75 -29.49 -20.36 8.38
CA CYS A 75 -29.53 -21.18 9.58
C CYS A 75 -28.75 -20.48 10.69
N GLU A 76 -29.09 -20.81 11.93
CA GLU A 76 -28.44 -20.28 13.11
C GLU A 76 -27.90 -21.42 13.95
N VAL A 77 -26.64 -21.32 14.37
CA VAL A 77 -26.00 -22.35 15.17
C VAL A 77 -25.54 -21.75 16.49
N GLU A 78 -25.35 -22.63 17.47
CA GLU A 78 -24.90 -22.26 18.81
C GLU A 78 -23.58 -22.97 19.09
N ASP A 79 -22.58 -22.22 19.55
CA ASP A 79 -21.23 -22.76 19.67
C ASP A 79 -20.94 -23.22 21.10
N LYS A 80 -19.66 -23.48 21.38
CA LYS A 80 -19.24 -23.93 22.70
C LYS A 80 -19.76 -23.02 23.80
N ARG A 81 -19.61 -21.71 23.61
CA ARG A 81 -19.93 -20.70 24.61
C ARG A 81 -21.39 -20.23 24.52
N ARG A 82 -22.25 -20.99 23.85
CA ARG A 82 -23.65 -20.65 23.65
C ARG A 82 -23.83 -19.37 22.82
N VAL A 83 -22.82 -18.97 22.06
CA VAL A 83 -22.93 -17.81 21.19
C VAL A 83 -23.60 -18.21 19.89
N HIS A 84 -24.53 -17.38 19.43
CA HIS A 84 -25.29 -17.67 18.21
C HIS A 84 -24.66 -17.01 17.00
N HIS A 85 -24.60 -17.78 15.91
CA HIS A 85 -24.03 -17.30 14.65
C HIS A 85 -25.01 -17.59 13.52
N LEU A 86 -25.16 -16.62 12.62
CA LEU A 86 -26.08 -16.73 11.48
C LEU A 86 -25.31 -17.15 10.25
N LEU A 87 -25.85 -18.12 9.52
CA LEU A 87 -25.24 -18.67 8.32
C LEU A 87 -26.20 -18.53 7.15
N ILE A 88 -25.67 -18.11 6.00
CA ILE A 88 -26.43 -17.98 4.77
C ILE A 88 -25.75 -18.82 3.70
N PHE A 89 -26.48 -19.78 3.14
CA PHE A 89 -25.86 -20.77 2.27
C PHE A 89 -26.14 -20.47 0.81
N PRO A 90 -25.11 -20.57 -0.05
CA PRO A 90 -25.32 -20.34 -1.49
C PRO A 90 -26.19 -21.40 -2.16
N THR A 91 -25.92 -22.68 -1.91
CA THR A 91 -26.67 -23.77 -2.50
C THR A 91 -26.94 -24.84 -1.46
N LEU A 92 -27.80 -25.80 -1.83
CA LEU A 92 -28.11 -26.90 -0.92
C LEU A 92 -26.92 -27.81 -0.71
N SER A 93 -26.01 -27.89 -1.68
CA SER A 93 -24.82 -28.70 -1.51
C SER A 93 -23.88 -28.11 -0.46
N GLN A 94 -23.87 -26.78 -0.33
CA GLN A 94 -23.14 -26.16 0.77
C GLN A 94 -23.81 -26.43 2.11
N VAL A 95 -25.14 -26.53 2.13
CA VAL A 95 -25.84 -26.93 3.35
C VAL A 95 -25.41 -28.32 3.77
N ARG A 96 -25.34 -29.24 2.81
CA ARG A 96 -25.02 -30.63 3.13
C ARG A 96 -23.56 -30.81 3.50
N GLU A 97 -22.65 -30.16 2.76
CA GLU A 97 -21.23 -30.25 3.09
C GLU A 97 -20.96 -29.70 4.48
N PHE A 98 -21.61 -28.59 4.84
CA PHE A 98 -21.46 -28.07 6.19
C PHE A 98 -22.11 -29.00 7.21
N ARG A 99 -23.23 -29.64 6.84
CA ARG A 99 -23.91 -30.53 7.76
C ARG A 99 -23.05 -31.73 8.12
N GLU A 100 -22.38 -32.32 7.13
CA GLU A 100 -21.48 -33.43 7.40
C GLU A 100 -20.19 -32.99 8.08
N LYS A 101 -19.79 -31.72 7.90
CA LYS A 101 -18.55 -31.24 8.49
C LYS A 101 -18.68 -31.07 10.01
N VAL A 102 -19.86 -30.64 10.47
CA VAL A 102 -20.08 -30.37 11.88
C VAL A 102 -20.85 -31.47 12.60
N LYS A 103 -21.22 -32.54 11.88
CA LYS A 103 -22.13 -33.52 12.47
C LYS A 103 -21.50 -34.27 13.64
N ILE A 104 -20.19 -34.51 13.60
CA ILE A 104 -19.53 -35.22 14.69
C ILE A 104 -19.35 -34.34 15.92
N TYR A 105 -19.60 -33.04 15.81
CA TYR A 105 -19.54 -32.13 16.94
C TYR A 105 -20.93 -31.74 17.46
N SER A 106 -21.96 -32.48 17.07
CA SER A 106 -23.33 -32.16 17.46
C SER A 106 -24.12 -33.44 17.67
N THR A 107 -25.12 -33.36 18.55
CA THR A 107 -26.04 -34.47 18.81
C THR A 107 -27.49 -34.11 18.53
N ASN A 108 -27.77 -32.91 18.02
CA ASN A 108 -29.14 -32.45 17.83
C ASN A 108 -29.34 -31.83 16.45
N ILE A 109 -28.55 -32.26 15.47
CA ILE A 109 -28.70 -31.71 14.12
C ILE A 109 -30.02 -32.13 13.50
N GLU A 110 -30.41 -33.40 13.70
CA GLU A 110 -31.66 -33.91 13.13
C GLU A 110 -32.86 -33.77 14.06
N SER A 111 -32.63 -33.46 15.34
CA SER A 111 -33.72 -33.40 16.31
C SER A 111 -34.10 -31.98 16.71
N GLU A 112 -33.29 -30.97 16.37
CA GLU A 112 -33.54 -29.60 16.77
C GLU A 112 -33.43 -28.67 15.57
N GLY A 113 -34.06 -27.50 15.70
CA GLY A 113 -33.97 -26.51 14.63
C GLY A 113 -32.71 -25.68 14.67
N ARG A 114 -32.18 -25.44 15.87
CA ARG A 114 -30.93 -24.70 16.04
C ARG A 114 -29.87 -25.64 16.61
N PRO A 115 -28.98 -26.18 15.78
CA PRO A 115 -28.05 -27.21 16.27
C PRO A 115 -27.03 -26.63 17.23
N ASN A 116 -26.67 -27.42 18.24
CA ASN A 116 -25.62 -27.07 19.18
C ASN A 116 -24.32 -27.72 18.70
N LEU A 117 -23.31 -26.90 18.45
CA LEU A 117 -22.02 -27.36 17.91
C LEU A 117 -20.95 -27.23 18.98
N ASN A 118 -20.26 -28.32 19.27
CA ASN A 118 -19.13 -28.32 20.21
C ASN A 118 -17.88 -27.76 19.52
N LEU A 119 -17.99 -26.50 19.11
CA LEU A 119 -16.94 -25.83 18.36
C LEU A 119 -16.83 -24.38 18.84
N THR A 120 -15.63 -23.82 18.72
CA THR A 120 -15.44 -22.41 19.02
C THR A 120 -15.96 -21.56 17.87
N ALA A 121 -16.05 -20.24 18.11
CA ALA A 121 -16.53 -19.34 17.08
C ALA A 121 -15.58 -19.31 15.89
N GLU A 122 -14.28 -19.39 16.14
CA GLU A 122 -13.32 -19.39 15.02
C GLU A 122 -13.43 -20.66 14.19
N GLU A 123 -13.64 -21.80 14.85
CA GLU A 123 -13.75 -23.06 14.10
C GLU A 123 -14.99 -23.08 13.22
N ILE A 124 -16.10 -22.52 13.71
CA ILE A 124 -17.30 -22.45 12.89
C ILE A 124 -17.11 -21.49 11.74
N ALA A 125 -16.48 -20.34 11.99
CA ALA A 125 -16.29 -19.35 10.94
C ALA A 125 -15.30 -19.83 9.88
N GLU A 126 -14.27 -20.56 10.28
CA GLU A 126 -13.30 -21.05 9.30
C GLU A 126 -13.89 -22.15 8.44
N MET A 127 -14.79 -22.97 9.00
CA MET A 127 -15.51 -23.94 8.19
C MET A 127 -16.43 -23.23 7.20
N ALA A 128 -17.07 -22.14 7.64
CA ALA A 128 -17.93 -21.38 6.75
C ALA A 128 -17.15 -20.67 5.66
N ASN A 129 -16.02 -20.06 6.02
CA ASN A 129 -15.15 -19.45 5.02
C ASN A 129 -14.70 -20.48 3.99
N GLU A 130 -14.43 -21.71 4.45
CA GLU A 130 -13.91 -22.74 3.56
C GLU A 130 -14.94 -23.12 2.50
N LEU A 131 -16.22 -23.09 2.84
CA LEU A 131 -17.28 -23.51 1.94
C LEU A 131 -18.04 -22.34 1.33
N ASP A 132 -17.52 -21.12 1.43
CA ASP A 132 -18.15 -19.92 0.88
C ASP A 132 -19.54 -19.69 1.47
N ILE A 133 -19.70 -20.00 2.75
CA ILE A 133 -20.95 -19.78 3.47
C ILE A 133 -20.82 -18.48 4.26
N LEU A 134 -21.74 -17.55 4.01
CA LEU A 134 -21.72 -16.27 4.71
C LEU A 134 -22.01 -16.49 6.19
N ILE A 135 -21.18 -15.90 7.06
CA ILE A 135 -21.32 -16.06 8.50
C ILE A 135 -21.18 -14.70 9.18
N GLY A 136 -21.89 -14.56 10.29
CA GLY A 136 -21.77 -13.40 11.15
C GLY A 136 -22.43 -13.66 12.48
N PRO A 137 -22.10 -12.88 13.50
CA PRO A 137 -22.73 -13.08 14.81
C PRO A 137 -24.19 -12.66 14.77
N ALA A 138 -25.05 -13.51 15.32
CA ALA A 138 -26.47 -13.18 15.41
C ALA A 138 -26.72 -12.31 16.64
N HIS A 139 -27.68 -11.38 16.48
CA HIS A 139 -28.09 -10.42 17.51
C HIS A 139 -26.95 -10.08 18.47
N ALA A 140 -25.91 -9.43 17.95
CA ALA A 140 -24.62 -9.38 18.63
C ALA A 140 -24.68 -8.71 19.99
N PHE A 141 -25.66 -7.85 20.24
CA PHE A 141 -25.71 -7.07 21.46
C PHE A 141 -26.82 -7.51 22.42
N THR A 142 -27.50 -8.61 22.10
CA THR A 142 -28.52 -9.14 23.00
C THR A 142 -27.85 -9.68 24.27
N PRO A 143 -28.50 -9.51 25.45
CA PRO A 143 -27.84 -9.90 26.71
C PRO A 143 -27.71 -11.41 26.93
N TRP A 144 -28.01 -12.23 25.92
CA TRP A 144 -27.91 -13.67 26.07
C TRP A 144 -27.61 -14.31 24.74
N THR A 145 -26.81 -15.38 24.78
CA THR A 145 -26.46 -16.18 23.60
C THR A 145 -25.91 -15.31 22.48
N SER A 146 -25.10 -14.32 22.85
CA SER A 146 -24.62 -13.33 21.90
C SER A 146 -23.12 -13.10 22.06
N LEU A 147 -22.53 -12.61 20.96
CA LEU A 147 -21.10 -12.36 20.90
C LEU A 147 -20.62 -11.54 22.10
N TYR A 148 -21.11 -10.32 22.22
CA TYR A 148 -20.56 -9.36 23.17
C TYR A 148 -20.95 -9.64 24.61
N LYS A 149 -21.75 -10.67 24.88
CA LYS A 149 -21.92 -11.15 26.24
C LYS A 149 -20.72 -11.98 26.69
N GLU A 150 -20.11 -12.73 25.76
CA GLU A 150 -19.00 -13.61 26.09
C GLU A 150 -17.65 -13.10 25.62
N TYR A 151 -17.61 -12.08 24.75
CA TYR A 151 -16.36 -11.57 24.23
C TYR A 151 -16.36 -10.05 24.29
N ASP A 152 -15.17 -9.47 24.30
CA ASP A 152 -14.99 -8.02 24.29
C ASP A 152 -14.68 -7.48 22.90
N SER A 153 -14.56 -8.34 21.89
CA SER A 153 -14.27 -7.90 20.53
C SER A 153 -14.52 -9.07 19.58
N LEU A 154 -14.74 -8.73 18.30
CA LEU A 154 -14.91 -9.75 17.27
C LEU A 154 -13.63 -10.58 17.11
N LYS A 155 -12.48 -9.93 17.24
CA LYS A 155 -11.20 -10.62 17.02
C LYS A 155 -10.98 -11.71 18.06
N ASP A 156 -11.31 -11.43 19.33
CA ASP A 156 -11.18 -12.45 20.36
C ASP A 156 -12.05 -13.66 20.08
N ALA A 157 -13.17 -13.47 19.39
CA ALA A 157 -14.10 -14.56 19.12
C ALA A 157 -13.74 -15.34 17.86
N TYR A 158 -13.49 -14.64 16.75
CA TYR A 158 -13.28 -15.28 15.46
C TYR A 158 -11.80 -15.44 15.09
N GLY A 159 -10.89 -14.74 15.77
CA GLY A 159 -9.47 -14.93 15.53
C GLY A 159 -9.08 -14.57 14.12
N ASP A 160 -8.49 -15.53 13.40
CA ASP A 160 -8.04 -15.31 12.04
C ASP A 160 -9.11 -15.56 11.00
N ALA A 161 -10.29 -16.04 11.41
CA ALA A 161 -11.37 -16.27 10.47
C ALA A 161 -12.11 -14.98 10.16
N LYS A 162 -12.76 -14.94 9.01
CA LYS A 162 -13.47 -13.76 8.54
C LYS A 162 -14.97 -13.92 8.74
N ILE A 163 -15.63 -12.78 8.95
CA ILE A 163 -17.09 -12.72 8.98
C ILE A 163 -17.56 -11.79 7.86
N ASP A 164 -18.78 -12.03 7.40
CA ASP A 164 -19.32 -11.30 6.26
C ASP A 164 -20.36 -10.25 6.65
N PHE A 165 -20.85 -10.28 7.88
CA PHE A 165 -21.84 -9.32 8.33
C PHE A 165 -21.93 -9.39 9.85
N LEU A 166 -22.70 -8.48 10.42
CA LEU A 166 -23.08 -8.49 11.83
C LEU A 166 -24.57 -8.22 11.93
N GLU A 167 -25.26 -9.02 12.74
CA GLU A 167 -26.69 -8.85 12.97
C GLU A 167 -26.88 -8.02 14.24
N LEU A 168 -27.61 -6.91 14.12
CA LEU A 168 -27.74 -5.97 15.22
C LEU A 168 -28.53 -6.58 16.37
N GLY A 169 -29.67 -7.18 16.07
CA GLY A 169 -30.53 -7.73 17.09
C GLY A 169 -31.56 -6.72 17.58
N LEU A 170 -32.49 -7.21 18.39
CA LEU A 170 -33.62 -6.40 18.85
C LEU A 170 -33.22 -5.33 19.84
N SER A 171 -32.02 -5.37 20.39
CA SER A 171 -31.61 -4.45 21.45
C SER A 171 -30.63 -3.37 20.97
N ALA A 172 -30.39 -3.28 19.66
CA ALA A 172 -29.38 -2.35 19.17
C ALA A 172 -29.75 -1.87 17.77
N ASP A 173 -29.36 -0.63 17.47
CA ASP A 173 -29.46 -0.08 16.12
C ASP A 173 -28.06 0.20 15.59
N SER A 174 -27.99 0.82 14.41
CA SER A 174 -26.71 0.96 13.72
C SER A 174 -25.79 1.95 14.43
N ASP A 175 -26.35 3.05 14.95
CA ASP A 175 -25.52 4.06 15.61
C ASP A 175 -24.87 3.51 16.87
N MET A 176 -25.60 2.66 17.61
CA MET A 176 -25.02 1.99 18.77
C MET A 176 -23.85 1.11 18.35
N ALA A 177 -24.05 0.29 17.32
CA ALA A 177 -23.00 -0.64 16.89
C ALA A 177 -21.80 0.07 16.29
N ASP A 178 -22.00 1.26 15.72
CA ASP A 178 -20.93 2.00 15.10
C ASP A 178 -20.05 2.75 16.09
N MET A 179 -20.28 2.57 17.40
CA MET A 179 -19.37 3.13 18.39
C MET A 179 -18.14 2.25 18.63
N ILE A 180 -18.10 1.07 18.02
CA ILE A 180 -16.93 0.20 18.05
C ILE A 180 -16.32 0.23 16.65
N LYS A 181 -15.05 0.65 16.56
CA LYS A 181 -14.46 0.93 15.26
C LYS A 181 -14.28 -0.33 14.43
N ALA A 182 -14.07 -1.48 15.07
CA ALA A 182 -13.92 -2.72 14.31
C ALA A 182 -15.14 -3.06 13.49
N HIS A 183 -16.30 -2.48 13.81
CA HIS A 183 -17.53 -2.72 13.07
C HIS A 183 -17.65 -1.87 11.82
N HIS A 184 -16.81 -0.85 11.65
CA HIS A 184 -16.99 0.10 10.56
C HIS A 184 -16.76 -0.52 9.18
N SER A 185 -16.10 -1.67 9.11
CA SER A 185 -15.86 -2.34 7.84
C SER A 185 -16.77 -3.55 7.63
N ILE A 186 -17.83 -3.67 8.41
CA ILE A 186 -18.69 -4.85 8.42
C ILE A 186 -20.13 -4.40 8.18
N PRO A 187 -20.80 -4.93 7.16
CA PRO A 187 -22.19 -4.54 6.91
C PRO A 187 -23.13 -5.10 7.96
N TYR A 188 -24.24 -4.38 8.18
CA TYR A 188 -25.20 -4.70 9.22
C TYR A 188 -26.43 -5.38 8.63
N LEU A 189 -26.90 -6.42 9.32
CA LEU A 189 -28.20 -7.02 9.06
C LEU A 189 -29.12 -6.74 10.24
N SER A 190 -30.39 -6.50 9.95
CA SER A 190 -31.42 -6.38 10.96
C SER A 190 -32.51 -7.39 10.63
N ASN A 191 -32.60 -8.45 11.42
CA ASN A 191 -33.56 -9.52 11.18
C ASN A 191 -34.40 -9.73 12.43
N SER A 192 -35.57 -10.35 12.23
CA SER A 192 -36.58 -10.41 13.28
C SER A 192 -36.29 -11.49 14.31
N ASP A 193 -35.62 -12.58 13.92
CA ASP A 193 -35.48 -13.78 14.76
C ASP A 193 -36.88 -14.29 15.16
N ALA A 194 -37.75 -14.40 14.16
CA ALA A 194 -39.16 -14.66 14.41
C ALA A 194 -39.38 -16.07 14.95
N HIS A 195 -40.13 -16.18 16.03
CA HIS A 195 -40.56 -17.46 16.58
C HIS A 195 -42.02 -17.77 16.30
N SER A 196 -42.72 -16.88 15.61
CA SER A 196 -44.10 -17.07 15.19
C SER A 196 -44.32 -16.25 13.93
N PRO A 197 -45.19 -16.69 13.02
CA PRO A 197 -45.29 -16.04 11.71
C PRO A 197 -46.09 -14.74 11.71
N ASN A 198 -46.64 -14.32 12.85
CA ASN A 198 -47.54 -13.18 12.86
C ASN A 198 -46.80 -11.91 12.43
N PRO A 199 -47.46 -11.00 11.71
CA PRO A 199 -46.77 -9.81 11.18
C PRO A 199 -46.18 -8.89 12.23
N HIS A 200 -46.54 -9.01 13.51
CA HIS A 200 -45.83 -8.24 14.54
C HIS A 200 -44.67 -9.01 15.14
N ARG A 201 -44.34 -10.18 14.57
CA ARG A 201 -43.11 -10.90 14.90
C ARG A 201 -42.28 -11.13 13.64
N LEU A 202 -42.85 -11.76 12.61
CA LEU A 202 -42.16 -11.87 11.33
C LEU A 202 -41.95 -10.49 10.74
N GLY A 203 -40.71 -10.19 10.37
CA GLY A 203 -40.41 -8.88 9.84
C GLY A 203 -40.38 -7.77 10.87
N ARG A 204 -40.33 -8.12 12.16
CA ARG A 204 -40.19 -7.10 13.20
C ARG A 204 -38.94 -6.25 12.97
N GLU A 205 -37.89 -6.86 12.44
CA GLU A 205 -36.77 -6.14 11.84
C GLU A 205 -36.53 -6.74 10.46
N PHE A 206 -36.10 -5.90 9.52
CA PHE A 206 -35.85 -6.39 8.16
C PHE A 206 -34.85 -5.47 7.47
N ASN A 207 -34.40 -5.90 6.30
CA ASN A 207 -33.47 -5.15 5.47
C ASN A 207 -34.12 -4.83 4.14
N ARG A 208 -33.85 -3.64 3.62
CA ARG A 208 -34.27 -3.26 2.29
C ARG A 208 -33.06 -3.36 1.36
N PHE A 209 -33.16 -4.21 0.34
CA PHE A 209 -32.09 -4.45 -0.60
C PHE A 209 -32.40 -3.81 -1.94
N GLU A 210 -31.39 -3.23 -2.58
CA GLU A 210 -31.46 -2.84 -3.98
C GLU A 210 -30.69 -3.88 -4.80
N VAL A 211 -31.40 -4.60 -5.64
CA VAL A 211 -30.85 -5.70 -6.41
C VAL A 211 -31.41 -5.65 -7.83
N LYS A 212 -30.82 -6.45 -8.72
CA LYS A 212 -31.40 -6.62 -10.05
C LYS A 212 -32.49 -7.67 -10.04
N ASP A 213 -32.30 -8.75 -9.27
CA ASP A 213 -33.29 -9.80 -9.11
C ASP A 213 -33.22 -10.32 -7.67
N VAL A 214 -34.18 -11.16 -7.30
CA VAL A 214 -34.21 -11.71 -5.94
C VAL A 214 -33.58 -13.10 -6.04
N THR A 215 -32.25 -13.13 -6.02
CA THR A 215 -31.48 -14.37 -5.93
C THR A 215 -30.52 -14.25 -4.75
N PHE A 216 -30.01 -15.40 -4.31
CA PHE A 216 -29.00 -15.38 -3.27
C PHE A 216 -27.81 -14.55 -3.69
N GLU A 217 -27.34 -14.75 -4.92
CA GLU A 217 -26.15 -14.06 -5.39
C GLU A 217 -26.33 -12.55 -5.40
N GLU A 218 -27.53 -12.09 -5.78
CA GLU A 218 -27.82 -10.66 -5.72
C GLU A 218 -27.82 -10.15 -4.28
N ILE A 219 -28.34 -10.95 -3.35
CA ILE A 219 -28.32 -10.56 -1.94
C ILE A 219 -26.88 -10.53 -1.42
N ARG A 220 -26.06 -11.50 -1.84
CA ARG A 220 -24.65 -11.48 -1.45
C ARG A 220 -23.96 -10.20 -1.94
N LYS A 221 -24.30 -9.76 -3.15
CA LYS A 221 -23.75 -8.50 -3.65
C LYS A 221 -24.25 -7.32 -2.85
N ALA A 222 -25.53 -7.33 -2.48
CA ALA A 222 -26.09 -6.22 -1.70
C ALA A 222 -25.44 -6.14 -0.33
N ILE A 223 -25.24 -7.29 0.32
CA ILE A 223 -24.62 -7.29 1.64
C ILE A 223 -23.21 -6.73 1.58
N LYS A 224 -22.47 -7.06 0.52
CA LYS A 224 -21.10 -6.60 0.37
C LYS A 224 -21.00 -5.26 -0.36
N GLY A 225 -22.12 -4.69 -0.78
CA GLY A 225 -22.15 -3.36 -1.39
C GLY A 225 -21.33 -3.24 -2.66
N VAL A 226 -21.48 -4.18 -3.57
CA VAL A 226 -20.68 -4.21 -4.80
C VAL A 226 -21.61 -4.23 -6.00
N GLY A 227 -21.11 -3.68 -7.11
CA GLY A 227 -21.81 -3.76 -8.38
C GLY A 227 -23.13 -3.03 -8.42
N GLY A 228 -23.28 -1.96 -7.65
CA GLY A 228 -24.54 -1.23 -7.59
C GLY A 228 -25.56 -1.79 -6.62
N ARG A 229 -25.39 -3.03 -6.17
CA ARG A 229 -26.26 -3.61 -5.17
C ARG A 229 -25.83 -3.13 -3.78
N LYS A 230 -26.80 -3.01 -2.89
CA LYS A 230 -26.52 -2.52 -1.55
C LYS A 230 -27.75 -2.70 -0.68
N ILE A 231 -27.54 -2.59 0.63
CA ILE A 231 -28.64 -2.45 1.59
C ILE A 231 -29.01 -0.98 1.64
N MET A 232 -30.24 -0.66 1.23
CA MET A 232 -30.68 0.73 1.22
C MET A 232 -30.95 1.26 2.62
N LEU A 233 -31.49 0.41 3.50
CA LEU A 233 -31.79 0.82 4.86
C LEU A 233 -31.98 -0.41 5.73
N ASN A 234 -31.69 -0.25 7.01
CA ASN A 234 -32.05 -1.25 8.02
C ASN A 234 -33.25 -0.74 8.81
N ALA A 235 -34.17 -1.64 9.13
CA ALA A 235 -35.38 -1.29 9.86
C ALA A 235 -35.55 -2.24 11.02
N GLY A 236 -35.94 -1.70 12.17
CA GLY A 236 -36.13 -2.53 13.34
C GLY A 236 -36.69 -1.74 14.50
N LEU A 237 -36.77 -2.41 15.64
CA LEU A 237 -37.31 -1.78 16.85
C LEU A 237 -36.42 -0.66 17.34
N ASP A 238 -37.04 0.30 18.02
CA ASP A 238 -36.29 1.32 18.72
C ASP A 238 -35.58 0.69 19.91
N PRO A 239 -34.24 0.63 19.93
CA PRO A 239 -33.55 -0.06 21.03
C PRO A 239 -33.67 0.64 22.36
N ARG A 240 -34.08 1.91 22.39
CA ARG A 240 -34.25 2.59 23.67
C ARG A 240 -35.45 2.08 24.44
N LEU A 241 -36.40 1.41 23.78
CA LEU A 241 -37.53 0.80 24.44
C LEU A 241 -37.24 -0.62 24.92
N GLY A 242 -36.05 -1.14 24.67
CA GLY A 242 -35.75 -2.53 24.99
C GLY A 242 -35.76 -2.79 26.49
N LYS A 243 -35.99 -4.05 26.85
CA LYS A 243 -36.08 -4.45 28.25
C LYS A 243 -34.82 -4.10 29.03
N TYR A 244 -33.67 -4.14 28.38
CA TYR A 244 -32.39 -3.97 29.07
C TYR A 244 -31.53 -2.94 28.37
N HIS A 245 -32.14 -1.83 27.93
CA HIS A 245 -31.36 -0.78 27.29
C HIS A 245 -30.48 -0.06 28.29
N LEU A 246 -31.06 0.48 29.34
CA LEU A 246 -30.33 1.18 30.38
C LEU A 246 -30.08 0.26 31.57
N THR A 247 -28.95 0.49 32.23
CA THR A 247 -28.67 -0.20 33.49
C THR A 247 -29.69 0.23 34.53
N ALA A 248 -30.40 -0.75 35.10
CA ALA A 248 -31.51 -0.43 35.99
C ALA A 248 -31.72 -1.56 36.98
N CYS A 249 -32.30 -1.21 38.13
CA CYS A 249 -32.69 -2.22 39.11
C CYS A 249 -33.78 -3.11 38.54
N SER A 250 -33.65 -4.41 38.78
CA SER A 250 -34.60 -5.37 38.24
C SER A 250 -35.89 -5.46 39.05
N ARG A 251 -36.02 -4.68 40.12
CA ARG A 251 -37.21 -4.68 40.96
C ARG A 251 -37.98 -3.38 40.89
N CYS A 252 -37.32 -2.23 41.07
CA CYS A 252 -38.00 -0.95 41.01
C CYS A 252 -37.71 -0.18 39.72
N TYR A 253 -36.81 -0.67 38.88
CA TYR A 253 -36.54 -0.15 37.54
C TYR A 253 -35.97 1.26 37.55
N THR A 254 -35.45 1.71 38.69
CA THR A 254 -34.72 2.97 38.73
C THR A 254 -33.44 2.84 37.90
N LYS A 255 -33.18 3.84 37.05
CA LYS A 255 -32.02 3.80 36.19
C LYS A 255 -30.78 4.29 36.92
N TYR A 256 -29.66 3.64 36.67
CA TYR A 256 -28.37 4.02 37.24
C TYR A 256 -27.32 4.06 36.14
N THR A 257 -26.36 4.97 36.29
CA THR A 257 -25.20 4.94 35.42
C THR A 257 -24.37 3.68 35.70
N LEU A 258 -23.49 3.35 34.76
CA LEU A 258 -22.70 2.13 34.90
C LEU A 258 -21.77 2.21 36.10
N GLN A 259 -21.04 3.32 36.24
CA GLN A 259 -20.07 3.40 37.33
C GLN A 259 -20.75 3.48 38.69
N ASP A 260 -21.96 4.02 38.76
CA ASP A 260 -22.71 4.00 40.01
C ASP A 260 -23.11 2.58 40.39
N ALA A 261 -23.52 1.78 39.41
CA ALA A 261 -23.94 0.40 39.69
C ALA A 261 -22.77 -0.44 40.18
N VAL A 262 -21.60 -0.27 39.58
CA VAL A 262 -20.43 -1.06 39.99
C VAL A 262 -19.97 -0.66 41.38
N SER A 263 -19.97 0.65 41.68
CA SER A 263 -19.60 1.09 43.02
C SER A 263 -20.64 0.68 44.05
N LEU A 264 -21.92 0.62 43.66
CA LEU A 264 -22.98 0.12 44.52
C LEU A 264 -22.95 -1.40 44.68
N SER A 265 -21.98 -2.08 44.06
CA SER A 265 -21.89 -3.54 44.09
C SER A 265 -23.14 -4.20 43.52
N TRP A 266 -23.75 -3.54 42.53
CA TRP A 266 -24.94 -4.04 41.83
C TRP A 266 -26.16 -4.16 42.73
N LYS A 267 -26.16 -3.50 43.88
CA LYS A 267 -27.31 -3.47 44.78
C LYS A 267 -27.98 -2.11 44.69
N CYS A 268 -29.28 -2.12 44.45
CA CYS A 268 -30.04 -0.88 44.37
C CYS A 268 -30.22 -0.30 45.77
N PRO A 269 -29.84 0.96 46.01
CA PRO A 269 -30.05 1.56 47.33
C PRO A 269 -31.47 1.99 47.62
N LYS A 270 -32.35 1.97 46.61
CA LYS A 270 -33.73 2.40 46.80
C LYS A 270 -34.59 1.29 47.38
N CYS A 271 -34.47 0.08 46.84
CA CYS A 271 -35.28 -1.04 47.29
C CYS A 271 -34.48 -2.28 47.64
N GLY A 272 -33.15 -2.25 47.49
CA GLY A 272 -32.35 -3.41 47.77
C GLY A 272 -32.30 -4.44 46.67
N GLY A 273 -32.82 -4.13 45.49
CA GLY A 273 -32.86 -5.08 44.39
C GLY A 273 -31.55 -5.19 43.65
N ILE A 274 -31.52 -6.17 42.73
CA ILE A 274 -30.32 -6.45 41.94
C ILE A 274 -30.35 -5.56 40.69
N ILE A 275 -29.32 -4.76 40.50
CA ILE A 275 -29.20 -3.91 39.32
C ILE A 275 -28.70 -4.75 38.16
N LYS A 276 -29.35 -4.61 37.00
CA LYS A 276 -28.98 -5.33 35.80
C LYS A 276 -28.24 -4.39 34.84
N LYS A 277 -27.11 -4.87 34.32
CA LYS A 277 -26.32 -4.09 33.38
C LYS A 277 -27.09 -3.91 32.07
N GLY A 278 -27.12 -2.67 31.56
CA GLY A 278 -27.86 -2.37 30.37
C GLY A 278 -27.04 -2.54 29.10
N VAL A 279 -27.75 -2.70 27.98
CA VAL A 279 -27.09 -2.93 26.70
C VAL A 279 -26.33 -1.68 26.26
N ARG A 280 -26.93 -0.50 26.47
CA ARG A 280 -26.27 0.74 26.07
C ARG A 280 -24.95 0.93 26.82
N ASP A 281 -24.93 0.59 28.11
CA ASP A 281 -23.70 0.73 28.89
C ASP A 281 -22.68 -0.34 28.53
N ARG A 282 -23.13 -1.51 28.06
CA ARG A 282 -22.20 -2.51 27.57
C ARG A 282 -21.44 -1.99 26.35
N ILE A 283 -22.13 -1.29 25.46
CA ILE A 283 -21.48 -0.74 24.27
C ILE A 283 -20.59 0.44 24.65
N LEU A 284 -21.01 1.24 25.64
CA LEU A 284 -20.18 2.34 26.12
C LEU A 284 -18.87 1.84 26.71
N GLU A 285 -18.90 0.67 27.36
CA GLU A 285 -17.66 0.04 27.80
C GLU A 285 -16.67 -0.14 26.66
N LEU A 286 -17.17 -0.57 25.49
CA LEU A 286 -16.32 -0.93 24.36
C LEU A 286 -16.12 0.21 23.38
N ALA A 287 -16.89 1.30 23.49
CA ALA A 287 -16.84 2.38 22.52
C ALA A 287 -15.44 2.96 22.41
N ASP A 288 -14.95 3.08 21.18
CA ASP A 288 -13.61 3.59 20.93
C ASP A 288 -13.59 4.58 19.76
N THR A 289 -14.75 5.07 19.33
CA THR A 289 -14.78 6.03 18.24
C THR A 289 -16.06 6.86 18.33
N SER A 290 -15.99 8.05 17.74
CA SER A 290 -17.14 8.95 17.62
C SER A 290 -17.66 9.02 16.19
N GLU A 291 -17.01 8.36 15.24
CA GLU A 291 -17.37 8.41 13.83
C GLU A 291 -18.24 7.21 13.46
N LYS A 292 -18.83 7.30 12.27
CA LYS A 292 -19.53 6.20 11.63
C LYS A 292 -19.24 6.24 10.15
N PRO A 293 -19.29 5.09 9.47
CA PRO A 293 -18.93 5.06 8.05
C PRO A 293 -19.85 5.94 7.22
N LYS A 294 -19.28 6.56 6.19
CA LYS A 294 -20.05 7.50 5.37
C LYS A 294 -21.14 6.79 4.58
N ASP A 295 -20.95 5.52 4.24
CA ASP A 295 -21.89 4.77 3.42
C ASP A 295 -22.80 3.87 4.26
N ARG A 296 -22.78 4.01 5.58
CA ARG A 296 -23.63 3.20 6.42
C ARG A 296 -25.10 3.48 6.15
N PRO A 297 -25.90 2.48 5.81
CA PRO A 297 -27.31 2.73 5.56
C PRO A 297 -27.99 3.23 6.83
N PRO A 298 -29.02 4.05 6.68
CA PRO A 298 -29.75 4.52 7.88
C PRO A 298 -30.48 3.38 8.55
N TYR A 299 -30.72 3.57 9.85
CA TYR A 299 -31.53 2.65 10.64
C TYR A 299 -32.87 3.31 10.90
N VAL A 300 -33.95 2.69 10.42
CA VAL A 300 -35.30 3.21 10.58
C VAL A 300 -35.93 2.51 11.78
N ARG A 301 -36.37 3.30 12.74
CA ARG A 301 -37.04 2.78 13.93
C ARG A 301 -38.53 2.63 13.65
N LEU A 302 -39.03 1.42 13.82
CA LEU A 302 -40.42 1.11 13.50
C LEU A 302 -41.02 0.22 14.57
N ALA A 303 -42.35 0.20 14.61
CA ALA A 303 -43.14 -0.79 15.30
C ALA A 303 -44.12 -1.41 14.30
N PRO A 304 -44.52 -2.66 14.51
CA PRO A 304 -45.52 -3.27 13.62
C PRO A 304 -46.79 -2.43 13.58
N LEU A 305 -47.48 -2.49 12.43
CA LEU A 305 -48.61 -1.60 12.20
C LEU A 305 -49.73 -1.84 13.21
N ALA A 306 -50.07 -3.11 13.45
CA ALA A 306 -51.10 -3.42 14.44
C ALA A 306 -50.72 -2.95 15.83
N GLU A 307 -49.42 -2.81 16.12
CA GLU A 307 -48.99 -2.28 17.40
C GLU A 307 -49.16 -0.76 17.46
N ILE A 308 -48.89 -0.07 16.35
CA ILE A 308 -49.16 1.36 16.29
C ILE A 308 -50.65 1.62 16.39
N ILE A 309 -51.46 0.81 15.71
CA ILE A 309 -52.90 1.00 15.72
C ILE A 309 -53.47 0.78 17.11
N ALA A 310 -53.00 -0.27 17.81
CA ALA A 310 -53.48 -0.53 19.16
C ALA A 310 -53.13 0.59 20.12
N MET A 311 -52.03 1.29 19.86
CA MET A 311 -51.67 2.45 20.69
C MET A 311 -52.58 3.63 20.39
N VAL A 312 -52.76 3.95 19.11
CA VAL A 312 -53.57 5.11 18.72
C VAL A 312 -55.02 4.91 19.15
N LEU A 313 -55.55 3.71 18.97
CA LEU A 313 -56.92 3.42 19.39
C LEU A 313 -57.04 3.21 20.89
N GLY A 314 -55.93 3.01 21.60
CA GLY A 314 -56.01 2.72 23.02
C GLY A 314 -56.71 1.43 23.35
N LYS A 315 -56.58 0.42 22.48
CA LYS A 315 -57.23 -0.87 22.66
C LYS A 315 -56.20 -1.98 22.49
N GLY A 316 -56.60 -3.20 22.85
CA GLY A 316 -55.70 -4.33 22.77
C GLY A 316 -55.37 -4.71 21.34
N ILE A 317 -54.22 -5.38 21.19
CA ILE A 317 -53.72 -5.68 19.85
C ILE A 317 -54.56 -6.75 19.17
N GLU A 318 -55.19 -7.64 19.94
CA GLU A 318 -56.05 -8.66 19.38
C GLU A 318 -57.52 -8.27 19.41
N SER A 319 -57.83 -7.03 19.76
CA SER A 319 -59.20 -6.57 19.81
C SER A 319 -59.77 -6.45 18.39
N LYS A 320 -61.11 -6.48 18.33
CA LYS A 320 -61.79 -6.41 17.03
C LYS A 320 -61.53 -5.07 16.35
N ALA A 321 -61.45 -3.99 17.12
CA ALA A 321 -61.26 -2.66 16.54
C ALA A 321 -59.90 -2.54 15.88
N VAL A 322 -58.87 -3.18 16.44
CA VAL A 322 -57.53 -3.10 15.87
C VAL A 322 -57.42 -3.98 14.63
N LYS A 323 -58.03 -5.16 14.66
CA LYS A 323 -57.97 -6.06 13.51
C LYS A 323 -58.67 -5.45 12.30
N LEU A 324 -59.80 -4.77 12.53
CA LEU A 324 -60.56 -4.22 11.41
C LEU A 324 -59.83 -3.05 10.76
N LEU A 325 -59.24 -2.17 11.57
CA LEU A 325 -58.48 -1.06 11.00
C LEU A 325 -57.22 -1.55 10.31
N TRP A 326 -56.57 -2.58 10.89
CA TRP A 326 -55.40 -3.19 10.25
C TRP A 326 -55.78 -3.85 8.93
N ASN A 327 -56.93 -4.53 8.90
CA ASN A 327 -57.42 -5.10 7.65
C ASN A 327 -57.66 -4.01 6.61
N ARG A 328 -58.17 -2.84 7.05
CA ARG A 328 -58.48 -1.78 6.11
C ARG A 328 -57.22 -1.22 5.46
N PHE A 329 -56.16 -1.04 6.27
CA PHE A 329 -54.90 -0.56 5.70
C PHE A 329 -54.33 -1.57 4.70
N LEU A 330 -54.40 -2.86 5.01
CA LEU A 330 -53.86 -3.87 4.10
C LEU A 330 -54.73 -4.03 2.86
N ARG A 331 -56.01 -3.65 2.95
CA ARG A 331 -56.88 -3.73 1.78
C ARG A 331 -56.63 -2.57 0.84
N GLU A 332 -56.48 -1.35 1.38
CA GLU A 332 -56.20 -0.19 0.55
C GLU A 332 -54.78 -0.25 -0.01
N PHE A 333 -53.82 -0.62 0.82
CA PHE A 333 -52.41 -0.67 0.44
C PHE A 333 -51.89 -2.08 0.67
N GLY A 334 -51.15 -2.59 -0.31
CA GLY A 334 -50.88 -4.01 -0.43
C GLY A 334 -50.22 -4.65 0.78
N SER A 335 -49.50 -3.88 1.60
CA SER A 335 -48.70 -4.50 2.64
C SER A 335 -48.46 -3.52 3.78
N GLU A 336 -47.98 -4.07 4.90
CA GLU A 336 -47.74 -3.27 6.10
C GLU A 336 -46.50 -2.39 5.97
N ILE A 337 -45.44 -2.93 5.35
CA ILE A 337 -44.20 -2.15 5.20
C ILE A 337 -44.43 -0.94 4.31
N ARG A 338 -45.29 -1.06 3.29
CA ARG A 338 -45.59 0.10 2.46
C ARG A 338 -46.22 1.22 3.27
N VAL A 339 -47.12 0.87 4.20
CA VAL A 339 -47.73 1.87 5.06
C VAL A 339 -46.70 2.45 6.02
N LEU A 340 -45.79 1.62 6.51
CA LEU A 340 -44.87 2.05 7.55
C LEU A 340 -43.78 2.98 7.03
N ILE A 341 -43.34 2.79 5.78
CA ILE A 341 -42.14 3.44 5.26
C ILE A 341 -42.43 4.28 4.02
N ASP A 342 -43.23 3.76 3.10
CA ASP A 342 -43.31 4.34 1.76
C ASP A 342 -44.50 5.26 1.54
N LEU A 343 -45.64 5.00 2.18
CA LEU A 343 -46.83 5.81 1.93
C LEU A 343 -46.60 7.24 2.41
N PRO A 344 -47.08 8.23 1.67
CA PRO A 344 -47.10 9.59 2.21
C PRO A 344 -48.04 9.68 3.40
N ILE A 345 -47.73 10.60 4.33
CA ILE A 345 -48.53 10.74 5.53
C ILE A 345 -49.97 11.10 5.18
N GLU A 346 -50.16 11.91 4.13
CA GLU A 346 -51.50 12.30 3.73
C GLU A 346 -52.32 11.10 3.28
N SER A 347 -51.68 10.12 2.64
CA SER A 347 -52.42 8.93 2.21
C SER A 347 -52.78 8.04 3.38
N ILE A 348 -51.88 7.92 4.37
CA ILE A 348 -52.22 7.19 5.59
C ILE A 348 -53.37 7.86 6.31
N ALA A 349 -53.43 9.20 6.26
CA ALA A 349 -54.49 9.93 6.92
C ALA A 349 -55.85 9.65 6.29
N SER A 350 -55.88 9.32 4.99
CA SER A 350 -57.13 8.98 4.33
C SER A 350 -57.86 7.84 5.00
N VAL A 351 -57.13 6.99 5.74
CA VAL A 351 -57.73 5.89 6.48
C VAL A 351 -57.88 6.23 7.96
N HIS A 352 -56.85 6.83 8.56
CA HIS A 352 -56.93 7.21 9.97
C HIS A 352 -55.92 8.32 10.23
N GLU A 353 -56.40 9.49 10.64
CA GLU A 353 -55.51 10.63 10.90
C GLU A 353 -54.58 10.35 12.07
N GLY A 354 -55.07 9.67 13.11
CA GLY A 354 -54.25 9.41 14.27
C GLY A 354 -53.11 8.44 13.97
N VAL A 355 -53.38 7.41 13.18
CA VAL A 355 -52.33 6.49 12.76
C VAL A 355 -51.32 7.22 11.89
N ALA A 356 -51.77 8.19 11.08
CA ALA A 356 -50.87 8.94 10.23
C ALA A 356 -49.88 9.76 11.05
N LYS A 357 -50.38 10.44 12.09
CA LYS A 357 -49.50 11.24 12.94
C LYS A 357 -48.50 10.35 13.69
N ALA A 358 -48.96 9.20 14.16
CA ALA A 358 -48.07 8.27 14.87
C ALA A 358 -46.93 7.82 13.97
N ILE A 359 -47.25 7.43 12.74
CA ILE A 359 -46.23 6.95 11.82
C ILE A 359 -45.27 8.07 11.43
N TRP A 360 -45.80 9.28 11.25
CA TRP A 360 -44.93 10.42 10.99
C TRP A 360 -43.95 10.64 12.14
N ALA A 361 -44.42 10.47 13.38
CA ALA A 361 -43.55 10.63 14.54
C ALA A 361 -42.46 9.57 14.55
N TYR A 362 -42.79 8.35 14.13
CA TYR A 362 -41.78 7.30 14.04
C TYR A 362 -40.73 7.64 12.99
N ARG A 363 -41.16 8.06 11.80
CA ARG A 363 -40.20 8.33 10.72
C ARG A 363 -39.31 9.52 11.03
N ASN A 364 -39.79 10.48 11.81
CA ASN A 364 -39.04 11.70 12.09
C ASN A 364 -38.50 11.75 13.50
N ASN A 365 -38.59 10.65 14.26
CA ASN A 365 -38.05 10.55 15.61
C ASN A 365 -38.56 11.68 16.51
N LYS A 366 -39.88 11.89 16.45
CA LYS A 366 -40.53 12.92 17.26
C LYS A 366 -41.28 12.34 18.46
N LEU A 367 -41.27 11.03 18.62
CA LEU A 367 -41.93 10.41 19.77
C LEU A 367 -41.19 10.74 21.06
N ILE A 368 -41.93 10.79 22.15
CA ILE A 368 -41.36 10.98 23.48
C ILE A 368 -41.18 9.61 24.10
N ILE A 369 -39.96 9.32 24.55
CA ILE A 369 -39.56 7.97 24.92
C ILE A 369 -39.11 7.96 26.38
N VAL A 370 -39.67 7.03 27.15
CA VAL A 370 -39.12 6.65 28.45
C VAL A 370 -38.33 5.37 28.24
N PRO A 371 -37.01 5.38 28.39
CA PRO A 371 -36.22 4.20 28.02
C PRO A 371 -36.48 3.01 28.92
N GLY A 372 -36.24 1.82 28.37
CA GLY A 372 -36.39 0.61 29.14
C GLY A 372 -35.13 0.25 29.90
N GLY A 373 -35.26 -0.74 30.78
CA GLY A 373 -34.14 -1.16 31.60
C GLY A 373 -34.55 -2.07 32.73
N GLY A 374 -33.63 -2.93 33.18
CA GLY A 374 -33.88 -3.84 34.29
C GLY A 374 -34.94 -4.89 34.06
N GLY A 375 -35.39 -5.10 32.82
CA GLY A 375 -36.44 -6.08 32.54
C GLY A 375 -37.78 -5.49 32.17
N LYS A 376 -37.93 -4.17 32.20
CA LYS A 376 -39.18 -3.51 31.88
C LYS A 376 -39.03 -2.75 30.57
N TYR A 377 -39.98 -2.95 29.66
CA TYR A 377 -39.92 -2.28 28.37
C TYR A 377 -40.14 -0.78 28.53
N GLY A 378 -39.66 -0.03 27.54
CA GLY A 378 -39.80 1.41 27.55
C GLY A 378 -41.23 1.84 27.26
N GLU A 379 -41.44 3.15 27.35
CA GLU A 379 -42.74 3.74 27.09
C GLU A 379 -42.64 4.72 25.93
N ILE A 380 -43.75 4.89 25.22
CA ILE A 380 -43.82 5.72 24.03
C ILE A 380 -45.00 6.68 24.18
N ARG A 381 -44.86 7.87 23.59
CA ARG A 381 -45.91 8.87 23.66
C ARG A 381 -45.73 9.87 22.52
N ILE A 382 -46.85 10.27 21.93
CA ILE A 382 -46.86 11.25 20.85
C ILE A 382 -47.04 12.64 21.46
N PRO A 383 -46.16 13.59 21.17
CA PRO A 383 -46.24 14.90 21.83
C PRO A 383 -47.54 15.62 21.50
N GLU A 384 -47.95 16.50 22.42
CA GLU A 384 -49.24 17.18 22.30
C GLU A 384 -49.32 18.03 21.06
N GLU A 385 -48.21 18.68 20.68
CA GLU A 385 -48.23 19.55 19.50
C GLU A 385 -48.59 18.78 18.24
N ILE A 386 -48.26 17.49 18.19
CA ILE A 386 -48.55 16.70 16.99
C ILE A 386 -50.03 16.31 16.95
N LEU A 387 -50.59 15.94 18.10
CA LEU A 387 -52.00 15.54 18.14
C LEU A 387 -52.92 16.68 17.73
N LYS A 388 -52.59 17.91 18.13
CA LYS A 388 -53.43 19.05 17.81
C LYS A 388 -53.16 19.62 16.42
N ALA A 389 -52.07 19.23 15.77
CA ALA A 389 -51.68 19.84 14.52
C ALA A 389 -52.44 19.26 13.34
N LYS A 390 -52.56 20.05 12.28
CA LYS A 390 -53.07 19.54 11.02
C LYS A 390 -51.97 18.74 10.33
N ILE A 391 -52.39 17.77 9.51
CA ILE A 391 -51.43 16.88 8.85
C ILE A 391 -50.45 17.68 8.00
N GLU A 392 -50.92 18.75 7.35
CA GLU A 392 -50.08 19.51 6.46
C GLU A 392 -49.05 20.36 7.20
N ASP A 393 -49.23 20.60 8.50
CA ASP A 393 -48.34 21.47 9.26
C ASP A 393 -47.33 20.69 10.10
N LEU A 394 -47.27 19.35 9.96
CA LEU A 394 -46.45 18.55 10.85
C LEU A 394 -44.99 18.91 10.76
N ASN A 395 -44.50 19.22 9.55
CA ASN A 395 -43.09 19.55 9.38
C ASN A 395 -42.76 20.94 9.93
N SER A 396 -43.75 21.81 10.09
CA SER A 396 -43.52 23.17 10.57
C SER A 396 -43.67 23.31 12.08
N ILE A 397 -44.23 22.31 12.76
CA ILE A 397 -44.43 22.40 14.20
C ILE A 397 -43.09 22.33 14.91
N GLU A 398 -42.87 23.23 15.86
CA GLU A 398 -41.71 23.18 16.75
C GLU A 398 -42.07 22.36 17.98
N ILE A 399 -41.16 21.48 18.36
CA ILE A 399 -41.47 20.41 19.31
C ILE A 399 -40.85 20.72 20.67
N SER A 400 -41.44 20.11 21.71
CA SER A 400 -41.04 20.18 23.11
C SER A 400 -41.60 21.44 23.78
N MET B 1 -6.81 -31.88 -15.45
CA MET B 1 -6.23 -31.28 -16.65
C MET B 1 -5.40 -30.04 -16.29
N VAL B 2 -4.12 -30.04 -16.69
CA VAL B 2 -3.19 -28.97 -16.39
C VAL B 2 -3.00 -28.12 -17.64
N VAL B 3 -3.21 -26.82 -17.53
CA VAL B 3 -2.99 -25.90 -18.64
C VAL B 3 -2.27 -24.66 -18.13
N ASP B 4 -1.46 -24.05 -19.00
CA ASP B 4 -0.67 -22.89 -18.68
C ASP B 4 -1.20 -21.70 -19.47
N GLY B 5 -1.44 -20.60 -18.77
CA GLY B 5 -2.12 -19.45 -19.36
C GLY B 5 -1.41 -18.14 -19.09
N ASP B 6 -1.39 -17.28 -20.11
CA ASP B 6 -0.88 -15.92 -20.01
C ASP B 6 -2.02 -14.99 -20.40
N LEU B 7 -2.51 -14.20 -19.43
CA LEU B 7 -3.78 -13.50 -19.57
C LEU B 7 -3.62 -12.00 -19.76
N HIS B 8 -2.41 -11.50 -19.93
CA HIS B 8 -2.19 -10.06 -20.10
C HIS B 8 -1.17 -9.86 -21.22
N ILE B 9 -1.66 -9.52 -22.41
CA ILE B 9 -0.83 -9.16 -23.55
C ILE B 9 -1.45 -7.94 -24.22
N HIS B 10 -0.87 -7.52 -25.34
CA HIS B 10 -1.36 -6.39 -26.10
C HIS B 10 -1.28 -6.70 -27.59
N SER B 11 -2.20 -6.11 -28.35
CA SER B 11 -2.28 -6.35 -29.78
C SER B 11 -1.50 -5.28 -30.54
N HIS B 12 -1.45 -5.43 -31.87
CA HIS B 12 -0.82 -4.42 -32.71
C HIS B 12 -1.56 -3.09 -32.69
N TYR B 13 -2.77 -3.04 -32.11
CA TYR B 13 -3.46 -1.77 -31.93
C TYR B 13 -2.92 -0.97 -30.75
N SER B 14 -2.26 -1.63 -29.79
CA SER B 14 -1.64 -0.92 -28.69
C SER B 14 -0.39 -0.18 -29.16
N LYS B 15 0.06 0.76 -28.34
CA LYS B 15 1.24 1.56 -28.67
C LYS B 15 2.51 0.84 -28.24
N ALA B 16 3.57 1.03 -29.03
CA ALA B 16 4.87 0.39 -28.79
C ALA B 16 4.74 -1.13 -28.73
N VAL B 17 3.91 -1.68 -29.61
CA VAL B 17 3.70 -3.12 -29.69
C VAL B 17 3.95 -3.56 -31.13
N SER B 18 4.63 -4.70 -31.27
CA SER B 18 5.02 -5.18 -32.59
C SER B 18 3.82 -5.36 -33.50
N LYS B 19 4.01 -5.07 -34.80
CA LYS B 19 2.98 -5.33 -35.79
C LYS B 19 2.69 -6.81 -35.97
N LEU B 20 3.49 -7.69 -35.34
CA LEU B 20 3.29 -9.12 -35.41
C LEU B 20 2.34 -9.65 -34.34
N MET B 21 1.85 -8.78 -33.45
CA MET B 21 0.89 -9.20 -32.43
C MET B 21 -0.49 -9.35 -33.08
N THR B 22 -0.62 -10.42 -33.86
CA THR B 22 -1.86 -10.81 -34.49
C THR B 22 -2.30 -12.17 -33.95
N PHE B 23 -3.60 -12.41 -33.98
CA PHE B 23 -4.13 -13.67 -33.46
C PHE B 23 -3.48 -14.91 -34.06
N PRO B 24 -3.23 -15.00 -35.38
CA PRO B 24 -2.49 -16.17 -35.87
C PRO B 24 -1.06 -16.27 -35.34
N ILE B 25 -0.34 -15.14 -35.31
CA ILE B 25 1.05 -15.18 -34.88
C ILE B 25 1.14 -15.36 -33.37
N ILE B 26 0.22 -14.77 -32.61
CA ILE B 26 0.17 -15.01 -31.17
C ILE B 26 -0.08 -16.49 -30.89
N ALA B 27 -0.98 -17.11 -31.66
CA ALA B 27 -1.33 -18.51 -31.42
C ALA B 27 -0.18 -19.44 -31.77
N GLU B 28 0.53 -19.16 -32.88
CA GLU B 28 1.64 -20.03 -33.27
C GLU B 28 2.76 -19.98 -32.24
N ASN B 29 3.02 -18.81 -31.67
CA ASN B 29 4.06 -18.70 -30.65
C ASN B 29 3.60 -19.25 -29.31
N ALA B 30 2.30 -19.12 -28.99
CA ALA B 30 1.76 -19.78 -27.82
C ALA B 30 1.93 -21.29 -27.91
N LYS B 31 1.79 -21.84 -29.12
CA LYS B 31 2.07 -23.26 -29.34
C LYS B 31 3.51 -23.60 -28.98
N LEU B 32 4.46 -22.79 -29.46
CA LEU B 32 5.87 -23.07 -29.20
C LEU B 32 6.21 -22.85 -27.73
N LYS B 33 5.65 -21.80 -27.12
CA LYS B 33 5.93 -21.53 -25.72
C LYS B 33 5.38 -22.63 -24.82
N GLY B 34 4.26 -23.22 -25.18
CA GLY B 34 3.56 -24.16 -24.33
C GLY B 34 2.35 -23.59 -23.62
N LEU B 35 1.82 -22.46 -24.09
CA LEU B 35 0.67 -21.81 -23.47
C LEU B 35 -0.60 -22.39 -24.09
N ASN B 36 -1.35 -23.15 -23.30
CA ASN B 36 -2.63 -23.67 -23.75
C ASN B 36 -3.70 -22.59 -23.81
N LEU B 37 -3.53 -21.51 -23.05
CA LEU B 37 -4.52 -20.46 -22.94
C LEU B 37 -3.83 -19.10 -22.99
N VAL B 38 -4.38 -18.18 -23.78
CA VAL B 38 -3.86 -16.83 -23.91
C VAL B 38 -5.01 -15.85 -23.78
N GLY B 39 -4.77 -14.73 -23.10
CA GLY B 39 -5.74 -13.64 -23.10
C GLY B 39 -5.70 -12.88 -24.41
N THR B 40 -6.87 -12.46 -24.87
CA THR B 40 -6.94 -11.70 -26.12
C THR B 40 -6.19 -10.39 -25.99
N GLY B 41 -6.33 -9.71 -24.85
CA GLY B 41 -5.82 -8.36 -24.71
C GLY B 41 -6.64 -7.39 -25.52
N ASP B 42 -6.55 -6.09 -25.19
CA ASP B 42 -7.16 -5.02 -25.98
C ASP B 42 -8.57 -5.34 -26.45
N SER B 43 -9.36 -6.04 -25.62
CA SER B 43 -10.66 -6.50 -26.08
C SER B 43 -11.68 -5.38 -26.21
N LEU B 44 -11.42 -4.22 -25.59
CA LEU B 44 -12.32 -3.08 -25.71
C LEU B 44 -12.17 -2.34 -27.03
N ASN B 45 -11.13 -2.64 -27.80
CA ASN B 45 -10.98 -2.06 -29.14
C ASN B 45 -11.83 -2.86 -30.13
N PRO B 46 -12.82 -2.25 -30.77
CA PRO B 46 -13.72 -3.03 -31.63
C PRO B 46 -13.05 -3.60 -32.88
N HIS B 47 -11.96 -3.00 -33.36
CA HIS B 47 -11.26 -3.58 -34.50
C HIS B 47 -10.54 -4.87 -34.10
N TRP B 48 -9.98 -4.90 -32.89
CA TRP B 48 -9.34 -6.12 -32.40
C TRP B 48 -10.36 -7.22 -32.15
N GLU B 49 -11.55 -6.84 -31.66
CA GLU B 49 -12.63 -7.81 -31.53
C GLU B 49 -13.03 -8.35 -32.90
N LYS B 50 -13.03 -7.50 -33.93
CA LYS B 50 -13.34 -7.97 -35.27
C LYS B 50 -12.35 -9.01 -35.74
N GLU B 51 -11.05 -8.81 -35.47
CA GLU B 51 -10.05 -9.79 -35.85
C GLU B 51 -10.22 -11.09 -35.07
N LEU B 52 -10.67 -11.01 -33.82
CA LEU B 52 -10.94 -12.23 -33.06
C LEU B 52 -12.03 -13.05 -33.73
N LEU B 53 -13.16 -12.42 -34.07
CA LEU B 53 -14.24 -13.13 -34.73
C LEU B 53 -13.81 -13.66 -36.09
N LYS B 54 -12.84 -13.00 -36.73
CA LYS B 54 -12.39 -13.42 -38.06
C LYS B 54 -11.49 -14.65 -38.00
N HIS B 55 -10.70 -14.80 -36.94
CA HIS B 55 -9.69 -15.85 -36.88
C HIS B 55 -10.00 -16.96 -35.89
N SER B 56 -11.04 -16.82 -35.07
CA SER B 56 -11.31 -17.78 -34.00
C SER B 56 -12.57 -18.58 -34.29
N LYS B 57 -12.68 -19.72 -33.60
CA LYS B 57 -13.85 -20.57 -33.60
C LYS B 57 -14.58 -20.45 -32.27
N PRO B 58 -15.90 -20.29 -32.27
CA PRO B 58 -16.62 -20.08 -31.01
C PRO B 58 -16.80 -21.35 -30.20
N ILE B 59 -15.89 -21.59 -29.27
CA ILE B 59 -16.02 -22.73 -28.35
C ILE B 59 -17.17 -22.50 -27.38
N ASP B 60 -17.39 -21.25 -27.01
CA ASP B 60 -18.08 -20.88 -25.78
C ASP B 60 -18.38 -19.39 -25.88
N ASP B 61 -19.26 -18.91 -25.01
CA ASP B 61 -19.58 -17.48 -25.00
C ASP B 61 -18.38 -16.64 -24.58
N GLY B 62 -17.38 -17.24 -23.94
CA GLY B 62 -16.21 -16.50 -23.52
C GLY B 62 -14.91 -17.19 -23.87
N THR B 63 -14.99 -18.30 -24.60
CA THR B 63 -13.83 -19.05 -25.02
C THR B 63 -13.78 -19.09 -26.55
N PHE B 64 -12.60 -18.84 -27.10
CA PHE B 64 -12.37 -18.85 -28.54
C PHE B 64 -11.12 -19.65 -28.82
N GLU B 65 -10.98 -20.13 -30.06
CA GLU B 65 -9.86 -20.99 -30.42
C GLU B 65 -9.22 -20.52 -31.71
N VAL B 66 -7.90 -20.35 -31.69
CA VAL B 66 -7.12 -19.99 -32.86
C VAL B 66 -5.98 -20.99 -32.97
N ASN B 67 -6.01 -21.83 -34.01
CA ASN B 67 -4.98 -22.83 -34.26
C ASN B 67 -4.76 -23.71 -33.05
N GLY B 68 -5.86 -24.18 -32.44
CA GLY B 68 -5.80 -25.04 -31.30
C GLY B 68 -5.53 -24.35 -29.98
N VAL B 69 -5.11 -23.09 -29.99
CA VAL B 69 -4.89 -22.33 -28.77
C VAL B 69 -6.18 -21.59 -28.41
N LYS B 70 -6.50 -21.58 -27.13
CA LYS B 70 -7.76 -21.02 -26.66
C LYS B 70 -7.55 -19.64 -26.06
N PHE B 71 -8.48 -18.73 -26.35
CA PHE B 71 -8.41 -17.33 -25.93
C PHE B 71 -9.63 -16.98 -25.09
N ILE B 72 -9.40 -16.20 -24.03
CA ILE B 72 -10.49 -15.60 -23.27
C ILE B 72 -10.32 -14.08 -23.30
N LEU B 73 -11.43 -13.39 -23.10
CA LEU B 73 -11.48 -11.93 -23.28
C LEU B 73 -10.80 -11.24 -22.11
N THR B 74 -9.69 -10.56 -22.39
CA THR B 74 -9.01 -9.74 -21.40
C THR B 74 -8.72 -8.37 -22.00
N CYS B 75 -8.58 -7.37 -21.12
CA CYS B 75 -8.22 -6.03 -21.55
C CYS B 75 -7.59 -5.30 -20.38
N GLU B 76 -6.77 -4.30 -20.70
CA GLU B 76 -6.13 -3.44 -19.72
C GLU B 76 -6.58 -2.01 -19.95
N VAL B 77 -6.88 -1.31 -18.85
CA VAL B 77 -7.36 0.07 -18.92
C VAL B 77 -6.48 0.93 -18.02
N GLU B 78 -6.45 2.23 -18.32
CA GLU B 78 -5.67 3.21 -17.58
C GLU B 78 -6.61 4.30 -17.08
N ASP B 79 -6.52 4.61 -15.80
CA ASP B 79 -7.48 5.50 -15.14
C ASP B 79 -6.94 6.93 -15.07
N LYS B 80 -7.64 7.78 -14.31
CA LYS B 80 -7.26 9.18 -14.17
C LYS B 80 -5.81 9.33 -13.72
N ARG B 81 -5.34 8.42 -12.86
CA ARG B 81 -4.04 8.54 -12.22
C ARG B 81 -2.99 7.65 -12.88
N ARG B 82 -3.22 7.23 -14.12
CA ARG B 82 -2.34 6.38 -14.91
C ARG B 82 -2.19 4.98 -14.33
N VAL B 83 -3.01 4.60 -13.34
CA VAL B 83 -2.97 3.24 -12.83
C VAL B 83 -3.58 2.30 -13.85
N HIS B 84 -2.95 1.14 -14.03
CA HIS B 84 -3.42 0.14 -14.97
C HIS B 84 -4.19 -0.95 -14.23
N HIS B 85 -5.32 -1.37 -14.82
CA HIS B 85 -6.16 -2.41 -14.27
C HIS B 85 -6.45 -3.45 -15.35
N LEU B 86 -6.34 -4.72 -14.98
CA LEU B 86 -6.58 -5.83 -15.90
C LEU B 86 -8.02 -6.30 -15.76
N LEU B 87 -8.70 -6.48 -16.88
CA LEU B 87 -10.09 -6.91 -16.92
C LEU B 87 -10.19 -8.25 -17.62
N ILE B 88 -11.09 -9.11 -17.15
CA ILE B 88 -11.37 -10.40 -17.77
C ILE B 88 -12.88 -10.53 -17.92
N PHE B 89 -13.36 -10.58 -19.19
CA PHE B 89 -14.78 -10.52 -19.53
C PHE B 89 -15.36 -11.90 -19.70
N PRO B 90 -16.51 -12.20 -19.07
CA PRO B 90 -17.12 -13.53 -19.27
C PRO B 90 -17.60 -13.79 -20.68
N THR B 91 -18.27 -12.82 -21.31
CA THR B 91 -18.78 -12.99 -22.66
C THR B 91 -18.51 -11.72 -23.45
N LEU B 92 -18.78 -11.79 -24.76
CA LEU B 92 -18.63 -10.62 -25.61
C LEU B 92 -19.64 -9.54 -25.29
N SER B 93 -20.83 -9.94 -24.81
CA SER B 93 -21.84 -8.94 -24.47
C SER B 93 -21.38 -8.07 -23.30
N GLN B 94 -20.58 -8.62 -22.39
CA GLN B 94 -20.04 -7.81 -21.31
C GLN B 94 -18.93 -6.89 -21.81
N VAL B 95 -18.19 -7.31 -22.83
CA VAL B 95 -17.23 -6.41 -23.47
C VAL B 95 -17.94 -5.18 -24.03
N ARG B 96 -19.04 -5.41 -24.76
CA ARG B 96 -19.79 -4.31 -25.36
C ARG B 96 -20.50 -3.49 -24.28
N GLU B 97 -21.05 -4.15 -23.26
CA GLU B 97 -21.68 -3.44 -22.16
C GLU B 97 -20.70 -2.50 -21.48
N PHE B 98 -19.49 -2.99 -21.19
CA PHE B 98 -18.48 -2.16 -20.57
C PHE B 98 -17.98 -1.08 -21.54
N ARG B 99 -17.83 -1.43 -22.81
CA ARG B 99 -17.35 -0.48 -23.81
C ARG B 99 -18.27 0.74 -23.90
N GLU B 100 -19.58 0.50 -24.01
CA GLU B 100 -20.52 1.61 -24.05
C GLU B 100 -20.55 2.39 -22.75
N LYS B 101 -20.29 1.71 -21.62
CA LYS B 101 -20.39 2.39 -20.33
C LYS B 101 -19.28 3.42 -20.16
N VAL B 102 -18.06 3.08 -20.59
CA VAL B 102 -16.91 4.00 -20.47
C VAL B 102 -16.71 4.85 -21.72
N LYS B 103 -17.57 4.71 -22.73
CA LYS B 103 -17.34 5.36 -24.02
C LYS B 103 -17.30 6.88 -23.89
N ILE B 104 -18.12 7.44 -22.99
CA ILE B 104 -18.16 8.89 -22.82
C ILE B 104 -17.02 9.42 -21.96
N TYR B 105 -16.29 8.54 -21.28
CA TYR B 105 -15.12 8.93 -20.50
C TYR B 105 -13.81 8.64 -21.22
N SER B 106 -13.86 8.20 -22.47
CA SER B 106 -12.66 7.83 -23.20
C SER B 106 -12.63 8.56 -24.54
N THR B 107 -11.43 8.70 -25.09
CA THR B 107 -11.22 9.29 -26.39
C THR B 107 -10.56 8.34 -27.38
N ASN B 108 -9.96 7.25 -26.90
CA ASN B 108 -9.09 6.39 -27.69
C ASN B 108 -9.57 4.93 -27.71
N ILE B 109 -10.88 4.72 -27.57
CA ILE B 109 -11.41 3.36 -27.58
C ILE B 109 -11.08 2.65 -28.88
N GLU B 110 -11.27 3.34 -30.00
CA GLU B 110 -11.05 2.75 -31.31
C GLU B 110 -9.61 2.88 -31.81
N SER B 111 -8.90 3.93 -31.39
CA SER B 111 -7.58 4.21 -31.93
C SER B 111 -6.46 3.47 -31.21
N GLU B 112 -6.62 3.17 -29.92
CA GLU B 112 -5.58 2.58 -29.12
C GLU B 112 -6.00 1.21 -28.59
N GLY B 113 -5.02 0.45 -28.14
CA GLY B 113 -5.28 -0.85 -27.54
C GLY B 113 -5.60 -0.78 -26.07
N ARG B 114 -4.92 0.09 -25.34
CA ARG B 114 -5.22 0.31 -23.93
C ARG B 114 -6.01 1.60 -23.78
N PRO B 115 -7.30 1.55 -23.50
CA PRO B 115 -8.09 2.79 -23.42
C PRO B 115 -7.76 3.60 -22.18
N ASN B 116 -7.70 4.92 -22.35
CA ASN B 116 -7.48 5.85 -21.27
C ASN B 116 -8.84 6.37 -20.78
N LEU B 117 -9.16 6.08 -19.53
CA LEU B 117 -10.47 6.39 -18.97
C LEU B 117 -10.34 7.53 -17.97
N ASN B 118 -11.19 8.53 -18.11
CA ASN B 118 -11.27 9.64 -17.15
C ASN B 118 -12.17 9.20 -15.98
N LEU B 119 -11.70 8.19 -15.27
CA LEU B 119 -12.40 7.62 -14.14
C LEU B 119 -11.39 7.24 -13.06
N THR B 120 -11.87 7.19 -11.82
CA THR B 120 -11.02 6.71 -10.74
C THR B 120 -10.98 5.19 -10.73
N ALA B 121 -10.01 4.65 -9.98
CA ALA B 121 -9.90 3.20 -9.87
C ALA B 121 -11.16 2.60 -9.29
N GLU B 122 -11.80 3.30 -8.34
CA GLU B 122 -13.03 2.80 -7.73
C GLU B 122 -14.18 2.81 -8.73
N GLU B 123 -14.28 3.87 -9.54
CA GLU B 123 -15.36 3.95 -10.53
C GLU B 123 -15.22 2.85 -11.57
N ILE B 124 -14.00 2.53 -11.98
CA ILE B 124 -13.79 1.44 -12.93
C ILE B 124 -14.17 0.10 -12.31
N ALA B 125 -13.76 -0.12 -11.06
CA ALA B 125 -13.99 -1.41 -10.41
C ALA B 125 -15.48 -1.65 -10.18
N GLU B 126 -16.23 -0.62 -9.77
CA GLU B 126 -17.67 -0.79 -9.57
C GLU B 126 -18.40 -0.95 -10.89
N MET B 127 -17.86 -0.44 -12.00
CA MET B 127 -18.42 -0.77 -13.30
C MET B 127 -18.17 -2.24 -13.63
N ALA B 128 -16.95 -2.72 -13.39
CA ALA B 128 -16.64 -4.13 -13.62
C ALA B 128 -17.43 -5.03 -12.68
N ASN B 129 -17.51 -4.64 -11.40
CA ASN B 129 -18.27 -5.44 -10.44
C ASN B 129 -19.74 -5.56 -10.85
N GLU B 130 -20.29 -4.50 -11.46
CA GLU B 130 -21.69 -4.54 -11.85
C GLU B 130 -21.93 -5.57 -12.94
N LEU B 131 -20.98 -5.74 -13.85
CA LEU B 131 -21.14 -6.62 -15.00
C LEU B 131 -20.48 -7.98 -14.82
N ASP B 132 -20.11 -8.33 -13.59
CA ASP B 132 -19.44 -9.60 -13.31
C ASP B 132 -18.16 -9.75 -14.14
N ILE B 133 -17.47 -8.64 -14.34
CA ILE B 133 -16.20 -8.61 -15.05
C ILE B 133 -15.08 -8.65 -14.02
N LEU B 134 -14.23 -9.67 -14.11
CA LEU B 134 -13.11 -9.79 -13.18
C LEU B 134 -12.15 -8.63 -13.38
N ILE B 135 -11.78 -7.98 -12.28
CA ILE B 135 -10.86 -6.85 -12.33
C ILE B 135 -9.80 -7.02 -11.25
N GLY B 136 -8.59 -6.53 -11.55
CA GLY B 136 -7.52 -6.48 -10.60
C GLY B 136 -6.47 -5.48 -11.04
N PRO B 137 -5.60 -5.07 -10.12
CA PRO B 137 -4.53 -4.13 -10.49
C PRO B 137 -3.44 -4.84 -11.28
N ALA B 138 -3.06 -4.25 -12.41
CA ALA B 138 -2.00 -4.81 -13.26
C ALA B 138 -0.64 -4.37 -12.74
N HIS B 139 0.36 -5.22 -13.01
CA HIS B 139 1.76 -5.06 -12.56
C HIS B 139 1.86 -4.16 -11.34
N ALA B 140 1.33 -4.64 -10.21
CA ALA B 140 0.96 -3.75 -9.10
C ALA B 140 2.16 -3.06 -8.46
N PHE B 141 3.35 -3.65 -8.54
CA PHE B 141 4.52 -3.10 -7.86
C PHE B 141 5.53 -2.49 -8.81
N THR B 142 5.15 -2.27 -10.07
CA THR B 142 6.04 -1.61 -11.02
C THR B 142 6.12 -0.12 -10.70
N PRO B 143 7.30 0.49 -10.79
CA PRO B 143 7.43 1.91 -10.43
C PRO B 143 6.57 2.87 -11.25
N TRP B 144 5.89 2.41 -12.30
CA TRP B 144 5.08 3.29 -13.12
C TRP B 144 3.78 2.60 -13.49
N THR B 145 2.71 3.41 -13.60
CA THR B 145 1.38 2.96 -14.00
C THR B 145 0.88 1.81 -13.12
N SER B 146 1.18 1.86 -11.82
CA SER B 146 0.83 0.78 -10.93
C SER B 146 0.10 1.31 -9.70
N LEU B 147 -0.61 0.38 -9.05
CA LEU B 147 -1.38 0.69 -7.85
C LEU B 147 -0.53 1.42 -6.81
N TYR B 148 0.58 0.80 -6.42
CA TYR B 148 1.36 1.30 -5.30
C TYR B 148 2.31 2.44 -5.68
N LYS B 149 2.32 2.85 -6.95
CA LYS B 149 2.95 4.12 -7.28
C LYS B 149 2.08 5.29 -6.81
N GLU B 150 0.76 5.14 -6.91
CA GLU B 150 -0.16 6.22 -6.59
C GLU B 150 -0.92 6.03 -5.28
N TYR B 151 -0.92 4.83 -4.71
CA TYR B 151 -1.69 4.58 -3.50
C TYR B 151 -0.86 3.77 -2.51
N ASP B 152 -1.22 3.89 -1.23
CA ASP B 152 -0.56 3.15 -0.16
C ASP B 152 -1.28 1.85 0.18
N SER B 153 -2.48 1.62 -0.37
CA SER B 153 -3.22 0.40 -0.06
C SER B 153 -4.26 0.17 -1.15
N LEU B 154 -4.74 -1.07 -1.20
CA LEU B 154 -5.83 -1.40 -2.12
C LEU B 154 -7.11 -0.65 -1.74
N LYS B 155 -7.34 -0.46 -0.44
CA LYS B 155 -8.56 0.19 0.01
C LYS B 155 -8.60 1.65 -0.42
N ASP B 156 -7.46 2.34 -0.35
CA ASP B 156 -7.40 3.73 -0.79
C ASP B 156 -7.75 3.87 -2.27
N ALA B 157 -7.41 2.88 -3.08
CA ALA B 157 -7.60 2.98 -4.53
C ALA B 157 -8.98 2.51 -4.98
N TYR B 158 -9.45 1.38 -4.46
CA TYR B 158 -10.71 0.80 -4.90
C TYR B 158 -11.88 1.11 -3.96
N GLY B 159 -11.62 1.64 -2.77
CA GLY B 159 -12.68 2.08 -1.88
C GLY B 159 -13.64 0.97 -1.52
N ASP B 160 -14.91 1.13 -1.87
CA ASP B 160 -15.96 0.19 -1.54
C ASP B 160 -16.15 -0.90 -2.60
N ALA B 161 -15.36 -0.88 -3.67
CA ALA B 161 -15.45 -1.90 -4.70
C ALA B 161 -14.54 -3.07 -4.36
N LYS B 162 -14.75 -4.19 -5.05
CA LYS B 162 -13.99 -5.40 -4.85
C LYS B 162 -13.16 -5.74 -6.07
N ILE B 163 -11.95 -6.23 -5.83
CA ILE B 163 -11.10 -6.77 -6.88
C ILE B 163 -11.11 -8.28 -6.77
N ASP B 164 -10.82 -8.94 -7.88
CA ASP B 164 -10.87 -10.39 -7.96
C ASP B 164 -9.49 -11.05 -7.98
N PHE B 165 -8.44 -10.27 -8.16
CA PHE B 165 -7.08 -10.79 -8.19
C PHE B 165 -6.11 -9.61 -8.12
N LEU B 166 -4.82 -9.94 -8.03
CA LEU B 166 -3.74 -8.98 -8.14
C LEU B 166 -2.68 -9.56 -9.07
N GLU B 167 -2.28 -8.78 -10.07
CA GLU B 167 -1.22 -9.19 -10.99
C GLU B 167 0.12 -8.77 -10.40
N LEU B 168 1.03 -9.74 -10.27
CA LEU B 168 2.31 -9.47 -9.60
C LEU B 168 3.18 -8.54 -10.44
N GLY B 169 3.22 -8.75 -11.76
CA GLY B 169 4.09 -7.98 -12.62
C GLY B 169 5.51 -8.52 -12.62
N LEU B 170 6.29 -8.00 -13.58
CA LEU B 170 7.65 -8.47 -13.77
C LEU B 170 8.60 -8.07 -12.64
N SER B 171 8.16 -7.23 -11.70
CA SER B 171 9.03 -6.71 -10.66
C SER B 171 8.84 -7.37 -9.30
N ALA B 172 7.94 -8.34 -9.18
CA ALA B 172 7.64 -8.91 -7.87
C ALA B 172 7.21 -10.36 -8.02
N ASP B 173 7.49 -11.15 -6.97
CA ASP B 173 6.99 -12.51 -6.85
C ASP B 173 6.03 -12.58 -5.66
N SER B 174 5.60 -13.80 -5.35
CA SER B 174 4.53 -13.99 -4.37
C SER B 174 4.98 -13.60 -2.96
N ASP B 175 6.20 -14.00 -2.56
CA ASP B 175 6.68 -13.70 -1.22
C ASP B 175 6.78 -12.20 -0.99
N MET B 176 7.12 -11.42 -2.02
CA MET B 176 7.17 -9.97 -1.88
C MET B 176 5.78 -9.40 -1.63
N ALA B 177 4.79 -9.81 -2.45
CA ALA B 177 3.45 -9.26 -2.33
C ALA B 177 2.76 -9.71 -1.05
N ASP B 178 3.14 -10.87 -0.52
CA ASP B 178 2.50 -11.38 0.69
C ASP B 178 3.01 -10.74 1.96
N MET B 179 3.97 -9.81 1.87
CA MET B 179 4.38 -9.02 3.02
C MET B 179 3.38 -7.92 3.34
N ILE B 180 2.32 -7.77 2.54
CA ILE B 180 1.23 -6.84 2.78
C ILE B 180 -0.01 -7.67 3.07
N LYS B 181 -0.55 -7.54 4.29
CA LYS B 181 -1.53 -8.49 4.76
C LYS B 181 -2.85 -8.38 4.00
N ALA B 182 -3.17 -7.20 3.45
CA ALA B 182 -4.41 -7.04 2.70
C ALA B 182 -4.44 -7.88 1.43
N HIS B 183 -3.31 -8.48 1.04
CA HIS B 183 -3.24 -9.33 -0.15
C HIS B 183 -3.55 -10.79 0.14
N HIS B 184 -3.61 -11.19 1.41
CA HIS B 184 -3.70 -12.62 1.74
C HIS B 184 -5.03 -13.23 1.33
N SER B 185 -6.07 -12.42 1.13
CA SER B 185 -7.38 -12.91 0.70
C SER B 185 -7.57 -12.80 -0.80
N ILE B 186 -6.54 -12.41 -1.53
CA ILE B 186 -6.65 -12.05 -2.95
C ILE B 186 -5.73 -12.96 -3.73
N PRO B 187 -6.23 -13.69 -4.74
CA PRO B 187 -5.37 -14.58 -5.52
C PRO B 187 -4.44 -13.80 -6.43
N TYR B 188 -3.31 -14.43 -6.75
CA TYR B 188 -2.25 -13.81 -7.53
C TYR B 188 -2.28 -14.30 -8.97
N LEU B 189 -2.07 -13.37 -9.90
CA LEU B 189 -1.85 -13.69 -11.30
C LEU B 189 -0.43 -13.29 -11.69
N SER B 190 0.22 -14.12 -12.49
CA SER B 190 1.54 -13.83 -13.04
C SER B 190 1.42 -13.82 -14.56
N ASN B 191 1.48 -12.63 -15.15
CA ASN B 191 1.32 -12.47 -16.59
C ASN B 191 2.50 -11.69 -17.15
N SER B 192 2.73 -11.87 -18.45
CA SER B 192 3.94 -11.38 -19.09
C SER B 192 3.86 -9.93 -19.55
N ASP B 193 2.65 -9.41 -19.79
CA ASP B 193 2.46 -8.08 -20.39
C ASP B 193 3.22 -7.98 -21.71
N ALA B 194 3.01 -8.98 -22.57
CA ALA B 194 3.79 -9.10 -23.79
C ALA B 194 3.46 -7.98 -24.76
N HIS B 195 4.50 -7.28 -25.22
CA HIS B 195 4.39 -6.33 -26.33
C HIS B 195 4.94 -6.91 -27.62
N SER B 196 5.26 -8.20 -27.63
CA SER B 196 5.86 -8.89 -28.77
C SER B 196 5.47 -10.36 -28.69
N PRO B 197 5.27 -11.02 -29.83
CA PRO B 197 4.86 -12.44 -29.81
C PRO B 197 6.00 -13.41 -29.57
N ASN B 198 7.23 -12.94 -29.41
CA ASN B 198 8.36 -13.85 -29.30
C ASN B 198 8.27 -14.68 -28.02
N PRO B 199 8.70 -15.94 -28.06
CA PRO B 199 8.57 -16.80 -26.87
C PRO B 199 9.39 -16.35 -25.67
N HIS B 200 10.31 -15.40 -25.81
CA HIS B 200 10.98 -14.86 -24.63
C HIS B 200 10.29 -13.61 -24.10
N ARG B 201 9.16 -13.23 -24.70
CA ARG B 201 8.26 -12.20 -24.17
C ARG B 201 6.89 -12.76 -23.88
N LEU B 202 6.26 -13.41 -24.85
CA LEU B 202 5.02 -14.13 -24.59
C LEU B 202 5.31 -15.29 -23.64
N GLY B 203 4.72 -15.23 -22.46
CA GLY B 203 4.96 -16.28 -21.49
C GLY B 203 6.12 -16.03 -20.57
N ARG B 204 6.63 -14.80 -20.52
N ARG B 204 6.62 -14.79 -20.49
CA ARG B 204 7.62 -14.45 -19.51
CA ARG B 204 7.64 -14.47 -19.51
C ARG B 204 7.14 -14.82 -18.12
C ARG B 204 7.15 -14.79 -18.10
N GLU B 205 5.86 -14.56 -17.86
CA GLU B 205 5.18 -15.03 -16.66
C GLU B 205 3.87 -15.66 -17.09
N PHE B 206 3.46 -16.72 -16.40
CA PHE B 206 2.22 -17.40 -16.74
C PHE B 206 1.70 -18.10 -15.50
N ASN B 207 0.46 -18.56 -15.60
CA ASN B 207 -0.20 -19.27 -14.50
C ASN B 207 -0.48 -20.70 -14.94
N ARG B 208 -0.19 -21.65 -14.06
CA ARG B 208 -0.48 -23.06 -14.30
C ARG B 208 -1.81 -23.38 -13.62
N PHE B 209 -2.82 -23.70 -14.44
CA PHE B 209 -4.17 -23.93 -13.95
C PHE B 209 -4.49 -25.42 -13.90
N GLU B 210 -5.24 -25.82 -12.88
CA GLU B 210 -5.84 -27.14 -12.79
C GLU B 210 -7.34 -26.95 -12.94
N VAL B 211 -7.90 -27.41 -14.07
CA VAL B 211 -9.30 -27.23 -14.40
C VAL B 211 -9.81 -28.50 -15.07
N LYS B 212 -11.13 -28.56 -15.22
CA LYS B 212 -11.76 -29.66 -15.95
C LYS B 212 -11.77 -29.42 -17.46
N ASP B 213 -11.95 -28.17 -17.87
CA ASP B 213 -11.86 -27.80 -19.28
C ASP B 213 -11.24 -26.41 -19.36
N VAL B 214 -10.83 -26.03 -20.57
CA VAL B 214 -10.19 -24.73 -20.79
C VAL B 214 -11.29 -23.80 -21.31
N THR B 215 -12.05 -23.21 -20.38
CA THR B 215 -13.04 -22.20 -20.67
C THR B 215 -12.85 -21.04 -19.70
N PHE B 216 -13.55 -19.94 -19.95
CA PHE B 216 -13.52 -18.82 -19.01
C PHE B 216 -14.03 -19.24 -17.64
N GLU B 217 -15.20 -19.89 -17.60
CA GLU B 217 -15.84 -20.22 -16.34
C GLU B 217 -14.98 -21.16 -15.51
N GLU B 218 -14.26 -22.07 -16.16
CA GLU B 218 -13.34 -22.93 -15.42
C GLU B 218 -12.15 -22.14 -14.90
N ILE B 219 -11.68 -21.16 -15.67
CA ILE B 219 -10.57 -20.32 -15.22
C ILE B 219 -11.02 -19.41 -14.09
N ARG B 220 -12.25 -18.88 -14.18
CA ARG B 220 -12.81 -18.11 -13.08
C ARG B 220 -12.84 -18.93 -11.79
N LYS B 221 -13.21 -20.20 -11.90
CA LYS B 221 -13.24 -21.08 -10.74
C LYS B 221 -11.82 -21.36 -10.24
N ALA B 222 -10.88 -21.52 -11.15
CA ALA B 222 -9.49 -21.77 -10.75
C ALA B 222 -8.91 -20.58 -10.01
N ILE B 223 -9.22 -19.37 -10.47
CA ILE B 223 -8.69 -18.16 -9.82
C ILE B 223 -9.27 -18.02 -8.42
N LYS B 224 -10.55 -18.35 -8.25
CA LYS B 224 -11.20 -18.24 -6.95
C LYS B 224 -11.12 -19.53 -6.14
N GLY B 225 -10.51 -20.57 -6.68
CA GLY B 225 -10.28 -21.80 -5.92
C GLY B 225 -11.53 -22.52 -5.49
N VAL B 226 -12.51 -22.62 -6.37
CA VAL B 226 -13.78 -23.27 -6.05
C VAL B 226 -13.93 -24.52 -6.91
N GLY B 227 -14.63 -25.51 -6.35
CA GLY B 227 -14.97 -26.71 -7.11
C GLY B 227 -13.81 -27.59 -7.48
N GLY B 228 -12.70 -27.50 -6.75
CA GLY B 228 -11.52 -28.29 -7.05
C GLY B 228 -10.59 -27.67 -8.08
N ARG B 229 -11.01 -26.61 -8.75
CA ARG B 229 -10.14 -25.88 -9.65
C ARG B 229 -9.21 -24.98 -8.85
N LYS B 230 -8.00 -24.79 -9.37
CA LYS B 230 -6.97 -24.12 -8.59
C LYS B 230 -5.87 -23.61 -9.51
N ILE B 231 -5.07 -22.68 -8.98
CA ILE B 231 -3.82 -22.28 -9.58
C ILE B 231 -2.73 -23.13 -8.94
N MET B 232 -2.12 -24.02 -9.72
CA MET B 232 -1.10 -24.91 -9.17
C MET B 232 0.17 -24.15 -8.81
N LEU B 233 0.60 -23.23 -9.68
CA LEU B 233 1.82 -22.48 -9.42
C LEU B 233 1.79 -21.20 -10.25
N ASN B 234 2.53 -20.20 -9.77
CA ASN B 234 2.83 -19.00 -10.54
C ASN B 234 4.26 -19.08 -11.04
N ALA B 235 4.46 -18.74 -12.31
CA ALA B 235 5.78 -18.75 -12.93
C ALA B 235 6.10 -17.36 -13.42
N GLY B 236 7.33 -16.92 -13.17
CA GLY B 236 7.72 -15.59 -13.61
C GLY B 236 9.20 -15.35 -13.39
N LEU B 237 9.61 -14.12 -13.68
CA LEU B 237 11.01 -13.75 -13.59
C LEU B 237 11.45 -13.64 -12.13
N ASP B 238 12.75 -13.79 -11.92
CA ASP B 238 13.35 -13.47 -10.63
C ASP B 238 13.24 -11.97 -10.40
N PRO B 239 12.48 -11.52 -9.40
CA PRO B 239 12.33 -10.06 -9.21
C PRO B 239 13.61 -9.36 -8.83
N ARG B 240 14.60 -10.07 -8.30
CA ARG B 240 15.84 -9.43 -7.90
C ARG B 240 16.62 -8.90 -9.10
N LEU B 241 16.43 -9.50 -10.27
CA LEU B 241 17.12 -9.06 -11.48
C LEU B 241 16.44 -7.87 -12.14
N GLY B 242 15.38 -7.33 -11.54
CA GLY B 242 14.63 -6.26 -12.19
C GLY B 242 15.40 -4.95 -12.21
N LYS B 243 15.04 -4.10 -13.18
CA LYS B 243 15.73 -2.82 -13.37
C LYS B 243 15.67 -1.94 -12.13
N TYR B 244 14.64 -2.10 -11.31
CA TYR B 244 14.41 -1.21 -10.17
C TYR B 244 14.15 -1.99 -8.90
N HIS B 245 14.87 -3.10 -8.71
CA HIS B 245 14.65 -3.91 -7.52
C HIS B 245 15.15 -3.20 -6.27
N LEU B 246 16.43 -2.82 -6.25
CA LEU B 246 17.02 -2.13 -5.13
C LEU B 246 17.04 -0.62 -5.37
N THR B 247 17.04 0.13 -4.27
CA THR B 247 17.21 1.58 -4.36
C THR B 247 18.63 1.89 -4.80
N ALA B 248 18.78 2.63 -5.89
CA ALA B 248 20.08 2.89 -6.46
C ALA B 248 20.07 4.22 -7.19
N CYS B 249 21.26 4.77 -7.42
CA CYS B 249 21.40 5.98 -8.20
C CYS B 249 21.13 5.68 -9.67
N SER B 250 20.34 6.54 -10.31
CA SER B 250 20.00 6.32 -11.71
C SER B 250 21.13 6.66 -12.66
N ARG B 251 22.29 7.11 -12.15
CA ARG B 251 23.44 7.46 -12.97
C ARG B 251 24.58 6.46 -12.83
N CYS B 252 25.02 6.17 -11.61
CA CYS B 252 26.13 5.25 -11.39
C CYS B 252 25.71 3.91 -10.83
N TYR B 253 24.44 3.75 -10.46
CA TYR B 253 23.84 2.47 -10.06
C TYR B 253 24.42 1.93 -8.76
N THR B 254 25.02 2.79 -7.94
CA THR B 254 25.42 2.38 -6.60
C THR B 254 24.18 2.18 -5.75
N LYS B 255 24.11 1.04 -5.06
CA LYS B 255 22.95 0.73 -4.25
C LYS B 255 22.97 1.52 -2.96
N TYR B 256 21.78 1.87 -2.47
CA TYR B 256 21.63 2.58 -1.21
C TYR B 256 20.43 2.01 -0.47
N THR B 257 20.54 1.95 0.86
CA THR B 257 19.38 1.62 1.66
C THR B 257 18.35 2.74 1.57
N LEU B 258 17.08 2.38 1.78
CA LEU B 258 16.04 3.39 1.87
C LEU B 258 16.38 4.43 2.94
N GLN B 259 17.06 4.01 4.00
CA GLN B 259 17.46 4.94 5.04
C GLN B 259 18.49 5.95 4.52
N ASP B 260 19.49 5.47 3.78
CA ASP B 260 20.53 6.37 3.29
C ASP B 260 19.98 7.35 2.26
N ALA B 261 19.07 6.90 1.40
CA ALA B 261 18.65 7.70 0.26
C ALA B 261 17.84 8.92 0.68
N VAL B 262 16.77 8.72 1.45
CA VAL B 262 15.86 9.81 1.78
C VAL B 262 16.54 10.85 2.66
N SER B 263 17.59 10.48 3.40
CA SER B 263 18.34 11.47 4.16
C SER B 263 19.18 12.38 3.28
N LEU B 264 19.26 12.11 1.98
CA LEU B 264 20.02 12.91 1.04
C LEU B 264 19.14 13.64 0.04
N SER B 265 17.83 13.67 0.28
CA SER B 265 16.86 14.15 -0.71
C SER B 265 17.04 13.45 -2.05
N TRP B 266 17.48 12.19 -1.99
CA TRP B 266 17.69 11.35 -3.17
C TRP B 266 18.74 11.97 -4.10
N LYS B 267 19.94 12.15 -3.55
CA LYS B 267 21.07 12.72 -4.27
C LYS B 267 22.28 11.84 -4.02
N CYS B 268 22.85 11.28 -5.09
CA CYS B 268 23.98 10.38 -4.96
C CYS B 268 25.23 11.16 -4.55
N PRO B 269 25.92 10.76 -3.48
CA PRO B 269 27.17 11.45 -3.12
C PRO B 269 28.36 11.07 -4.00
N LYS B 270 28.29 9.93 -4.70
CA LYS B 270 29.40 9.52 -5.56
C LYS B 270 29.46 10.34 -6.84
N CYS B 271 28.30 10.58 -7.48
CA CYS B 271 28.28 11.25 -8.77
C CYS B 271 27.27 12.38 -8.88
N GLY B 272 26.40 12.57 -7.89
CA GLY B 272 25.41 13.62 -7.96
C GLY B 272 24.14 13.25 -8.71
N GLY B 273 23.93 11.98 -9.01
CA GLY B 273 22.76 11.57 -9.75
C GLY B 273 21.53 11.41 -8.87
N ILE B 274 20.40 11.25 -9.53
CA ILE B 274 19.12 11.08 -8.84
C ILE B 274 18.97 9.63 -8.41
N ILE B 275 18.58 9.41 -7.16
CA ILE B 275 18.41 8.07 -6.62
C ILE B 275 16.95 7.66 -6.79
N LYS B 276 16.73 6.48 -7.37
CA LYS B 276 15.39 5.96 -7.63
C LYS B 276 15.06 4.90 -6.59
N LYS B 277 13.85 4.98 -6.03
CA LYS B 277 13.43 4.00 -5.03
C LYS B 277 13.24 2.63 -5.67
N GLY B 278 13.75 1.61 -4.99
CA GLY B 278 13.60 0.25 -5.47
C GLY B 278 12.27 -0.35 -5.08
N VAL B 279 11.80 -1.28 -5.91
CA VAL B 279 10.52 -1.95 -5.65
C VAL B 279 10.56 -2.67 -4.31
N ARG B 280 11.71 -3.24 -3.97
CA ARG B 280 11.83 -3.95 -2.69
C ARG B 280 11.64 -3.00 -1.51
N ASP B 281 12.24 -1.81 -1.59
CA ASP B 281 12.09 -0.85 -0.50
C ASP B 281 10.68 -0.27 -0.45
N ARG B 282 10.02 -0.14 -1.60
CA ARG B 282 8.63 0.31 -1.61
C ARG B 282 7.74 -0.68 -0.85
N ILE B 283 8.01 -1.98 -1.01
CA ILE B 283 7.23 -2.98 -0.30
C ILE B 283 7.60 -3.01 1.18
N LEU B 284 8.87 -2.74 1.52
CA LEU B 284 9.25 -2.66 2.93
C LEU B 284 8.53 -1.52 3.64
N GLU B 285 8.27 -0.42 2.93
CA GLU B 285 7.53 0.69 3.52
C GLU B 285 6.12 0.25 3.93
N LEU B 286 5.49 -0.60 3.13
CA LEU B 286 4.11 -1.01 3.34
C LEU B 286 3.97 -2.33 4.08
N ALA B 287 5.08 -3.03 4.34
CA ALA B 287 5.02 -4.35 4.93
C ALA B 287 4.46 -4.29 6.34
N ASP B 288 3.48 -5.16 6.63
CA ASP B 288 2.87 -5.23 7.94
C ASP B 288 2.70 -6.65 8.46
N THR B 289 3.12 -7.67 7.70
CA THR B 289 2.98 -9.05 8.13
C THR B 289 4.23 -9.83 7.76
N SER B 290 4.57 -10.79 8.61
CA SER B 290 5.66 -11.73 8.36
C SER B 290 5.16 -13.09 7.90
N GLU B 291 3.85 -13.23 7.67
CA GLU B 291 3.23 -14.51 7.36
C GLU B 291 2.83 -14.58 5.90
N LYS B 292 2.62 -15.81 5.44
CA LYS B 292 2.14 -16.13 4.10
C LYS B 292 0.80 -16.86 4.19
N PRO B 293 -0.04 -16.73 3.18
CA PRO B 293 -1.25 -17.56 3.13
C PRO B 293 -0.90 -19.04 3.10
N LYS B 294 -1.69 -19.82 3.86
CA LYS B 294 -1.40 -21.24 4.04
C LYS B 294 -1.51 -22.01 2.73
N ASP B 295 -2.36 -21.55 1.81
CA ASP B 295 -2.62 -22.24 0.56
C ASP B 295 -2.14 -21.45 -0.65
N ARG B 296 -1.21 -20.52 -0.46
CA ARG B 296 -0.69 -19.75 -1.58
C ARG B 296 0.09 -20.66 -2.51
N PRO B 297 -0.17 -20.61 -3.82
CA PRO B 297 0.60 -21.44 -4.75
C PRO B 297 2.03 -21.01 -4.78
N PRO B 298 2.98 -21.93 -5.01
CA PRO B 298 4.39 -21.54 -5.09
C PRO B 298 4.65 -20.68 -6.32
N TYR B 299 5.60 -19.77 -6.17
CA TYR B 299 6.09 -18.96 -7.29
C TYR B 299 7.38 -19.59 -7.78
N VAL B 300 7.42 -19.92 -9.07
CA VAL B 300 8.59 -20.55 -9.68
C VAL B 300 9.34 -19.50 -10.47
N ARG B 301 10.59 -19.24 -10.06
CA ARG B 301 11.45 -18.31 -10.79
C ARG B 301 12.07 -19.03 -11.98
N LEU B 302 11.87 -18.47 -13.17
CA LEU B 302 12.38 -19.10 -14.38
C LEU B 302 12.65 -18.03 -15.42
N ALA B 303 13.41 -18.40 -16.44
CA ALA B 303 13.75 -17.53 -17.55
C ALA B 303 13.37 -18.21 -18.86
N PRO B 304 13.11 -17.42 -19.90
CA PRO B 304 12.84 -18.03 -21.22
C PRO B 304 14.01 -18.88 -21.68
N LEU B 305 13.69 -19.93 -22.45
CA LEU B 305 14.71 -20.89 -22.86
C LEU B 305 15.79 -20.24 -23.70
N ALA B 306 15.40 -19.42 -24.68
CA ALA B 306 16.39 -18.74 -25.51
C ALA B 306 17.25 -17.79 -24.69
N GLU B 307 16.71 -17.28 -23.59
CA GLU B 307 17.51 -16.45 -22.69
C GLU B 307 18.57 -17.28 -21.98
N ILE B 308 18.24 -18.52 -21.63
CA ILE B 308 19.21 -19.40 -20.98
C ILE B 308 20.25 -19.88 -21.99
N ILE B 309 19.81 -20.23 -23.20
CA ILE B 309 20.73 -20.69 -24.23
C ILE B 309 21.72 -19.58 -24.59
N ALA B 310 21.25 -18.34 -24.62
CA ALA B 310 22.15 -17.22 -24.91
C ALA B 310 23.20 -17.06 -23.83
N MET B 311 22.86 -17.35 -22.57
CA MET B 311 23.84 -17.25 -21.49
C MET B 311 24.84 -18.40 -21.54
N VAL B 312 24.37 -19.61 -21.87
CA VAL B 312 25.26 -20.77 -21.89
C VAL B 312 26.23 -20.67 -23.05
N LEU B 313 25.75 -20.28 -24.23
CA LEU B 313 26.59 -20.20 -25.43
C LEU B 313 27.47 -18.96 -25.46
N GLY B 314 27.19 -17.96 -24.62
CA GLY B 314 27.88 -16.68 -24.72
C GLY B 314 27.46 -15.84 -25.90
N LYS B 315 26.58 -16.36 -26.77
CA LYS B 315 26.12 -15.65 -27.95
C LYS B 315 24.92 -14.76 -27.61
N GLY B 316 24.60 -13.87 -28.55
CA GLY B 316 23.41 -13.05 -28.42
C GLY B 316 22.14 -13.83 -28.65
N ILE B 317 21.03 -13.27 -28.20
CA ILE B 317 19.76 -13.99 -28.20
C ILE B 317 19.17 -14.12 -29.60
N GLU B 318 19.52 -13.23 -30.52
CA GLU B 318 19.05 -13.30 -31.90
C GLU B 318 20.10 -13.91 -32.83
N SER B 319 21.11 -14.56 -32.29
CA SER B 319 22.15 -15.17 -33.10
C SER B 319 21.66 -16.50 -33.67
N LYS B 320 22.34 -16.95 -34.72
CA LYS B 320 21.99 -18.23 -35.35
C LYS B 320 22.15 -19.39 -34.38
N ALA B 321 23.24 -19.38 -33.60
CA ALA B 321 23.52 -20.50 -32.71
C ALA B 321 22.43 -20.65 -31.65
N VAL B 322 21.94 -19.54 -31.12
CA VAL B 322 20.85 -19.61 -30.14
C VAL B 322 19.57 -20.07 -30.81
N LYS B 323 19.26 -19.52 -32.00
CA LYS B 323 18.08 -19.96 -32.74
C LYS B 323 18.15 -21.43 -33.10
N LEU B 324 19.33 -21.91 -33.48
CA LEU B 324 19.48 -23.31 -33.89
C LEU B 324 19.25 -24.25 -32.72
N LEU B 325 19.97 -24.03 -31.61
CA LEU B 325 19.80 -24.89 -30.44
C LEU B 325 18.40 -24.78 -29.85
N TRP B 326 17.76 -23.62 -29.98
CA TRP B 326 16.41 -23.45 -29.47
C TRP B 326 15.41 -24.28 -30.27
N ASN B 327 15.60 -24.37 -31.58
CA ASN B 327 14.70 -25.18 -32.41
C ASN B 327 14.93 -26.67 -32.19
N ARG B 328 16.16 -27.06 -31.83
CA ARG B 328 16.42 -28.47 -31.54
C ARG B 328 15.67 -28.92 -30.29
N PHE B 329 15.60 -28.05 -29.28
CA PHE B 329 14.82 -28.38 -28.09
C PHE B 329 13.34 -28.45 -28.41
N LEU B 330 12.83 -27.52 -29.22
CA LEU B 330 11.41 -27.51 -29.56
C LEU B 330 11.03 -28.58 -30.56
N ARG B 331 12.00 -29.33 -31.10
CA ARG B 331 11.71 -30.47 -31.95
C ARG B 331 11.73 -31.78 -31.17
N GLU B 332 12.67 -31.93 -30.23
CA GLU B 332 12.68 -33.11 -29.37
C GLU B 332 11.50 -33.09 -28.41
N PHE B 333 11.16 -31.92 -27.89
CA PHE B 333 10.06 -31.75 -26.96
C PHE B 333 9.08 -30.74 -27.52
N GLY B 334 7.82 -30.85 -27.11
CA GLY B 334 6.76 -30.07 -27.71
C GLY B 334 6.78 -28.59 -27.39
N SER B 335 7.13 -28.23 -26.15
CA SER B 335 6.95 -26.87 -25.66
C SER B 335 8.22 -26.39 -24.96
N GLU B 336 8.32 -25.08 -24.81
CA GLU B 336 9.42 -24.49 -24.05
C GLU B 336 9.19 -24.59 -22.55
N ILE B 337 7.94 -24.38 -22.11
CA ILE B 337 7.62 -24.48 -20.70
C ILE B 337 7.93 -25.88 -20.18
N ARG B 338 7.59 -26.90 -20.97
CA ARG B 338 7.85 -28.28 -20.57
C ARG B 338 9.33 -28.52 -20.30
N VAL B 339 10.20 -27.89 -21.09
CA VAL B 339 11.63 -28.06 -20.91
C VAL B 339 12.09 -27.37 -19.63
N LEU B 340 11.55 -26.18 -19.34
CA LEU B 340 12.06 -25.37 -18.24
C LEU B 340 11.65 -25.94 -16.89
N ILE B 341 10.47 -26.53 -16.79
CA ILE B 341 9.85 -26.85 -15.51
C ILE B 341 9.70 -28.35 -15.31
N ASP B 342 9.22 -29.07 -16.34
CA ASP B 342 8.67 -30.40 -16.14
C ASP B 342 9.62 -31.53 -16.52
N LEU B 343 10.43 -31.38 -17.55
CA LEU B 343 11.21 -32.50 -18.02
C LEU B 343 12.48 -32.71 -17.19
N PRO B 344 12.90 -33.95 -17.00
CA PRO B 344 14.07 -34.22 -16.16
C PRO B 344 15.35 -33.68 -16.77
N ILE B 345 16.31 -33.37 -15.89
CA ILE B 345 17.59 -32.83 -16.32
C ILE B 345 18.30 -33.81 -17.24
N GLU B 346 18.13 -35.12 -16.99
CA GLU B 346 18.78 -36.13 -17.83
C GLU B 346 18.19 -36.13 -19.24
N SER B 347 16.87 -35.97 -19.34
CA SER B 347 16.25 -35.87 -20.66
C SER B 347 16.70 -34.62 -21.40
N ILE B 348 16.88 -33.52 -20.66
CA ILE B 348 17.35 -32.28 -21.27
C ILE B 348 18.79 -32.43 -21.75
N ALA B 349 19.60 -33.19 -21.00
CA ALA B 349 21.01 -33.35 -21.35
C ALA B 349 21.21 -34.06 -22.68
N SER B 350 20.22 -34.84 -23.14
CA SER B 350 20.34 -35.52 -24.41
C SER B 350 20.47 -34.53 -25.57
N VAL B 351 19.80 -33.39 -25.46
CA VAL B 351 19.90 -32.37 -26.50
C VAL B 351 21.13 -31.49 -26.27
N HIS B 352 21.36 -31.08 -25.03
CA HIS B 352 22.49 -30.22 -24.70
C HIS B 352 22.74 -30.31 -23.19
N GLU B 353 23.99 -30.61 -22.81
CA GLU B 353 24.30 -30.78 -21.40
C GLU B 353 24.57 -29.45 -20.70
N GLY B 354 25.04 -28.44 -21.42
CA GLY B 354 25.22 -27.13 -20.83
C GLY B 354 23.91 -26.45 -20.48
N VAL B 355 22.88 -26.67 -21.31
CA VAL B 355 21.56 -26.12 -21.00
C VAL B 355 20.94 -26.87 -19.84
N ALA B 356 21.16 -28.18 -19.75
CA ALA B 356 20.61 -28.96 -18.65
C ALA B 356 21.20 -28.52 -17.31
N LYS B 357 22.49 -28.21 -17.28
CA LYS B 357 23.11 -27.71 -16.06
C LYS B 357 22.48 -26.40 -15.62
N ALA B 358 22.39 -25.43 -16.55
CA ALA B 358 21.84 -24.13 -16.22
C ALA B 358 20.40 -24.24 -15.72
N ILE B 359 19.59 -25.06 -16.40
CA ILE B 359 18.21 -25.26 -15.97
C ILE B 359 18.18 -25.91 -14.60
N TRP B 360 19.08 -26.86 -14.34
CA TRP B 360 19.17 -27.45 -13.01
C TRP B 360 19.53 -26.40 -11.97
N ALA B 361 20.39 -25.45 -12.33
CA ALA B 361 20.72 -24.37 -11.40
C ALA B 361 19.53 -23.46 -11.16
N TYR B 362 18.68 -23.26 -12.17
CA TYR B 362 17.48 -22.44 -11.99
C TYR B 362 16.50 -23.11 -11.04
N ARG B 363 16.22 -24.40 -11.24
CA ARG B 363 15.24 -25.09 -10.42
C ARG B 363 15.68 -25.21 -8.98
N ASN B 364 16.99 -25.28 -8.74
CA ASN B 364 17.52 -25.52 -7.40
C ASN B 364 18.10 -24.28 -6.76
N ASN B 365 17.87 -23.09 -7.33
CA ASN B 365 18.29 -21.82 -6.74
C ASN B 365 19.78 -21.82 -6.42
N LYS B 366 20.58 -22.33 -7.35
CA LYS B 366 22.02 -22.40 -7.20
C LYS B 366 22.75 -21.46 -8.16
N LEU B 367 22.11 -20.35 -8.51
CA LEU B 367 22.67 -19.35 -9.41
C LEU B 367 23.15 -18.14 -8.62
N ILE B 368 24.26 -17.56 -9.06
CA ILE B 368 24.83 -16.37 -8.42
C ILE B 368 24.17 -15.14 -9.03
N ILE B 369 23.55 -14.33 -8.18
CA ILE B 369 22.68 -13.25 -8.62
C ILE B 369 23.25 -11.92 -8.12
N VAL B 370 23.33 -10.95 -9.02
CA VAL B 370 23.62 -9.56 -8.69
C VAL B 370 22.33 -8.77 -8.87
N PRO B 371 21.75 -8.21 -7.81
CA PRO B 371 20.45 -7.54 -7.95
C PRO B 371 20.56 -6.26 -8.76
N GLY B 372 19.45 -5.93 -9.44
CA GLY B 372 19.38 -4.71 -10.21
C GLY B 372 18.86 -3.53 -9.41
N GLY B 373 18.90 -2.36 -10.05
CA GLY B 373 18.44 -1.14 -9.40
C GLY B 373 18.79 0.12 -10.17
N GLY B 374 18.05 1.19 -9.93
CA GLY B 374 18.30 2.46 -10.59
C GLY B 374 18.13 2.48 -12.09
N GLY B 375 17.50 1.47 -12.68
CA GLY B 375 17.36 1.40 -14.13
C GLY B 375 18.24 0.38 -14.80
N LYS B 376 19.11 -0.29 -14.07
CA LYS B 376 20.03 -1.29 -14.61
C LYS B 376 19.56 -2.68 -14.20
N TYR B 377 19.50 -3.59 -15.18
CA TYR B 377 19.11 -4.95 -14.89
C TYR B 377 20.16 -5.66 -14.06
N GLY B 378 19.74 -6.75 -13.42
CA GLY B 378 20.65 -7.55 -12.63
C GLY B 378 21.44 -8.54 -13.47
N GLU B 379 22.50 -9.07 -12.86
CA GLU B 379 23.39 -10.02 -13.52
C GLU B 379 23.23 -11.40 -12.91
N ILE B 380 23.53 -12.42 -13.73
CA ILE B 380 23.35 -13.81 -13.34
C ILE B 380 24.45 -14.63 -13.99
N ARG B 381 25.02 -15.56 -13.22
CA ARG B 381 26.07 -16.42 -13.74
C ARG B 381 26.04 -17.76 -13.01
N ILE B 382 26.42 -18.81 -13.74
CA ILE B 382 26.47 -20.17 -13.20
C ILE B 382 27.85 -20.36 -12.56
N PRO B 383 27.93 -20.86 -11.33
CA PRO B 383 29.23 -21.00 -10.68
C PRO B 383 30.12 -22.01 -11.39
N GLU B 384 31.42 -21.91 -11.11
CA GLU B 384 32.40 -22.78 -11.75
C GLU B 384 32.11 -24.26 -11.47
N GLU B 385 31.64 -24.56 -10.26
CA GLU B 385 31.49 -25.95 -9.85
C GLU B 385 30.37 -26.64 -10.62
N ILE B 386 29.34 -25.89 -11.02
CA ILE B 386 28.28 -26.48 -11.84
C ILE B 386 28.74 -26.63 -13.29
N LEU B 387 29.52 -25.66 -13.79
CA LEU B 387 30.00 -25.73 -15.16
C LEU B 387 30.97 -26.87 -15.37
N LYS B 388 31.75 -27.23 -14.35
CA LYS B 388 32.72 -28.31 -14.45
C LYS B 388 32.12 -29.68 -14.19
N ALA B 389 31.04 -29.75 -13.40
CA ALA B 389 30.53 -31.03 -12.95
C ALA B 389 29.93 -31.83 -14.09
N LYS B 390 29.89 -33.15 -13.89
CA LYS B 390 29.15 -34.02 -14.78
C LYS B 390 27.67 -34.02 -14.40
N ILE B 391 26.83 -34.40 -15.37
CA ILE B 391 25.39 -34.43 -15.11
C ILE B 391 25.07 -35.38 -13.96
N GLU B 392 25.81 -36.50 -13.87
N GLU B 392 25.82 -36.48 -13.86
CA GLU B 392 25.55 -37.45 -12.80
CA GLU B 392 25.57 -37.46 -12.81
C GLU B 392 25.88 -36.87 -11.43
C GLU B 392 25.95 -36.93 -11.44
N ASP B 393 26.86 -35.96 -11.37
CA ASP B 393 27.34 -35.41 -10.11
C ASP B 393 26.60 -34.13 -9.70
N LEU B 394 25.41 -33.89 -10.25
CA LEU B 394 24.69 -32.67 -9.89
C LEU B 394 24.05 -32.78 -8.51
N ASN B 395 23.69 -33.98 -8.06
CA ASN B 395 23.09 -34.13 -6.75
C ASN B 395 24.08 -33.84 -5.63
N SER B 396 25.37 -34.07 -5.88
CA SER B 396 26.41 -33.91 -4.88
C SER B 396 27.15 -32.59 -5.01
N ILE B 397 26.54 -31.60 -5.67
CA ILE B 397 27.22 -30.34 -5.93
C ILE B 397 27.49 -29.61 -4.62
N GLU B 398 28.71 -29.09 -4.49
CA GLU B 398 29.07 -28.23 -3.38
C GLU B 398 29.78 -27.00 -3.92
N MET C 1 -29.36 56.51 23.38
CA MET C 1 -30.17 55.62 24.19
C MET C 1 -30.38 54.29 23.48
N VAL C 2 -30.07 53.19 24.18
CA VAL C 2 -30.07 51.86 23.61
C VAL C 2 -31.28 51.10 24.14
N VAL C 3 -32.09 50.59 23.23
CA VAL C 3 -33.25 49.77 23.58
C VAL C 3 -33.22 48.50 22.75
N ASP C 4 -33.64 47.39 23.35
CA ASP C 4 -33.73 46.11 22.66
C ASP C 4 -35.20 45.77 22.45
N GLY C 5 -35.55 45.44 21.22
CA GLY C 5 -36.94 45.21 20.87
C GLY C 5 -37.24 43.97 20.07
N ASP C 6 -38.32 43.29 20.42
CA ASP C 6 -38.83 42.13 19.68
C ASP C 6 -40.22 42.52 19.17
N LEU C 7 -40.37 42.63 17.85
CA LEU C 7 -41.53 43.26 17.26
C LEU C 7 -42.51 42.30 16.62
N HIS C 8 -42.27 40.99 16.68
CA HIS C 8 -43.17 40.00 16.11
C HIS C 8 -43.44 38.92 17.15
N ILE C 9 -44.62 38.96 17.76
CA ILE C 9 -45.08 37.94 18.69
C ILE C 9 -46.55 37.66 18.39
N HIS C 10 -47.15 36.76 19.19
CA HIS C 10 -48.55 36.41 19.01
C HIS C 10 -49.23 36.31 20.38
N SER C 11 -50.50 36.69 20.40
CA SER C 11 -51.29 36.67 21.62
C SER C 11 -51.96 35.31 21.81
N HIS C 12 -52.61 35.15 22.96
CA HIS C 12 -53.34 33.92 23.23
C HIS C 12 -54.55 33.75 22.32
N TYR C 13 -54.88 34.75 21.52
CA TYR C 13 -55.93 34.62 20.51
C TYR C 13 -55.44 33.93 19.24
N SER C 14 -54.15 33.68 19.10
CA SER C 14 -53.60 33.05 17.92
C SER C 14 -53.64 31.53 18.04
N LYS C 15 -53.67 30.86 16.89
CA LYS C 15 -53.66 29.40 16.87
C LYS C 15 -52.32 28.87 17.36
N ALA C 16 -52.39 27.78 18.14
CA ALA C 16 -51.20 27.07 18.60
C ALA C 16 -50.25 27.98 19.36
N VAL C 17 -50.82 28.78 20.27
CA VAL C 17 -50.06 29.73 21.07
C VAL C 17 -50.43 29.53 22.53
N SER C 18 -49.44 29.67 23.41
CA SER C 18 -49.66 29.48 24.84
C SER C 18 -50.72 30.44 25.36
N LYS C 19 -51.59 29.92 26.23
CA LYS C 19 -52.57 30.77 26.91
C LYS C 19 -51.92 31.76 27.86
N LEU C 20 -50.62 31.66 28.09
CA LEU C 20 -49.89 32.61 28.92
C LEU C 20 -49.42 33.83 28.14
N MET C 21 -49.73 33.92 26.85
CA MET C 21 -49.39 35.11 26.05
C MET C 21 -50.45 36.18 26.32
N THR C 22 -50.34 36.78 27.50
CA THR C 22 -51.15 37.92 27.88
C THR C 22 -50.23 39.11 28.15
N PHE C 23 -50.81 40.31 28.17
CA PHE C 23 -50.00 41.50 28.35
C PHE C 23 -49.24 41.53 29.67
N PRO C 24 -49.82 41.17 30.83
CA PRO C 24 -48.99 41.13 32.05
C PRO C 24 -47.86 40.13 31.98
N ILE C 25 -48.13 38.90 31.53
CA ILE C 25 -47.11 37.86 31.52
C ILE C 25 -46.03 38.17 30.49
N ILE C 26 -46.43 38.69 29.33
CA ILE C 26 -45.44 39.10 28.32
C ILE C 26 -44.54 40.18 28.88
N ALA C 27 -45.11 41.12 29.64
CA ALA C 27 -44.32 42.23 30.19
C ALA C 27 -43.34 41.74 31.24
N GLU C 28 -43.76 40.83 32.12
CA GLU C 28 -42.86 40.36 33.18
C GLU C 28 -41.70 39.57 32.60
N ASN C 29 -41.94 38.79 31.55
CA ASN C 29 -40.86 38.04 30.91
C ASN C 29 -40.00 38.92 30.02
N ALA C 30 -40.53 40.04 29.52
CA ALA C 30 -39.70 40.98 28.76
C ALA C 30 -38.67 41.65 29.67
N LYS C 31 -39.06 41.95 30.91
CA LYS C 31 -38.12 42.51 31.87
C LYS C 31 -37.01 41.52 32.18
N LEU C 32 -37.35 40.24 32.32
CA LEU C 32 -36.33 39.22 32.56
C LEU C 32 -35.44 39.04 31.34
N LYS C 33 -36.02 39.07 30.14
CA LYS C 33 -35.22 38.91 28.93
C LYS C 33 -34.32 40.12 28.71
N GLY C 34 -34.80 41.31 29.03
CA GLY C 34 -34.10 42.54 28.74
C GLY C 34 -34.69 43.35 27.62
N LEU C 35 -35.88 43.01 27.15
CA LEU C 35 -36.52 43.70 26.03
C LEU C 35 -37.18 44.97 26.54
N ASN C 36 -36.59 46.12 26.22
CA ASN C 36 -37.22 47.40 26.57
C ASN C 36 -38.47 47.66 25.76
N LEU C 37 -38.61 47.02 24.60
CA LEU C 37 -39.73 47.25 23.70
C LEU C 37 -40.21 45.91 23.15
N VAL C 38 -41.53 45.77 23.06
CA VAL C 38 -42.15 44.56 22.51
C VAL C 38 -43.31 44.98 21.61
N GLY C 39 -43.43 44.32 20.46
CA GLY C 39 -44.62 44.50 19.65
C GLY C 39 -45.81 43.79 20.27
N THR C 40 -46.99 44.39 20.09
CA THR C 40 -48.20 43.79 20.66
C THR C 40 -48.53 42.47 19.98
N GLY C 41 -48.30 42.38 18.67
CA GLY C 41 -48.78 41.26 17.89
C GLY C 41 -50.30 41.30 17.78
N ASP C 42 -50.85 40.62 16.78
CA ASP C 42 -52.29 40.39 16.66
C ASP C 42 -53.11 41.66 16.91
N SER C 43 -52.58 42.81 16.47
CA SER C 43 -53.24 44.07 16.78
C SER C 43 -54.54 44.27 16.00
N LEU C 44 -54.75 43.50 14.93
CA LEU C 44 -55.99 43.61 14.18
C LEU C 44 -57.15 42.87 14.84
N ASN C 45 -56.89 42.09 15.87
CA ASN C 45 -57.94 41.43 16.63
C ASN C 45 -58.49 42.39 17.67
N PRO C 46 -59.77 42.77 17.60
CA PRO C 46 -60.29 43.79 18.52
C PRO C 46 -60.28 43.36 19.98
N HIS C 47 -60.32 42.06 20.27
CA HIS C 47 -60.29 41.62 21.67
C HIS C 47 -58.89 41.76 22.25
N TRP C 48 -57.85 41.56 21.43
CA TRP C 48 -56.49 41.80 21.89
C TRP C 48 -56.22 43.30 22.03
N GLU C 49 -56.83 44.12 21.18
CA GLU C 49 -56.76 45.56 21.35
C GLU C 49 -57.43 46.00 22.64
N LYS C 50 -58.51 45.32 23.03
CA LYS C 50 -59.21 45.68 24.26
C LYS C 50 -58.34 45.40 25.49
N GLU C 51 -57.65 44.25 25.50
CA GLU C 51 -56.78 43.93 26.62
C GLU C 51 -55.57 44.86 26.68
N LEU C 52 -55.17 45.44 25.54
CA LEU C 52 -54.11 46.43 25.55
C LEU C 52 -54.55 47.70 26.28
N LEU C 53 -55.69 48.27 25.86
CA LEU C 53 -56.20 49.46 26.53
C LEU C 53 -56.48 49.22 28.00
N LYS C 54 -56.79 47.96 28.37
CA LYS C 54 -57.08 47.64 29.76
C LYS C 54 -55.81 47.56 30.61
N HIS C 55 -54.77 46.92 30.08
CA HIS C 55 -53.56 46.65 30.86
C HIS C 55 -52.47 47.69 30.68
N SER C 56 -52.66 48.70 29.81
CA SER C 56 -51.60 49.63 29.49
C SER C 56 -52.01 51.06 29.83
N LYS C 57 -51.00 51.94 29.90
CA LYS C 57 -51.12 53.37 30.01
C LYS C 57 -50.56 54.04 28.76
N PRO C 58 -51.19 55.11 28.27
CA PRO C 58 -50.71 55.74 27.03
C PRO C 58 -49.45 56.56 27.26
N ILE C 59 -48.48 56.39 26.35
CA ILE C 59 -47.22 57.12 26.38
C ILE C 59 -47.30 58.04 25.18
N ASP C 60 -47.93 57.54 24.14
CA ASP C 60 -47.95 58.17 22.83
C ASP C 60 -49.30 57.81 22.22
N ASP C 61 -49.61 58.43 21.07
CA ASP C 61 -50.76 57.95 20.32
C ASP C 61 -50.52 56.55 19.78
N GLY C 62 -49.26 56.10 19.76
CA GLY C 62 -48.96 54.75 19.31
C GLY C 62 -47.95 54.01 20.15
N THR C 63 -47.71 54.47 21.38
CA THR C 63 -46.82 53.79 22.31
C THR C 63 -47.54 53.60 23.64
N PHE C 64 -47.41 52.40 24.21
CA PHE C 64 -48.11 52.03 25.42
C PHE C 64 -47.13 51.37 26.39
N GLU C 65 -47.48 51.40 27.68
CA GLU C 65 -46.61 50.87 28.72
C GLU C 65 -47.39 49.88 29.59
N VAL C 66 -46.80 48.71 29.80
CA VAL C 66 -47.39 47.67 30.65
C VAL C 66 -46.32 47.26 31.66
N ASN C 67 -46.49 47.69 32.92
CA ASN C 67 -45.59 47.32 34.01
C ASN C 67 -44.13 47.64 33.68
N GLY C 68 -43.92 48.86 33.19
CA GLY C 68 -42.58 49.29 32.85
C GLY C 68 -42.01 48.72 31.57
N VAL C 69 -42.86 48.24 30.67
CA VAL C 69 -42.44 47.69 29.38
C VAL C 69 -43.20 48.41 28.28
N LYS C 70 -42.48 48.88 27.26
CA LYS C 70 -43.09 49.66 26.19
C LYS C 70 -43.57 48.73 25.08
N PHE C 71 -44.76 49.03 24.56
CA PHE C 71 -45.36 48.29 23.46
C PHE C 71 -45.69 49.23 22.32
N ILE C 72 -45.49 48.74 21.10
CA ILE C 72 -45.98 49.42 19.89
C ILE C 72 -46.82 48.42 19.10
N LEU C 73 -47.67 48.97 18.23
CA LEU C 73 -48.69 48.19 17.55
C LEU C 73 -48.08 47.40 16.40
N THR C 74 -48.15 46.08 16.47
CA THR C 74 -47.69 45.19 15.40
C THR C 74 -48.73 44.11 15.14
N CYS C 75 -48.69 43.56 13.93
CA CYS C 75 -49.60 42.48 13.57
C CYS C 75 -49.05 41.76 12.35
N GLU C 76 -49.32 40.46 12.27
CA GLU C 76 -48.95 39.63 11.14
C GLU C 76 -50.21 39.16 10.43
N VAL C 77 -50.17 39.16 9.10
CA VAL C 77 -51.29 38.74 8.27
C VAL C 77 -50.82 37.71 7.26
N GLU C 78 -51.78 36.92 6.78
CA GLU C 78 -51.53 35.85 5.81
C GLU C 78 -52.36 36.13 4.57
N ASP C 79 -51.73 36.08 3.40
CA ASP C 79 -52.36 36.50 2.16
C ASP C 79 -52.93 35.31 1.40
N LYS C 80 -53.36 35.56 0.15
CA LYS C 80 -53.93 34.51 -0.69
C LYS C 80 -53.00 33.32 -0.80
N ARG C 81 -51.70 33.57 -0.90
CA ARG C 81 -50.70 32.54 -1.14
C ARG C 81 -50.12 31.98 0.15
N ARG C 82 -50.77 32.23 1.28
CA ARG C 82 -50.33 31.79 2.61
C ARG C 82 -48.99 32.41 3.01
N VAL C 83 -48.60 33.52 2.39
CA VAL C 83 -47.37 34.23 2.76
C VAL C 83 -47.68 35.21 3.89
N HIS C 84 -46.78 35.28 4.86
CA HIS C 84 -46.96 36.13 6.03
C HIS C 84 -46.29 37.48 5.83
N HIS C 85 -46.92 38.53 6.36
CA HIS C 85 -46.38 39.88 6.30
C HIS C 85 -46.52 40.53 7.67
N LEU C 86 -45.50 41.27 8.08
CA LEU C 86 -45.49 41.98 9.35
C LEU C 86 -45.93 43.42 9.15
N LEU C 87 -46.78 43.91 10.04
CA LEU C 87 -47.30 45.27 10.00
C LEU C 87 -46.95 45.99 11.30
N ILE C 88 -46.54 47.24 11.19
CA ILE C 88 -46.28 48.10 12.34
C ILE C 88 -47.10 49.36 12.18
N PHE C 89 -48.04 49.60 13.11
CA PHE C 89 -49.03 50.65 12.97
C PHE C 89 -48.63 51.88 13.76
N PRO C 90 -48.74 53.08 13.18
CA PRO C 90 -48.41 54.30 13.96
C PRO C 90 -49.36 54.55 15.11
N THR C 91 -50.67 54.52 14.86
CA THR C 91 -51.66 54.77 15.90
C THR C 91 -52.75 53.71 15.83
N LEU C 92 -53.65 53.72 16.81
CA LEU C 92 -54.77 52.79 16.82
C LEU C 92 -55.76 53.09 15.70
N SER C 93 -55.82 54.34 15.23
CA SER C 93 -56.73 54.66 14.14
C SER C 93 -56.29 53.98 12.85
N GLN C 94 -54.98 53.87 12.62
CA GLN C 94 -54.49 53.12 11.48
C GLN C 94 -54.81 51.64 11.61
N VAL C 95 -54.74 51.10 12.83
CA VAL C 95 -55.19 49.73 13.07
C VAL C 95 -56.65 49.59 12.67
N ARG C 96 -57.49 50.52 13.11
CA ARG C 96 -58.92 50.42 12.84
C ARG C 96 -59.23 50.63 11.36
N GLU C 97 -58.58 51.60 10.72
CA GLU C 97 -58.80 51.83 9.30
C GLU C 97 -58.37 50.61 8.48
N PHE C 98 -57.22 50.02 8.82
CA PHE C 98 -56.79 48.81 8.12
C PHE C 98 -57.71 47.64 8.41
N ARG C 99 -58.14 47.49 9.67
CA ARG C 99 -59.11 46.45 10.01
C ARG C 99 -60.40 46.61 9.20
N GLU C 100 -60.77 47.86 8.88
CA GLU C 100 -61.98 48.10 8.11
C GLU C 100 -61.81 47.73 6.64
N LYS C 101 -60.65 48.03 6.06
CA LYS C 101 -60.46 47.84 4.62
C LYS C 101 -60.32 46.37 4.26
N VAL C 102 -59.78 45.55 5.16
CA VAL C 102 -59.60 44.12 4.90
C VAL C 102 -60.71 43.27 5.51
N LYS C 103 -61.70 43.91 6.15
CA LYS C 103 -62.73 43.15 6.85
C LYS C 103 -63.58 42.32 5.91
N ILE C 104 -63.82 42.80 4.68
CA ILE C 104 -64.65 42.07 3.73
C ILE C 104 -63.87 40.98 3.00
N TYR C 105 -62.54 40.99 3.09
CA TYR C 105 -61.71 39.95 2.49
C TYR C 105 -61.26 38.91 3.50
N SER C 106 -61.89 38.85 4.67
CA SER C 106 -61.41 37.99 5.74
C SER C 106 -62.58 37.40 6.52
N THR C 107 -62.33 36.24 7.12
CA THR C 107 -63.28 35.56 7.98
C THR C 107 -62.93 35.64 9.46
N ASN C 108 -61.63 35.71 9.78
CA ASN C 108 -61.14 35.43 11.12
C ASN C 108 -60.51 36.65 11.79
N ILE C 109 -61.05 37.85 11.53
CA ILE C 109 -60.52 39.04 12.19
C ILE C 109 -60.72 38.95 13.71
N GLU C 110 -61.88 38.45 14.13
CA GLU C 110 -62.22 38.38 15.54
C GLU C 110 -61.89 37.04 16.18
N SER C 111 -61.86 35.96 15.40
CA SER C 111 -61.68 34.64 16.00
C SER C 111 -60.21 34.26 16.17
N GLU C 112 -59.32 34.82 15.36
CA GLU C 112 -57.92 34.43 15.36
C GLU C 112 -57.03 35.64 15.61
N GLY C 113 -55.75 35.36 15.82
CA GLY C 113 -54.75 36.38 16.05
C GLY C 113 -54.05 36.81 14.78
N ARG C 114 -53.87 35.89 13.83
CA ARG C 114 -53.32 36.23 12.52
C ARG C 114 -54.43 36.13 11.48
N PRO C 115 -54.99 37.23 11.01
CA PRO C 115 -56.10 37.16 10.05
C PRO C 115 -55.64 36.67 8.69
N ASN C 116 -56.50 35.86 8.06
CA ASN C 116 -56.27 35.38 6.71
C ASN C 116 -57.00 36.30 5.74
N LEU C 117 -56.25 36.95 4.86
CA LEU C 117 -56.79 37.95 3.94
C LEU C 117 -56.80 37.39 2.53
N ASN C 118 -57.97 37.44 1.89
CA ASN C 118 -58.10 37.02 0.49
C ASN C 118 -57.60 38.13 -0.44
N LEU C 119 -56.31 38.45 -0.27
CA LEU C 119 -55.66 39.50 -1.03
C LEU C 119 -54.24 39.05 -1.36
N THR C 120 -53.66 39.65 -2.38
CA THR C 120 -52.28 39.36 -2.73
C THR C 120 -51.34 40.17 -1.84
N ALA C 121 -50.06 39.78 -1.87
CA ALA C 121 -49.05 40.51 -1.10
C ALA C 121 -48.98 41.97 -1.55
N GLU C 122 -49.12 42.22 -2.86
CA GLU C 122 -49.10 43.59 -3.37
C GLU C 122 -50.30 44.39 -2.88
N GLU C 123 -51.50 43.80 -2.97
CA GLU C 123 -52.71 44.50 -2.53
C GLU C 123 -52.64 44.84 -1.06
N ILE C 124 -52.07 43.95 -0.24
CA ILE C 124 -51.91 44.24 1.18
C ILE C 124 -50.88 45.35 1.39
N ALA C 125 -49.79 45.32 0.61
CA ALA C 125 -48.69 46.27 0.85
C ALA C 125 -49.06 47.67 0.41
N GLU C 126 -49.61 47.83 -0.80
CA GLU C 126 -50.01 49.15 -1.26
C GLU C 126 -51.20 49.69 -0.47
N MET C 127 -51.93 48.81 0.23
CA MET C 127 -52.94 49.27 1.18
C MET C 127 -52.31 49.77 2.46
N ALA C 128 -51.22 49.13 2.89
CA ALA C 128 -50.49 49.59 4.07
C ALA C 128 -49.74 50.89 3.77
N ASN C 129 -49.16 51.00 2.56
CA ASN C 129 -48.51 52.24 2.16
C ASN C 129 -49.49 53.41 2.19
N GLU C 130 -50.70 53.18 1.69
CA GLU C 130 -51.71 54.24 1.64
C GLU C 130 -52.10 54.72 3.03
N LEU C 131 -51.98 53.86 4.04
CA LEU C 131 -52.34 54.18 5.42
C LEU C 131 -51.14 54.49 6.29
N ASP C 132 -49.94 54.61 5.71
CA ASP C 132 -48.70 54.88 6.43
C ASP C 132 -48.37 53.77 7.42
N ILE C 133 -48.72 52.53 7.08
CA ILE C 133 -48.41 51.38 7.93
C ILE C 133 -47.14 50.72 7.40
N LEU C 134 -46.15 50.58 8.28
CA LEU C 134 -44.92 49.89 7.90
C LEU C 134 -45.20 48.42 7.64
N ILE C 135 -44.73 47.91 6.50
CA ILE C 135 -44.99 46.54 6.09
C ILE C 135 -43.71 45.92 5.55
N GLY C 136 -43.51 44.64 5.85
CA GLY C 136 -42.45 43.86 5.28
C GLY C 136 -42.76 42.37 5.40
N PRO C 137 -42.09 41.55 4.59
CA PRO C 137 -42.30 40.10 4.68
C PRO C 137 -41.77 39.56 6.01
N ALA C 138 -42.60 38.75 6.68
CA ALA C 138 -42.18 38.12 7.92
C ALA C 138 -41.38 36.86 7.62
N HIS C 139 -40.35 36.60 8.43
CA HIS C 139 -39.46 35.45 8.33
C HIS C 139 -39.27 35.01 6.88
N ALA C 140 -38.65 35.87 6.07
CA ALA C 140 -38.74 35.75 4.62
C ALA C 140 -38.15 34.46 4.07
N PHE C 141 -37.29 33.78 4.83
CA PHE C 141 -36.57 32.62 4.31
C PHE C 141 -37.00 31.30 4.96
N THR C 142 -38.05 31.33 5.78
CA THR C 142 -38.54 30.12 6.41
C THR C 142 -39.22 29.23 5.37
N PRO C 143 -39.07 27.90 5.44
CA PRO C 143 -39.60 27.02 4.38
C PRO C 143 -41.11 26.93 4.30
N TRP C 144 -41.85 27.78 5.00
CA TRP C 144 -43.29 27.74 4.96
C TRP C 144 -43.86 29.13 5.28
N THR C 145 -45.01 29.43 4.68
CA THR C 145 -45.73 30.69 4.91
C THR C 145 -44.82 31.90 4.74
N SER C 146 -43.87 31.83 3.81
CA SER C 146 -42.86 32.86 3.67
C SER C 146 -42.72 33.30 2.23
N LEU C 147 -42.05 34.45 2.06
CA LEU C 147 -41.90 35.10 0.76
C LEU C 147 -41.28 34.15 -0.27
N TYR C 148 -40.08 33.65 0.02
CA TYR C 148 -39.28 32.94 -0.98
C TYR C 148 -39.62 31.47 -1.10
N LYS C 149 -40.71 31.02 -0.48
CA LYS C 149 -41.27 29.71 -0.80
C LYS C 149 -42.24 29.79 -1.97
N GLU C 150 -42.93 30.92 -2.12
CA GLU C 150 -43.91 31.11 -3.19
C GLU C 150 -43.41 31.99 -4.32
N TYR C 151 -42.47 32.90 -4.05
CA TYR C 151 -42.02 33.86 -5.05
C TYR C 151 -40.50 33.77 -5.21
N ASP C 152 -40.02 34.26 -6.36
CA ASP C 152 -38.60 34.27 -6.67
C ASP C 152 -37.93 35.60 -6.37
N SER C 153 -38.69 36.64 -6.03
CA SER C 153 -38.14 37.96 -5.78
C SER C 153 -39.21 38.82 -5.10
N LEU C 154 -38.76 39.97 -4.59
CA LEU C 154 -39.70 40.93 -4.03
C LEU C 154 -40.61 41.53 -5.11
N LYS C 155 -40.09 41.68 -6.32
CA LYS C 155 -40.86 42.28 -7.41
C LYS C 155 -42.12 41.47 -7.69
N ASP C 156 -42.00 40.15 -7.74
CA ASP C 156 -43.15 39.30 -8.05
C ASP C 156 -44.16 39.30 -6.92
N ALA C 157 -43.72 39.50 -5.68
CA ALA C 157 -44.62 39.43 -4.55
C ALA C 157 -45.35 40.76 -4.32
N TYR C 158 -44.62 41.87 -4.36
CA TYR C 158 -45.18 43.16 -4.00
C TYR C 158 -45.41 44.09 -5.18
N GLY C 159 -44.81 43.83 -6.33
CA GLY C 159 -45.13 44.60 -7.54
C GLY C 159 -44.87 46.07 -7.36
N ASP C 160 -45.90 46.88 -7.66
CA ASP C 160 -45.79 48.33 -7.57
C ASP C 160 -45.80 48.85 -6.14
N ALA C 161 -46.08 48.00 -5.16
CA ALA C 161 -46.10 48.43 -3.77
C ALA C 161 -44.69 48.47 -3.20
N LYS C 162 -44.56 49.22 -2.09
CA LYS C 162 -43.29 49.40 -1.41
C LYS C 162 -43.32 48.72 -0.05
N ILE C 163 -42.20 48.14 0.35
CA ILE C 163 -42.04 47.59 1.68
C ILE C 163 -41.00 48.42 2.43
N ASP C 164 -41.09 48.36 3.76
CA ASP C 164 -40.26 49.18 4.63
C ASP C 164 -39.18 48.41 5.38
N PHE C 165 -39.25 47.08 5.37
CA PHE C 165 -38.25 46.25 6.05
C PHE C 165 -38.40 44.83 5.55
N LEU C 166 -37.46 43.98 5.96
CA LEU C 166 -37.54 42.54 5.76
C LEU C 166 -37.18 41.85 7.06
N GLU C 167 -38.02 40.92 7.50
CA GLU C 167 -37.74 40.14 8.69
C GLU C 167 -36.96 38.89 8.31
N LEU C 168 -35.82 38.68 8.96
CA LEU C 168 -34.93 37.59 8.59
C LEU C 168 -35.54 36.23 8.91
N GLY C 169 -36.10 36.07 10.10
CA GLY C 169 -36.61 34.80 10.54
C GLY C 169 -35.54 33.93 11.17
N LEU C 170 -35.98 32.80 11.71
CA LEU C 170 -35.08 31.92 12.44
C LEU C 170 -34.13 31.15 11.53
N SER C 171 -34.41 31.10 10.22
CA SER C 171 -33.65 30.28 9.30
C SER C 171 -32.56 31.04 8.56
N ALA C 172 -32.36 32.32 8.86
CA ALA C 172 -31.38 33.11 8.11
C ALA C 172 -30.83 34.23 8.98
N ASP C 173 -29.61 34.64 8.68
CA ASP C 173 -29.01 35.83 9.25
C ASP C 173 -28.77 36.86 8.13
N SER C 174 -28.08 37.94 8.48
CA SER C 174 -27.97 39.07 7.56
C SER C 174 -27.11 38.74 6.35
N ASP C 175 -25.98 38.05 6.54
CA ASP C 175 -25.11 37.73 5.43
C ASP C 175 -25.82 36.84 4.41
N MET C 176 -26.69 35.94 4.88
CA MET C 176 -27.45 35.10 3.96
C MET C 176 -28.41 35.93 3.12
N ALA C 177 -29.11 36.87 3.75
CA ALA C 177 -30.06 37.69 3.01
C ALA C 177 -29.36 38.65 2.06
N ASP C 178 -28.20 39.16 2.46
CA ASP C 178 -27.47 40.13 1.63
C ASP C 178 -26.83 39.51 0.40
N MET C 179 -27.03 38.22 0.11
CA MET C 179 -26.62 37.66 -1.17
C MET C 179 -27.59 38.02 -2.29
N ILE C 180 -28.62 38.80 -2.00
CA ILE C 180 -29.62 39.22 -2.97
C ILE C 180 -29.60 40.75 -3.02
N LYS C 181 -29.36 41.30 -4.21
CA LYS C 181 -29.11 42.73 -4.34
C LYS C 181 -30.33 43.56 -3.97
N ALA C 182 -31.53 43.07 -4.31
CA ALA C 182 -32.74 43.84 -4.03
C ALA C 182 -32.95 44.09 -2.54
N HIS C 183 -32.26 43.35 -1.67
CA HIS C 183 -32.37 43.53 -0.24
C HIS C 183 -31.46 44.62 0.30
N HIS C 184 -30.51 45.12 -0.50
CA HIS C 184 -29.50 46.05 0.01
C HIS C 184 -30.08 47.41 0.35
N SER C 185 -31.20 47.80 -0.25
CA SER C 185 -31.86 49.05 0.07
C SER C 185 -32.93 48.91 1.14
N ILE C 186 -32.96 47.78 1.84
CA ILE C 186 -34.05 47.45 2.75
C ILE C 186 -33.48 47.06 4.12
N PRO C 187 -33.92 47.72 5.19
CA PRO C 187 -33.43 47.35 6.52
C PRO C 187 -33.95 46.00 6.97
N TYR C 188 -33.17 45.35 7.83
CA TYR C 188 -33.50 44.03 8.35
C TYR C 188 -34.04 44.13 9.77
N LEU C 189 -35.12 43.41 10.04
CA LEU C 189 -35.59 43.16 11.39
C LEU C 189 -35.36 41.70 11.74
N SER C 190 -34.98 41.44 12.99
CA SER C 190 -34.86 40.09 13.51
C SER C 190 -35.76 39.99 14.73
N ASN C 191 -36.86 39.25 14.60
CA ASN C 191 -37.85 39.10 15.66
C ASN C 191 -38.05 37.62 15.95
N SER C 192 -38.66 37.33 17.10
CA SER C 192 -38.71 35.96 17.59
C SER C 192 -39.90 35.16 17.09
N ASP C 193 -41.01 35.83 16.70
CA ASP C 193 -42.26 35.15 16.38
C ASP C 193 -42.70 34.27 17.55
N ALA C 194 -42.70 34.85 18.74
CA ALA C 194 -42.87 34.10 19.97
C ALA C 194 -44.29 33.58 20.09
N HIS C 195 -44.41 32.25 20.25
CA HIS C 195 -45.67 31.60 20.60
C HIS C 195 -45.73 31.26 22.08
N SER C 196 -44.75 31.70 22.87
CA SER C 196 -44.65 31.40 24.28
C SER C 196 -43.96 32.57 24.98
N PRO C 197 -44.34 32.88 26.22
CA PRO C 197 -43.71 34.01 26.92
C PRO C 197 -42.37 33.69 27.54
N ASN C 198 -41.97 32.43 27.60
CA ASN C 198 -40.69 32.07 28.20
C ASN C 198 -39.55 32.83 27.52
N PRO C 199 -38.56 33.31 28.28
CA PRO C 199 -37.42 33.99 27.65
C PRO C 199 -36.66 33.12 26.65
N HIS C 200 -36.88 31.80 26.68
CA HIS C 200 -36.31 30.92 25.67
C HIS C 200 -36.96 31.11 24.31
N ARG C 201 -38.19 31.61 24.27
CA ARG C 201 -38.88 31.97 23.03
C ARG C 201 -38.96 33.47 22.82
N LEU C 202 -39.47 34.22 23.80
CA LEU C 202 -39.57 35.68 23.67
C LEU C 202 -38.17 36.28 23.57
N GLY C 203 -37.93 37.01 22.49
CA GLY C 203 -36.65 37.66 22.30
C GLY C 203 -35.52 36.74 21.92
N ARG C 204 -35.81 35.55 21.40
CA ARG C 204 -34.72 34.71 20.92
C ARG C 204 -34.12 35.26 19.63
N GLU C 205 -34.86 36.14 18.95
CA GLU C 205 -34.30 37.10 18.02
C GLU C 205 -34.86 38.47 18.40
N PHE C 206 -34.02 39.50 18.30
CA PHE C 206 -34.44 40.85 18.65
C PHE C 206 -33.52 41.84 17.96
N ASN C 207 -33.87 43.12 18.06
CA ASN C 207 -33.11 44.21 17.48
C ASN C 207 -32.67 45.17 18.57
N ARG C 208 -31.50 45.76 18.39
CA ARG C 208 -30.97 46.77 19.28
C ARG C 208 -31.07 48.13 18.59
N PHE C 209 -31.88 49.02 19.15
CA PHE C 209 -32.17 50.30 18.52
C PHE C 209 -31.41 51.43 19.20
N GLU C 210 -31.03 52.42 18.40
CA GLU C 210 -30.45 53.67 18.88
C GLU C 210 -31.48 54.77 18.61
N VAL C 211 -32.10 55.27 19.67
CA VAL C 211 -33.19 56.25 19.56
C VAL C 211 -33.06 57.27 20.68
N LYS C 212 -33.92 58.29 20.63
CA LYS C 212 -34.02 59.29 21.69
C LYS C 212 -34.95 58.84 22.80
N ASP C 213 -36.11 58.30 22.45
CA ASP C 213 -37.05 57.73 23.40
C ASP C 213 -37.62 56.45 22.80
N VAL C 214 -38.37 55.71 23.61
CA VAL C 214 -39.02 54.47 23.14
C VAL C 214 -40.43 54.85 22.73
N THR C 215 -40.57 55.30 21.49
CA THR C 215 -41.86 55.56 20.87
C THR C 215 -41.86 54.94 19.49
N PHE C 216 -43.05 54.81 18.90
CA PHE C 216 -43.14 54.30 17.54
C PHE C 216 -42.35 55.18 16.57
N GLU C 217 -42.53 56.50 16.67
CA GLU C 217 -41.90 57.41 15.73
C GLU C 217 -40.38 57.30 15.80
N GLU C 218 -39.83 57.11 17.00
CA GLU C 218 -38.39 56.89 17.12
C GLU C 218 -37.99 55.58 16.46
N ILE C 219 -38.78 54.53 16.66
CA ILE C 219 -38.48 53.24 16.04
C ILE C 219 -38.60 53.35 14.52
N ARG C 220 -39.56 54.12 14.05
CA ARG C 220 -39.71 54.33 12.61
C ARG C 220 -38.47 54.99 12.02
N LYS C 221 -37.93 56.00 12.72
CA LYS C 221 -36.73 56.67 12.26
C LYS C 221 -35.52 55.75 12.34
N ALA C 222 -35.47 54.89 13.37
CA ALA C 222 -34.35 53.96 13.50
C ALA C 222 -34.36 52.94 12.37
N ILE C 223 -35.51 52.34 12.08
CA ILE C 223 -35.63 51.40 10.97
C ILE C 223 -35.20 52.08 9.67
N LYS C 224 -35.63 53.33 9.46
CA LYS C 224 -35.33 54.06 8.24
C LYS C 224 -33.96 54.73 8.26
N GLY C 225 -33.27 54.73 9.39
CA GLY C 225 -31.96 55.32 9.50
C GLY C 225 -31.92 56.80 9.20
N VAL C 226 -32.82 57.56 9.82
CA VAL C 226 -32.90 59.00 9.61
C VAL C 226 -32.73 59.71 10.95
N GLY C 227 -32.14 60.90 10.90
CA GLY C 227 -32.05 61.75 12.08
C GLY C 227 -31.16 61.23 13.19
N GLY C 228 -30.15 60.43 12.86
CA GLY C 228 -29.24 59.89 13.85
C GLY C 228 -29.70 58.60 14.50
N ARG C 229 -30.97 58.22 14.35
CA ARG C 229 -31.45 56.95 14.86
C ARG C 229 -31.12 55.84 13.87
N LYS C 230 -30.92 54.63 14.40
CA LYS C 230 -30.57 53.50 13.56
C LYS C 230 -30.69 52.21 14.36
N ILE C 231 -30.52 51.10 13.67
CA ILE C 231 -30.42 49.79 14.28
C ILE C 231 -28.93 49.50 14.49
N MET C 232 -28.54 49.26 15.75
CA MET C 232 -27.13 49.02 16.04
C MET C 232 -26.71 47.60 15.68
N LEU C 233 -27.59 46.62 15.89
CA LEU C 233 -27.27 45.24 15.60
C LEU C 233 -28.55 44.42 15.55
N ASN C 234 -28.47 43.29 14.84
CA ASN C 234 -29.50 42.27 14.88
C ASN C 234 -28.96 41.05 15.62
N ALA C 235 -29.82 40.41 16.39
CA ALA C 235 -29.44 39.24 17.16
C ALA C 235 -30.46 38.14 16.97
N GLY C 236 -29.99 36.90 16.88
CA GLY C 236 -30.89 35.79 16.69
C GLY C 236 -30.14 34.48 16.62
N LEU C 237 -30.86 33.44 16.21
CA LEU C 237 -30.32 32.08 16.22
C LEU C 237 -29.25 31.92 15.14
N ASP C 238 -28.37 30.95 15.36
CA ASP C 238 -27.41 30.52 14.36
C ASP C 238 -28.16 29.77 13.27
N PRO C 239 -28.28 30.31 12.05
CA PRO C 239 -29.09 29.63 11.03
C PRO C 239 -28.51 28.31 10.57
N ARG C 240 -27.21 28.07 10.79
CA ARG C 240 -26.61 26.81 10.36
C ARG C 240 -27.17 25.63 11.14
N LEU C 241 -27.59 25.85 12.38
CA LEU C 241 -28.17 24.79 13.19
C LEU C 241 -29.58 24.42 12.77
N GLY C 242 -30.19 25.17 11.86
CA GLY C 242 -31.60 25.02 11.59
C GLY C 242 -31.95 23.66 10.99
N LYS C 243 -33.23 23.31 11.17
CA LYS C 243 -33.75 22.02 10.73
C LYS C 243 -33.55 21.80 9.23
N TYR C 244 -33.59 22.89 8.44
CA TYR C 244 -33.55 22.78 6.98
C TYR C 244 -32.50 23.70 6.39
N HIS C 245 -31.36 23.86 7.07
CA HIS C 245 -30.33 24.75 6.55
C HIS C 245 -29.71 24.20 5.27
N LEU C 246 -29.17 22.98 5.34
CA LEU C 246 -28.54 22.36 4.18
C LEU C 246 -29.50 21.40 3.50
N THR C 247 -29.30 21.22 2.19
CA THR C 247 -30.07 20.24 1.44
C THR C 247 -29.64 18.84 1.84
N ALA C 248 -30.61 18.01 2.24
CA ALA C 248 -30.30 16.69 2.77
C ALA C 248 -31.49 15.78 2.61
N CYS C 249 -31.21 14.48 2.52
CA CYS C 249 -32.27 13.48 2.54
C CYS C 249 -33.01 13.54 3.87
N SER C 250 -34.34 13.43 3.81
CA SER C 250 -35.15 13.54 5.01
C SER C 250 -35.19 12.24 5.82
N ARG C 251 -34.49 11.19 5.38
CA ARG C 251 -34.46 9.93 6.10
C ARG C 251 -33.09 9.59 6.65
N CYS C 252 -32.04 9.69 5.84
CA CYS C 252 -30.68 9.41 6.30
C CYS C 252 -29.87 10.67 6.57
N TYR C 253 -30.39 11.84 6.20
CA TYR C 253 -29.81 13.16 6.47
C TYR C 253 -28.45 13.36 5.82
N THR C 254 -28.10 12.54 4.82
CA THR C 254 -26.91 12.80 4.03
C THR C 254 -27.03 14.12 3.29
N LYS C 255 -25.96 14.91 3.32
CA LYS C 255 -25.98 16.22 2.67
C LYS C 255 -25.75 16.09 1.17
N TYR C 256 -26.44 16.93 0.40
CA TYR C 256 -26.27 16.98 -1.04
C TYR C 256 -26.22 18.44 -1.48
N THR C 257 -25.36 18.74 -2.44
CA THR C 257 -25.39 20.06 -3.06
C THR C 257 -26.67 20.20 -3.87
N LEU C 258 -27.03 21.45 -4.17
CA LEU C 258 -28.21 21.71 -4.99
C LEU C 258 -28.10 21.03 -6.34
N GLN C 259 -26.92 21.08 -6.96
CA GLN C 259 -26.73 20.50 -8.28
C GLN C 259 -26.96 18.99 -8.26
N ASP C 260 -26.40 18.30 -7.26
CA ASP C 260 -26.56 16.85 -7.19
C ASP C 260 -28.01 16.47 -6.94
N ALA C 261 -28.68 17.16 -6.02
CA ALA C 261 -30.08 16.87 -5.74
C ALA C 261 -30.95 17.05 -6.98
N VAL C 262 -30.59 18.00 -7.85
CA VAL C 262 -31.35 18.21 -9.08
C VAL C 262 -31.17 17.03 -10.03
N SER C 263 -29.91 16.63 -10.26
CA SER C 263 -29.64 15.52 -11.17
C SER C 263 -30.04 14.17 -10.59
N LEU C 264 -30.33 14.10 -9.29
CA LEU C 264 -30.83 12.88 -8.67
C LEU C 264 -32.35 12.84 -8.59
N SER C 265 -33.02 13.82 -9.19
CA SER C 265 -34.49 13.95 -9.13
C SER C 265 -34.97 14.02 -7.68
N TRP C 266 -34.13 14.55 -6.79
CA TRP C 266 -34.43 14.73 -5.38
C TRP C 266 -34.72 13.42 -4.67
N LYS C 267 -34.22 12.30 -5.21
CA LYS C 267 -34.31 11.00 -4.58
C LYS C 267 -32.93 10.61 -4.09
N CYS C 268 -32.84 10.27 -2.81
CA CYS C 268 -31.55 9.94 -2.20
C CYS C 268 -30.99 8.65 -2.78
N PRO C 269 -29.80 8.64 -3.36
CA PRO C 269 -29.24 7.39 -3.88
C PRO C 269 -28.78 6.42 -2.81
N LYS C 270 -28.60 6.87 -1.56
CA LYS C 270 -28.13 5.98 -0.51
C LYS C 270 -29.27 5.11 0.03
N CYS C 271 -30.40 5.73 0.37
CA CYS C 271 -31.50 5.02 1.01
C CYS C 271 -32.82 5.07 0.25
N GLY C 272 -32.93 5.92 -0.77
CA GLY C 272 -34.16 6.05 -1.51
C GLY C 272 -35.13 7.08 -0.96
N GLY C 273 -34.75 7.84 0.06
CA GLY C 273 -35.62 8.80 0.68
C GLY C 273 -35.72 10.10 -0.11
N ILE C 274 -36.55 11.00 0.41
CA ILE C 274 -36.84 12.27 -0.25
C ILE C 274 -35.81 13.30 0.17
N ILE C 275 -35.07 13.84 -0.80
CA ILE C 275 -34.17 14.96 -0.54
C ILE C 275 -35.00 16.23 -0.42
N LYS C 276 -34.66 17.08 0.55
CA LYS C 276 -35.38 18.32 0.78
C LYS C 276 -34.42 19.49 0.66
N LYS C 277 -34.79 20.48 -0.15
CA LYS C 277 -33.93 21.62 -0.42
C LYS C 277 -33.71 22.44 0.84
N GLY C 278 -32.46 22.79 1.10
CA GLY C 278 -32.14 23.60 2.25
C GLY C 278 -32.37 25.08 2.01
N VAL C 279 -32.44 25.83 3.12
CA VAL C 279 -32.66 27.27 3.03
C VAL C 279 -31.47 27.96 2.38
N ARG C 280 -30.25 27.51 2.69
CA ARG C 280 -29.06 28.13 2.12
C ARG C 280 -29.01 27.93 0.61
N ASP C 281 -29.39 26.76 0.13
CA ASP C 281 -29.40 26.51 -1.31
C ASP C 281 -30.51 27.28 -2.01
N ARG C 282 -31.64 27.50 -1.33
CA ARG C 282 -32.67 28.37 -1.88
C ARG C 282 -32.14 29.78 -2.09
N ILE C 283 -31.29 30.26 -1.18
CA ILE C 283 -30.72 31.59 -1.33
C ILE C 283 -29.67 31.60 -2.43
N LEU C 284 -28.85 30.55 -2.50
CA LEU C 284 -27.89 30.45 -3.60
C LEU C 284 -28.59 30.36 -4.94
N GLU C 285 -29.80 29.80 -4.98
CA GLU C 285 -30.59 29.79 -6.19
C GLU C 285 -30.89 31.20 -6.67
N LEU C 286 -31.11 32.12 -5.73
CA LEU C 286 -31.46 33.50 -6.04
C LEU C 286 -30.29 34.45 -5.90
N ALA C 287 -29.14 33.99 -5.43
CA ALA C 287 -28.00 34.87 -5.18
C ALA C 287 -27.55 35.55 -6.46
N ASP C 288 -27.38 36.87 -6.40
CA ASP C 288 -26.93 37.66 -7.54
C ASP C 288 -25.84 38.65 -7.17
N THR C 289 -25.35 38.65 -5.93
CA THR C 289 -24.32 39.59 -5.52
C THR C 289 -23.44 38.95 -4.47
N SER C 290 -22.17 39.35 -4.47
CA SER C 290 -21.20 38.91 -3.47
C SER C 290 -20.94 39.96 -2.40
N GLU C 291 -21.57 41.12 -2.50
CA GLU C 291 -21.30 42.24 -1.61
C GLU C 291 -22.41 42.40 -0.59
N LYS C 292 -22.26 43.41 0.26
CA LYS C 292 -23.21 43.77 1.30
C LYS C 292 -23.09 45.27 1.56
N PRO C 293 -24.17 45.93 1.97
CA PRO C 293 -24.08 47.36 2.25
C PRO C 293 -23.05 47.67 3.33
N LYS C 294 -22.43 48.85 3.21
CA LYS C 294 -21.36 49.21 4.13
C LYS C 294 -21.88 49.46 5.54
N ASP C 295 -23.12 49.94 5.67
CA ASP C 295 -23.69 50.30 6.95
C ASP C 295 -24.68 49.26 7.46
N ARG C 296 -24.65 48.06 6.93
CA ARG C 296 -25.52 47.00 7.43
C ARG C 296 -25.13 46.65 8.87
N PRO C 297 -26.06 46.68 9.81
CA PRO C 297 -25.71 46.33 11.18
C PRO C 297 -25.23 44.88 11.25
N PRO C 298 -24.37 44.57 12.21
CA PRO C 298 -23.93 43.17 12.34
C PRO C 298 -25.03 42.29 12.90
N TYR C 299 -24.95 41.01 12.57
CA TYR C 299 -25.85 40.00 13.09
C TYR C 299 -25.09 39.20 14.15
N VAL C 300 -25.59 39.20 15.37
CA VAL C 300 -24.98 38.48 16.48
C VAL C 300 -25.74 37.18 16.66
N ARG C 301 -25.06 36.06 16.41
CA ARG C 301 -25.63 34.75 16.66
C ARG C 301 -25.56 34.43 18.14
N LEU C 302 -26.68 34.02 18.72
CA LEU C 302 -26.71 33.70 20.14
C LEU C 302 -27.88 32.76 20.41
N ALA C 303 -27.87 32.19 21.61
CA ALA C 303 -28.93 31.32 22.11
C ALA C 303 -29.40 31.84 23.47
N PRO C 304 -30.63 31.54 23.86
CA PRO C 304 -31.09 31.95 25.19
C PRO C 304 -30.19 31.43 26.29
N LEU C 305 -30.19 32.15 27.42
CA LEU C 305 -29.25 31.85 28.49
C LEU C 305 -29.49 30.48 29.09
N ALA C 306 -30.75 30.12 29.34
CA ALA C 306 -31.06 28.80 29.87
C ALA C 306 -30.61 27.69 28.94
N GLU C 307 -30.62 27.96 27.63
CA GLU C 307 -30.15 26.97 26.66
C GLU C 307 -28.64 26.80 26.75
N ILE C 308 -27.89 27.89 26.92
CA ILE C 308 -26.45 27.79 27.11
C ILE C 308 -26.14 27.08 28.42
N ILE C 309 -26.89 27.41 29.48
CA ILE C 309 -26.67 26.78 30.78
C ILE C 309 -26.94 25.27 30.69
N ALA C 310 -27.96 24.89 29.92
CA ALA C 310 -28.24 23.47 29.74
C ALA C 310 -27.09 22.76 29.04
N MET C 311 -26.50 23.41 28.04
CA MET C 311 -25.37 22.80 27.33
C MET C 311 -24.15 22.69 28.22
N VAL C 312 -23.87 23.71 29.03
CA VAL C 312 -22.70 23.68 29.90
C VAL C 312 -22.90 22.67 31.02
N LEU C 313 -24.07 22.69 31.66
CA LEU C 313 -24.34 21.74 32.73
C LEU C 313 -24.56 20.32 32.22
N GLY C 314 -24.82 20.16 30.92
CA GLY C 314 -25.20 18.86 30.42
C GLY C 314 -26.52 18.37 31.00
N LYS C 315 -27.47 19.28 31.17
CA LYS C 315 -28.75 18.99 31.79
C LYS C 315 -29.88 19.48 30.89
N GLY C 316 -31.09 19.08 31.23
CA GLY C 316 -32.26 19.56 30.50
C GLY C 316 -32.53 21.02 30.79
N ILE C 317 -33.17 21.69 29.82
CA ILE C 317 -33.38 23.12 29.93
C ILE C 317 -34.37 23.45 31.05
N GLU C 318 -35.27 22.52 31.37
CA GLU C 318 -36.25 22.72 32.41
C GLU C 318 -35.90 21.98 33.70
N SER C 319 -34.65 21.57 33.87
CA SER C 319 -34.23 20.85 35.06
C SER C 319 -34.03 21.83 36.22
N LYS C 320 -33.84 21.27 37.41
CA LYS C 320 -33.67 22.09 38.61
C LYS C 320 -32.35 22.84 38.59
N ALA C 321 -31.27 22.17 38.16
CA ALA C 321 -29.96 22.80 38.19
C ALA C 321 -29.87 23.97 37.22
N VAL C 322 -30.42 23.80 36.01
CA VAL C 322 -30.42 24.90 35.04
C VAL C 322 -31.28 26.05 35.53
N LYS C 323 -32.42 25.73 36.15
CA LYS C 323 -33.36 26.78 36.53
C LYS C 323 -32.82 27.68 37.61
N LEU C 324 -32.04 27.13 38.56
CA LEU C 324 -31.54 27.96 39.65
C LEU C 324 -30.29 28.74 39.26
N LEU C 325 -29.45 28.19 38.38
CA LEU C 325 -28.31 28.97 37.89
C LEU C 325 -28.77 30.09 36.97
N TRP C 326 -29.88 29.88 36.24
CA TRP C 326 -30.42 30.93 35.39
C TRP C 326 -31.08 32.02 36.24
N ASN C 327 -31.81 31.63 37.29
CA ASN C 327 -32.34 32.62 38.23
C ASN C 327 -31.22 33.37 38.94
N ARG C 328 -30.08 32.70 39.18
CA ARG C 328 -28.97 33.36 39.84
C ARG C 328 -28.37 34.45 38.96
N PHE C 329 -28.22 34.17 37.66
CA PHE C 329 -27.69 35.19 36.74
C PHE C 329 -28.60 36.40 36.66
N LEU C 330 -29.92 36.18 36.68
CA LEU C 330 -30.86 37.30 36.59
C LEU C 330 -31.00 38.05 37.89
N ARG C 331 -30.55 37.47 39.02
CA ARG C 331 -30.45 38.24 40.25
C ARG C 331 -29.18 39.08 40.26
N GLU C 332 -28.05 38.49 39.89
CA GLU C 332 -26.78 39.20 39.89
C GLU C 332 -26.81 40.37 38.91
N PHE C 333 -27.39 40.17 37.74
CA PHE C 333 -27.32 41.14 36.66
C PHE C 333 -28.73 41.46 36.18
N GLY C 334 -28.83 42.53 35.39
CA GLY C 334 -30.14 43.08 35.07
C GLY C 334 -31.06 42.08 34.38
N SER C 335 -30.60 41.50 33.27
CA SER C 335 -31.48 40.67 32.46
C SER C 335 -30.63 39.68 31.65
N GLU C 336 -31.32 38.89 30.83
CA GLU C 336 -30.65 37.85 30.05
C GLU C 336 -29.77 38.45 28.96
N ILE C 337 -30.28 39.45 28.25
CA ILE C 337 -29.54 40.03 27.13
C ILE C 337 -28.25 40.69 27.62
N ARG C 338 -28.29 41.32 28.79
CA ARG C 338 -27.08 41.93 29.34
C ARG C 338 -26.00 40.89 29.58
N VAL C 339 -26.38 39.69 30.03
CA VAL C 339 -25.41 38.63 30.24
C VAL C 339 -24.86 38.14 28.91
N LEU C 340 -25.70 38.09 27.88
CA LEU C 340 -25.29 37.48 26.62
C LEU C 340 -24.40 38.39 25.79
N ILE C 341 -24.67 39.70 25.80
CA ILE C 341 -24.06 40.64 24.87
C ILE C 341 -23.11 41.60 25.58
N ASP C 342 -23.56 42.22 26.67
CA ASP C 342 -22.90 43.40 27.20
C ASP C 342 -21.94 43.13 28.34
N LEU C 343 -22.21 42.16 29.20
CA LEU C 343 -21.38 41.94 30.36
C LEU C 343 -20.01 41.37 29.96
N PRO C 344 -18.93 41.83 30.59
CA PRO C 344 -17.62 41.22 30.34
C PRO C 344 -17.61 39.77 30.81
N ILE C 345 -16.67 39.00 30.23
CA ILE C 345 -16.60 37.57 30.53
C ILE C 345 -16.24 37.33 31.99
N GLU C 346 -15.36 38.17 32.54
CA GLU C 346 -14.91 37.98 33.91
C GLU C 346 -16.04 38.16 34.91
N SER C 347 -16.99 39.06 34.62
CA SER C 347 -18.14 39.23 35.51
C SER C 347 -19.07 38.02 35.43
N ILE C 348 -19.21 37.43 34.25
CA ILE C 348 -19.98 36.19 34.12
C ILE C 348 -19.28 35.05 34.84
N ALA C 349 -17.94 35.03 34.77
CA ALA C 349 -17.18 33.99 35.46
C ALA C 349 -17.31 34.08 36.97
N SER C 350 -17.65 35.26 37.50
CA SER C 350 -17.86 35.40 38.94
C SER C 350 -19.03 34.57 39.44
N VAL C 351 -19.97 34.23 38.56
CA VAL C 351 -21.10 33.39 38.91
C VAL C 351 -20.87 31.94 38.50
N HIS C 352 -20.53 31.71 37.23
CA HIS C 352 -20.22 30.36 36.76
C HIS C 352 -19.17 30.46 35.66
N GLU C 353 -18.05 29.78 35.85
CA GLU C 353 -16.94 29.87 34.91
C GLU C 353 -17.26 29.14 33.60
N GLY C 354 -17.96 28.00 33.68
CA GLY C 354 -18.29 27.26 32.48
C GLY C 354 -19.22 28.02 31.56
N VAL C 355 -20.18 28.74 32.13
CA VAL C 355 -21.08 29.55 31.31
C VAL C 355 -20.33 30.74 30.70
N ALA C 356 -19.37 31.31 31.44
CA ALA C 356 -18.61 32.43 30.92
C ALA C 356 -17.81 32.02 29.69
N LYS C 357 -17.19 30.84 29.72
CA LYS C 357 -16.45 30.37 28.55
C LYS C 357 -17.38 30.11 27.37
N ALA C 358 -18.55 29.52 27.63
CA ALA C 358 -19.50 29.27 26.56
C ALA C 358 -19.97 30.56 25.90
N ILE C 359 -20.28 31.57 26.72
CA ILE C 359 -20.69 32.86 26.19
C ILE C 359 -19.54 33.51 25.43
N TRP C 360 -18.30 33.34 25.92
CA TRP C 360 -17.14 33.83 25.20
C TRP C 360 -17.02 33.16 23.84
N ALA C 361 -17.27 31.85 23.77
CA ALA C 361 -17.19 31.14 22.50
C ALA C 361 -18.27 31.62 21.53
N TYR C 362 -19.44 32.02 22.06
CA TYR C 362 -20.48 32.58 21.20
C TYR C 362 -20.03 33.93 20.62
N ARG C 363 -19.49 34.80 21.47
CA ARG C 363 -19.11 36.14 21.02
C ARG C 363 -17.93 36.13 20.07
N ASN C 364 -17.18 35.03 20.00
CA ASN C 364 -15.99 34.96 19.15
C ASN C 364 -16.08 33.89 18.07
N ASN C 365 -17.26 33.30 17.86
CA ASN C 365 -17.47 32.29 16.82
C ASN C 365 -16.49 31.13 16.97
N LYS C 366 -16.27 30.71 18.21
CA LYS C 366 -15.34 29.64 18.52
C LYS C 366 -16.03 28.30 18.77
N LEU C 367 -17.34 28.23 18.56
CA LEU C 367 -18.07 26.99 18.76
C LEU C 367 -17.97 26.11 17.52
N ILE C 368 -17.98 24.80 17.77
CA ILE C 368 -17.93 23.81 16.69
C ILE C 368 -19.35 23.46 16.28
N ILE C 369 -19.65 23.59 15.00
CA ILE C 369 -21.01 23.50 14.49
C ILE C 369 -21.09 22.37 13.47
N VAL C 370 -22.08 21.49 13.64
CA VAL C 370 -22.50 20.56 12.59
C VAL C 370 -23.81 21.09 12.02
N PRO C 371 -23.84 21.54 10.76
CA PRO C 371 -25.06 22.16 10.24
C PRO C 371 -26.22 21.17 10.18
N GLY C 372 -27.43 21.74 10.17
CA GLY C 372 -28.64 20.95 10.08
C GLY C 372 -29.16 20.84 8.66
N GLY C 373 -30.15 19.98 8.48
CA GLY C 373 -30.75 19.76 7.17
C GLY C 373 -31.66 18.56 7.11
N GLY C 374 -32.59 18.56 6.16
CA GLY C 374 -33.49 17.45 5.96
C GLY C 374 -34.48 17.21 7.08
N GLY C 375 -34.65 18.17 7.98
CA GLY C 375 -35.54 18.00 9.12
C GLY C 375 -34.85 17.66 10.42
N LYS C 376 -33.52 17.56 10.42
CA LYS C 376 -32.75 17.25 11.61
C LYS C 376 -31.94 18.48 12.00
N TYR C 377 -32.07 18.89 13.26
CA TYR C 377 -31.34 20.07 13.73
C TYR C 377 -29.85 19.81 13.77
N GLY C 378 -29.08 20.90 13.87
CA GLY C 378 -27.64 20.80 13.95
C GLY C 378 -27.14 20.52 15.35
N GLU C 379 -25.82 20.44 15.47
CA GLU C 379 -25.16 20.15 16.74
C GLU C 379 -24.16 21.25 17.04
N ILE C 380 -24.01 21.58 18.32
CA ILE C 380 -23.09 22.62 18.77
C ILE C 380 -22.22 22.06 19.89
N ARG C 381 -20.92 22.37 19.82
CA ARG C 381 -19.92 21.82 20.73
C ARG C 381 -18.96 22.93 21.14
N ILE C 382 -18.61 22.96 22.42
CA ILE C 382 -17.53 23.82 22.92
C ILE C 382 -16.23 23.06 22.75
N PRO C 383 -15.25 23.60 22.03
CA PRO C 383 -13.99 22.87 21.81
C PRO C 383 -13.27 22.60 23.12
N GLU C 384 -12.45 21.53 23.11
CA GLU C 384 -11.81 21.08 24.33
C GLU C 384 -10.86 22.12 24.89
N GLU C 385 -10.14 22.84 24.02
CA GLU C 385 -9.20 23.85 24.49
C GLU C 385 -9.89 24.92 25.33
N ILE C 386 -11.13 25.25 24.99
CA ILE C 386 -11.88 26.23 25.78
C ILE C 386 -12.23 25.66 27.15
N LEU C 387 -12.69 24.41 27.17
CA LEU C 387 -13.14 23.80 28.42
C LEU C 387 -12.04 23.75 29.47
N LYS C 388 -10.81 23.45 29.04
CA LYS C 388 -9.71 23.25 29.97
C LYS C 388 -8.98 24.54 30.32
N ALA C 389 -9.12 25.59 29.54
CA ALA C 389 -8.36 26.82 29.76
C ALA C 389 -8.93 27.60 30.94
N LYS C 390 -8.13 28.55 31.43
CA LYS C 390 -8.61 29.52 32.40
C LYS C 390 -9.08 30.77 31.68
N ILE C 391 -9.80 31.63 32.41
CA ILE C 391 -10.50 32.74 31.79
C ILE C 391 -9.53 33.70 31.11
N GLU C 392 -8.43 34.02 31.78
CA GLU C 392 -7.49 35.03 31.29
C GLU C 392 -6.79 34.63 30.01
N ASP C 393 -6.86 33.37 29.58
CA ASP C 393 -6.15 32.89 28.41
C ASP C 393 -7.05 32.63 27.21
N LEU C 394 -8.35 32.93 27.32
CA LEU C 394 -9.29 32.56 26.26
C LEU C 394 -8.93 33.19 24.92
N ASN C 395 -8.53 34.46 24.93
CA ASN C 395 -8.19 35.15 23.70
C ASN C 395 -6.84 34.72 23.13
N SER C 396 -6.03 33.99 23.90
CA SER C 396 -4.69 33.62 23.48
C SER C 396 -4.55 32.17 23.05
N ILE C 397 -5.63 31.39 23.10
CA ILE C 397 -5.57 29.98 22.73
C ILE C 397 -6.06 29.81 21.30
N GLU C 398 -5.52 28.82 20.62
CA GLU C 398 -5.82 28.53 19.23
C GLU C 398 -6.57 27.21 19.14
N ILE C 399 -7.67 27.20 18.40
CA ILE C 399 -8.48 25.99 18.26
C ILE C 399 -8.28 25.38 16.88
N MET D 1 42.00 -30.87 31.58
CA MET D 1 42.00 -29.78 30.61
C MET D 1 40.85 -29.95 29.61
N VAL D 2 40.15 -28.85 29.35
CA VAL D 2 38.99 -28.84 28.46
C VAL D 2 39.43 -28.26 27.12
N VAL D 3 39.11 -28.98 26.04
CA VAL D 3 39.54 -28.61 24.70
C VAL D 3 38.35 -28.71 23.75
N ASP D 4 38.08 -27.63 23.01
CA ASP D 4 37.04 -27.61 22.00
C ASP D 4 37.68 -27.75 20.63
N GLY D 5 37.23 -28.75 19.86
CA GLY D 5 37.88 -29.07 18.60
C GLY D 5 36.95 -29.35 17.44
N ASP D 6 37.32 -28.85 16.26
CA ASP D 6 36.59 -29.07 15.02
C ASP D 6 37.54 -29.79 14.06
N LEU D 7 37.27 -31.07 13.81
CA LEU D 7 38.24 -31.96 13.18
C LEU D 7 37.95 -32.23 11.70
N HIS D 8 37.00 -31.53 11.10
CA HIS D 8 36.69 -31.73 9.68
C HIS D 8 36.45 -30.35 9.05
N ILE D 9 37.43 -29.90 8.28
CA ILE D 9 37.34 -28.67 7.50
C ILE D 9 37.97 -28.94 6.13
N HIS D 10 38.03 -27.90 5.30
CA HIS D 10 38.63 -28.01 3.98
C HIS D 10 39.46 -26.76 3.70
N SER D 11 40.49 -26.93 2.88
CA SER D 11 41.39 -25.85 2.53
C SER D 11 41.01 -25.23 1.20
N HIS D 12 41.71 -24.15 0.84
CA HIS D 12 41.47 -23.48 -0.43
C HIS D 12 41.78 -24.36 -1.63
N TYR D 13 42.44 -25.50 -1.42
CA TYR D 13 42.64 -26.47 -2.49
C TYR D 13 41.41 -27.33 -2.74
N SER D 14 40.42 -27.30 -1.85
CA SER D 14 39.19 -28.03 -2.05
C SER D 14 38.24 -27.24 -2.96
N LYS D 15 37.30 -27.96 -3.55
CA LYS D 15 36.36 -27.34 -4.49
C LYS D 15 35.30 -26.53 -3.74
N ALA D 16 34.94 -25.40 -4.31
CA ALA D 16 33.89 -24.51 -3.78
C ALA D 16 34.19 -24.11 -2.33
N VAL D 17 35.47 -23.93 -2.03
CA VAL D 17 35.91 -23.50 -0.72
C VAL D 17 36.57 -22.13 -0.85
N SER D 18 36.26 -21.24 0.10
CA SER D 18 36.82 -19.90 0.07
C SER D 18 38.34 -19.94 -0.01
N LYS D 19 38.90 -19.08 -0.85
CA LYS D 19 40.35 -18.97 -0.95
C LYS D 19 40.98 -18.42 0.33
N LEU D 20 40.17 -18.02 1.31
CA LEU D 20 40.65 -17.57 2.60
C LEU D 20 40.91 -18.71 3.57
N MET D 21 40.55 -19.94 3.22
CA MET D 21 40.84 -21.08 4.09
C MET D 21 42.32 -21.38 4.08
N THR D 22 43.11 -20.53 4.75
CA THR D 22 44.55 -20.72 4.89
C THR D 22 44.87 -20.89 6.37
N PHE D 23 45.98 -21.56 6.65
CA PHE D 23 46.38 -21.80 8.03
C PHE D 23 46.45 -20.55 8.90
N PRO D 24 46.93 -19.40 8.41
CA PRO D 24 46.85 -18.19 9.26
C PRO D 24 45.42 -17.72 9.50
N ILE D 25 44.58 -17.71 8.46
CA ILE D 25 43.23 -17.19 8.61
C ILE D 25 42.36 -18.16 9.39
N ILE D 26 42.59 -19.46 9.22
CA ILE D 26 41.86 -20.46 10.00
C ILE D 26 42.22 -20.34 11.48
N ALA D 27 43.50 -20.15 11.78
CA ALA D 27 43.92 -19.98 13.16
C ALA D 27 43.37 -18.67 13.75
N GLU D 28 43.33 -17.62 12.94
CA GLU D 28 42.81 -16.33 13.40
C GLU D 28 41.35 -16.44 13.81
N ASN D 29 40.54 -17.11 12.99
CA ASN D 29 39.13 -17.24 13.31
C ASN D 29 38.87 -18.30 14.38
N ALA D 30 39.76 -19.29 14.50
CA ALA D 30 39.61 -20.27 15.57
C ALA D 30 39.76 -19.64 16.94
N LYS D 31 40.55 -18.57 17.04
CA LYS D 31 40.66 -17.83 18.30
C LYS D 31 39.36 -17.11 18.62
N LEU D 32 38.78 -16.42 17.64
CA LEU D 32 37.51 -15.73 17.85
C LEU D 32 36.41 -16.73 18.21
N LYS D 33 36.40 -17.89 17.54
CA LYS D 33 35.37 -18.90 17.81
C LYS D 33 35.54 -19.51 19.18
N GLY D 34 36.79 -19.77 19.59
CA GLY D 34 37.07 -20.46 20.82
C GLY D 34 37.56 -21.87 20.65
N LEU D 35 37.98 -22.25 19.45
CA LEU D 35 38.46 -23.60 19.18
C LEU D 35 39.92 -23.70 19.58
N ASN D 36 40.22 -24.58 20.54
CA ASN D 36 41.60 -24.84 20.91
C ASN D 36 42.27 -25.82 19.95
N LEU D 37 41.49 -26.59 19.20
CA LEU D 37 42.01 -27.61 18.31
C LEU D 37 41.24 -27.58 16.99
N VAL D 38 41.96 -27.70 15.89
CA VAL D 38 41.37 -27.76 14.56
C VAL D 38 42.09 -28.84 13.77
N GLY D 39 41.32 -29.66 13.05
CA GLY D 39 41.93 -30.56 12.09
C GLY D 39 42.43 -29.81 10.88
N THR D 40 43.55 -30.28 10.32
CA THR D 40 44.11 -29.61 9.15
C THR D 40 43.17 -29.70 7.96
N GLY D 41 42.56 -30.87 7.76
CA GLY D 41 41.78 -31.12 6.57
C GLY D 41 42.67 -31.28 5.36
N ASP D 42 42.23 -32.04 4.37
CA ASP D 42 42.93 -32.15 3.08
C ASP D 42 44.41 -32.51 3.25
N SER D 43 44.73 -33.31 4.26
CA SER D 43 46.13 -33.59 4.56
C SER D 43 46.80 -34.47 3.51
N LEU D 44 46.04 -35.20 2.70
CA LEU D 44 46.63 -36.01 1.65
C LEU D 44 47.09 -35.18 0.46
N ASN D 45 46.75 -33.89 0.41
CA ASN D 45 47.23 -33.02 -0.64
C ASN D 45 48.62 -32.50 -0.29
N PRO D 46 49.63 -32.76 -1.12
CA PRO D 46 51.00 -32.36 -0.73
C PRO D 46 51.22 -30.86 -0.70
N HIS D 47 50.46 -30.07 -1.47
CA HIS D 47 50.60 -28.62 -1.39
C HIS D 47 50.09 -28.09 -0.06
N TRP D 48 49.03 -28.69 0.48
CA TRP D 48 48.51 -28.27 1.77
C TRP D 48 49.42 -28.72 2.90
N GLU D 49 50.04 -29.90 2.77
CA GLU D 49 51.00 -30.36 3.76
C GLU D 49 52.19 -29.41 3.84
N LYS D 50 52.66 -28.91 2.69
CA LYS D 50 53.79 -27.99 2.70
C LYS D 50 53.41 -26.66 3.33
N GLU D 51 52.18 -26.20 3.14
CA GLU D 51 51.74 -24.99 3.81
C GLU D 51 51.62 -25.20 5.31
N LEU D 52 51.35 -26.43 5.74
CA LEU D 52 51.35 -26.73 7.18
C LEU D 52 52.76 -26.61 7.75
N LEU D 53 53.73 -27.29 7.13
CA LEU D 53 55.10 -27.21 7.60
C LEU D 53 55.65 -25.79 7.54
N LYS D 54 55.15 -24.98 6.59
CA LYS D 54 55.64 -23.62 6.42
C LYS D 54 55.11 -22.69 7.50
N HIS D 55 53.86 -22.89 7.94
CA HIS D 55 53.22 -21.97 8.88
C HIS D 55 53.17 -22.49 10.30
N SER D 56 53.57 -23.74 10.54
CA SER D 56 53.46 -24.33 11.87
C SER D 56 54.84 -24.61 12.46
N LYS D 57 54.85 -24.85 13.76
CA LYS D 57 55.95 -25.43 14.51
C LYS D 57 55.52 -26.78 15.05
N PRO D 58 56.38 -27.79 15.01
CA PRO D 58 55.99 -29.13 15.47
C PRO D 58 55.91 -29.17 16.99
N ILE D 59 54.72 -29.51 17.49
CA ILE D 59 54.56 -29.73 18.93
C ILE D 59 54.93 -31.16 19.29
N ASP D 60 54.51 -32.12 18.48
CA ASP D 60 54.94 -33.51 18.62
C ASP D 60 54.86 -34.16 17.24
N ASP D 61 54.87 -35.50 17.22
CA ASP D 61 54.93 -36.22 15.96
C ASP D 61 53.73 -35.90 15.07
N GLY D 62 52.55 -35.76 15.66
CA GLY D 62 51.35 -35.55 14.88
C GLY D 62 50.54 -34.34 15.29
N THR D 63 51.12 -33.46 16.10
CA THR D 63 50.46 -32.24 16.54
C THR D 63 51.27 -31.05 16.06
N PHE D 64 50.58 -30.03 15.54
CA PHE D 64 51.21 -28.86 14.98
C PHE D 64 50.55 -27.61 15.55
N GLU D 65 51.32 -26.54 15.62
CA GLU D 65 50.83 -25.27 16.17
C GLU D 65 51.03 -24.16 15.13
N VAL D 66 49.92 -23.60 14.65
CA VAL D 66 49.93 -22.47 13.74
C VAL D 66 49.42 -21.26 14.50
N ASN D 67 50.32 -20.29 14.74
CA ASN D 67 49.98 -19.03 15.38
C ASN D 67 49.17 -19.24 16.65
N GLY D 68 49.69 -20.08 17.54
CA GLY D 68 49.07 -20.30 18.83
C GLY D 68 47.81 -21.14 18.81
N VAL D 69 47.57 -21.90 17.75
CA VAL D 69 46.40 -22.77 17.63
C VAL D 69 46.88 -24.16 17.25
N LYS D 70 46.38 -25.17 17.95
CA LYS D 70 46.80 -26.55 17.73
C LYS D 70 46.09 -27.14 16.52
N PHE D 71 46.83 -27.95 15.75
CA PHE D 71 46.29 -28.66 14.60
C PHE D 71 46.71 -30.12 14.66
N ILE D 72 45.77 -31.00 14.31
CA ILE D 72 46.08 -32.41 14.10
C ILE D 72 45.69 -32.79 12.68
N LEU D 73 46.30 -33.86 12.19
CA LEU D 73 46.20 -34.22 10.78
C LEU D 73 44.87 -34.94 10.51
N THR D 74 44.03 -34.32 9.69
CA THR D 74 42.77 -34.91 9.26
C THR D 74 42.64 -34.77 7.75
N CYS D 75 41.74 -35.57 7.18
CA CYS D 75 41.45 -35.50 5.75
C CYS D 75 40.18 -36.28 5.47
N GLU D 76 39.41 -35.80 4.49
CA GLU D 76 38.23 -36.47 3.99
C GLU D 76 38.52 -37.06 2.62
N VAL D 77 37.95 -38.23 2.34
CA VAL D 77 38.14 -38.90 1.06
C VAL D 77 36.79 -39.34 0.53
N GLU D 78 36.69 -39.43 -0.79
CA GLU D 78 35.50 -39.91 -1.49
C GLU D 78 35.82 -41.22 -2.19
N ASP D 79 34.90 -42.18 -2.12
CA ASP D 79 35.18 -43.54 -2.55
C ASP D 79 34.44 -43.87 -3.85
N LYS D 80 34.41 -45.16 -4.18
CA LYS D 80 33.76 -45.63 -5.41
C LYS D 80 32.33 -45.14 -5.50
N ARG D 81 31.56 -45.28 -4.41
CA ARG D 81 30.15 -44.97 -4.39
C ARG D 81 29.86 -43.53 -3.95
N ARG D 82 30.85 -42.64 -4.05
CA ARG D 82 30.78 -41.24 -3.66
C ARG D 82 30.56 -41.03 -2.17
N VAL D 83 30.75 -42.06 -1.35
CA VAL D 83 30.60 -41.91 0.09
C VAL D 83 31.85 -41.28 0.69
N HIS D 84 31.65 -40.34 1.61
CA HIS D 84 32.76 -39.61 2.21
C HIS D 84 33.18 -40.27 3.52
N HIS D 85 34.49 -40.28 3.77
CA HIS D 85 35.06 -40.87 4.96
C HIS D 85 36.08 -39.92 5.57
N LEU D 86 36.05 -39.79 6.89
CA LEU D 86 36.97 -38.91 7.62
C LEU D 86 38.14 -39.71 8.15
N LEU D 87 39.35 -39.20 7.94
CA LEU D 87 40.58 -39.82 8.40
C LEU D 87 41.31 -38.91 9.37
N ILE D 88 41.91 -39.49 10.40
CA ILE D 88 42.71 -38.76 11.38
C ILE D 88 44.04 -39.50 11.52
N PHE D 89 45.14 -38.84 11.12
CA PHE D 89 46.44 -39.48 10.98
C PHE D 89 47.29 -39.25 12.21
N PRO D 90 47.95 -40.29 12.75
CA PRO D 90 48.81 -40.08 13.92
C PRO D 90 50.04 -39.25 13.62
N THR D 91 50.71 -39.49 12.49
CA THR D 91 51.90 -38.74 12.12
C THR D 91 51.85 -38.41 10.63
N LEU D 92 52.80 -37.58 10.19
CA LEU D 92 52.96 -37.34 8.76
C LEU D 92 53.44 -38.58 8.04
N SER D 93 54.18 -39.45 8.73
CA SER D 93 54.63 -40.71 8.13
C SER D 93 53.46 -41.57 7.70
N GLN D 94 52.35 -41.53 8.45
CA GLN D 94 51.16 -42.27 8.05
C GLN D 94 50.37 -41.53 6.97
N VAL D 95 50.47 -40.21 6.92
CA VAL D 95 49.87 -39.46 5.81
C VAL D 95 50.54 -39.85 4.50
N ARG D 96 51.87 -39.84 4.48
CA ARG D 96 52.60 -40.14 3.26
C ARG D 96 52.47 -41.61 2.87
N GLU D 97 52.41 -42.49 3.87
CA GLU D 97 52.27 -43.92 3.57
C GLU D 97 50.87 -44.23 3.03
N PHE D 98 49.85 -43.58 3.57
CA PHE D 98 48.50 -43.73 3.03
C PHE D 98 48.39 -43.10 1.64
N ARG D 99 49.01 -41.93 1.47
CA ARG D 99 48.97 -41.26 0.16
C ARG D 99 49.56 -42.13 -0.93
N GLU D 100 50.65 -42.86 -0.62
CA GLU D 100 51.28 -43.72 -1.61
C GLU D 100 50.50 -45.02 -1.83
N LYS D 101 49.74 -45.47 -0.83
CA LYS D 101 48.97 -46.69 -0.99
C LYS D 101 47.76 -46.47 -1.91
N VAL D 102 47.15 -45.29 -1.83
CA VAL D 102 45.94 -44.99 -2.60
C VAL D 102 46.23 -44.18 -3.85
N LYS D 103 47.50 -43.84 -4.10
CA LYS D 103 47.83 -42.95 -5.22
C LYS D 103 47.47 -43.58 -6.56
N ILE D 104 47.62 -44.90 -6.69
CA ILE D 104 47.32 -45.58 -7.94
C ILE D 104 45.83 -45.84 -8.12
N TYR D 105 44.99 -45.38 -7.19
CA TYR D 105 43.55 -45.47 -7.32
C TYR D 105 42.88 -44.10 -7.41
N SER D 106 43.65 -43.04 -7.64
CA SER D 106 43.14 -41.68 -7.66
C SER D 106 43.84 -40.89 -8.75
N THR D 107 43.12 -39.91 -9.31
CA THR D 107 43.68 -38.99 -10.30
C THR D 107 43.54 -37.54 -9.88
N ASN D 108 43.44 -37.28 -8.57
CA ASN D 108 43.29 -35.90 -8.09
C ASN D 108 43.94 -35.71 -6.71
N ILE D 109 45.03 -36.41 -6.43
CA ILE D 109 45.68 -36.29 -5.13
C ILE D 109 46.29 -34.90 -4.97
N GLU D 110 46.94 -34.38 -6.00
CA GLU D 110 47.65 -33.12 -5.90
C GLU D 110 46.86 -31.93 -6.41
N SER D 111 45.73 -32.14 -7.07
CA SER D 111 44.94 -31.06 -7.64
C SER D 111 43.71 -30.72 -6.81
N GLU D 112 43.30 -31.57 -5.88
CA GLU D 112 42.10 -31.37 -5.09
C GLU D 112 42.42 -31.48 -3.61
N GLY D 113 41.46 -31.03 -2.80
CA GLY D 113 41.58 -31.13 -1.36
C GLY D 113 41.00 -32.41 -0.82
N ARG D 114 39.96 -32.93 -1.47
CA ARG D 114 39.37 -34.21 -1.09
C ARG D 114 39.57 -35.19 -2.23
N PRO D 115 40.47 -36.16 -2.08
CA PRO D 115 40.77 -37.06 -3.20
C PRO D 115 39.64 -38.05 -3.45
N ASN D 116 39.30 -38.22 -4.72
CA ASN D 116 38.40 -39.29 -5.13
C ASN D 116 39.19 -40.57 -5.29
N LEU D 117 38.80 -41.60 -4.56
CA LEU D 117 39.50 -42.88 -4.57
C LEU D 117 38.64 -43.94 -5.25
N ASN D 118 39.21 -44.64 -6.22
CA ASN D 118 38.55 -45.77 -6.87
C ASN D 118 38.68 -47.02 -5.99
N LEU D 119 38.17 -46.89 -4.76
CA LEU D 119 38.24 -47.94 -3.76
C LEU D 119 36.93 -47.96 -2.99
N THR D 120 36.59 -49.14 -2.46
CA THR D 120 35.38 -49.27 -1.67
C THR D 120 35.61 -48.75 -0.25
N ALA D 121 34.50 -48.53 0.45
CA ALA D 121 34.58 -48.12 1.85
C ALA D 121 35.34 -49.15 2.68
N GLU D 122 35.16 -50.44 2.36
CA GLU D 122 35.89 -51.49 3.06
C GLU D 122 37.39 -51.36 2.82
N GLU D 123 37.80 -51.32 1.55
CA GLU D 123 39.22 -51.24 1.21
C GLU D 123 39.88 -50.04 1.86
N ILE D 124 39.18 -48.91 1.94
CA ILE D 124 39.76 -47.71 2.53
C ILE D 124 39.96 -47.87 4.03
N ALA D 125 38.96 -48.43 4.72
CA ALA D 125 39.09 -48.64 6.16
C ALA D 125 40.14 -49.70 6.48
N GLU D 126 40.32 -50.69 5.59
CA GLU D 126 41.34 -51.70 5.82
C GLU D 126 42.73 -51.08 5.80
N MET D 127 42.99 -50.19 4.84
CA MET D 127 44.30 -49.53 4.78
C MET D 127 44.54 -48.66 6.00
N ALA D 128 43.49 -47.97 6.47
CA ALA D 128 43.64 -47.12 7.65
C ALA D 128 43.85 -47.97 8.90
N ASN D 129 43.16 -49.10 9.01
CA ASN D 129 43.25 -49.92 10.22
C ASN D 129 44.67 -50.41 10.46
N GLU D 130 45.35 -50.86 9.41
CA GLU D 130 46.70 -51.39 9.57
C GLU D 130 47.75 -50.28 9.64
N LEU D 131 47.41 -49.06 9.23
CA LEU D 131 48.29 -47.92 9.41
C LEU D 131 47.97 -47.13 10.68
N ASP D 132 47.04 -47.62 11.49
CA ASP D 132 46.60 -46.95 12.72
C ASP D 132 45.99 -45.58 12.45
N ILE D 133 45.40 -45.41 11.28
CA ILE D 133 44.70 -44.18 10.93
C ILE D 133 43.25 -44.33 11.35
N LEU D 134 42.78 -43.40 12.19
CA LEU D 134 41.39 -43.41 12.61
C LEU D 134 40.49 -43.09 11.42
N ILE D 135 39.38 -43.82 11.30
CA ILE D 135 38.49 -43.69 10.16
C ILE D 135 37.05 -43.87 10.60
N GLY D 136 36.15 -43.08 9.99
CA GLY D 136 34.73 -43.20 10.20
C GLY D 136 33.98 -42.48 9.10
N PRO D 137 32.69 -42.78 8.95
CA PRO D 137 31.89 -42.12 7.90
C PRO D 137 31.63 -40.66 8.23
N ALA D 138 31.89 -39.79 7.27
CA ALA D 138 31.61 -38.37 7.43
C ALA D 138 30.13 -38.09 7.20
N HIS D 139 29.60 -37.14 7.99
CA HIS D 139 28.20 -36.70 7.95
C HIS D 139 27.27 -37.80 7.47
N ALA D 140 27.16 -38.87 8.28
CA ALA D 140 26.64 -40.15 7.79
C ALA D 140 25.19 -40.08 7.31
N PHE D 141 24.44 -39.05 7.69
CA PHE D 141 23.01 -39.00 7.40
C PHE D 141 22.64 -37.90 6.42
N THR D 142 23.61 -37.19 5.87
CA THR D 142 23.32 -36.18 4.85
C THR D 142 22.76 -36.85 3.60
N PRO D 143 21.76 -36.26 2.95
CA PRO D 143 21.13 -36.90 1.78
C PRO D 143 22.05 -37.09 0.58
N TRP D 144 23.33 -36.73 0.66
CA TRP D 144 24.24 -36.89 -0.45
C TRP D 144 25.64 -37.18 0.07
N THR D 145 26.40 -37.96 -0.72
CA THR D 145 27.80 -38.28 -0.42
C THR D 145 27.98 -38.88 0.97
N SER D 146 26.99 -39.62 1.46
CA SER D 146 27.02 -40.11 2.83
C SER D 146 26.78 -41.60 2.87
N LEU D 147 27.10 -42.19 4.03
CA LEU D 147 27.05 -43.64 4.20
C LEU D 147 25.65 -44.19 3.92
N TYR D 148 24.64 -43.63 4.59
CA TYR D 148 23.29 -44.19 4.49
C TYR D 148 22.54 -43.70 3.26
N LYS D 149 23.20 -42.92 2.40
CA LYS D 149 22.66 -42.72 1.06
C LYS D 149 22.83 -43.98 0.22
N GLU D 150 23.94 -44.69 0.39
CA GLU D 150 24.27 -45.85 -0.42
C GLU D 150 24.10 -47.18 0.29
N TYR D 151 24.13 -47.20 1.62
CA TYR D 151 24.06 -48.45 2.37
C TYR D 151 22.97 -48.37 3.43
N ASP D 152 22.53 -49.54 3.88
CA ASP D 152 21.52 -49.65 4.92
C ASP D 152 22.11 -49.99 6.29
N SER D 153 23.43 -50.17 6.38
CA SER D 153 24.08 -50.49 7.64
C SER D 153 25.58 -50.28 7.50
N LEU D 154 26.25 -50.15 8.64
CA LEU D 154 27.71 -50.04 8.64
C LEU D 154 28.36 -51.31 8.15
N LYS D 155 27.82 -52.47 8.53
CA LYS D 155 28.40 -53.75 8.11
C LYS D 155 28.33 -53.91 6.60
N ASP D 156 27.22 -53.47 5.98
CA ASP D 156 27.12 -53.53 4.53
C ASP D 156 28.17 -52.67 3.85
N ALA D 157 28.61 -51.60 4.51
CA ALA D 157 29.56 -50.68 3.92
C ALA D 157 31.01 -51.06 4.21
N TYR D 158 31.33 -51.43 5.44
CA TYR D 158 32.71 -51.65 5.85
C TYR D 158 33.08 -53.12 6.01
N GLY D 159 32.11 -54.03 6.01
CA GLY D 159 32.43 -55.45 6.06
C GLY D 159 33.11 -55.83 7.36
N ASP D 160 34.26 -56.49 7.25
CA ASP D 160 35.03 -56.91 8.42
C ASP D 160 35.87 -55.81 9.02
N ALA D 161 36.06 -54.70 8.29
CA ALA D 161 36.84 -53.60 8.81
C ALA D 161 36.18 -53.00 10.05
N LYS D 162 37.00 -52.35 10.88
CA LYS D 162 36.54 -51.74 12.12
C LYS D 162 36.78 -50.25 12.06
N ILE D 163 35.73 -49.47 12.33
CA ILE D 163 35.80 -48.02 12.27
C ILE D 163 35.94 -47.47 13.68
N ASP D 164 36.44 -46.24 13.77
CA ASP D 164 36.79 -45.64 15.05
C ASP D 164 35.81 -44.60 15.54
N PHE D 165 34.95 -44.08 14.67
CA PHE D 165 33.97 -43.05 15.05
C PHE D 165 32.94 -42.95 13.93
N LEU D 166 31.94 -42.10 14.15
CA LEU D 166 30.96 -41.75 13.13
C LEU D 166 30.66 -40.27 13.25
N GLU D 167 30.72 -39.56 12.12
CA GLU D 167 30.47 -38.13 12.11
C GLU D 167 28.99 -37.88 11.86
N LEU D 168 28.35 -37.14 12.78
CA LEU D 168 26.90 -36.95 12.73
C LEU D 168 26.50 -36.12 11.52
N GLY D 169 27.20 -35.02 11.27
CA GLY D 169 26.86 -34.12 10.19
C GLY D 169 25.86 -33.05 10.62
N LEU D 170 25.67 -32.08 9.73
CA LEU D 170 24.79 -30.96 10.01
C LEU D 170 23.31 -31.34 9.97
N SER D 171 22.98 -32.59 9.64
CA SER D 171 21.59 -33.00 9.48
C SER D 171 21.14 -34.01 10.53
N ALA D 172 21.94 -34.22 11.59
CA ALA D 172 21.59 -35.22 12.59
C ALA D 172 22.30 -34.89 13.89
N ASP D 173 21.67 -35.28 15.00
CA ASP D 173 22.26 -35.20 16.32
C ASP D 173 22.38 -36.61 16.90
N SER D 174 22.93 -36.68 18.13
CA SER D 174 23.24 -37.97 18.72
C SER D 174 22.01 -38.84 18.89
N ASP D 175 20.89 -38.25 19.35
CA ASP D 175 19.69 -39.04 19.59
C ASP D 175 19.14 -39.64 18.30
N MET D 176 19.32 -38.96 17.17
CA MET D 176 18.89 -39.53 15.90
C MET D 176 19.76 -40.72 15.50
N ALA D 177 21.08 -40.58 15.68
CA ALA D 177 21.98 -41.67 15.30
C ALA D 177 21.87 -42.85 16.24
N ASP D 178 21.58 -42.61 17.52
CA ASP D 178 21.45 -43.71 18.48
C ASP D 178 20.18 -44.53 18.27
N MET D 179 19.33 -44.18 17.31
CA MET D 179 18.20 -45.03 16.97
C MET D 179 18.63 -46.30 16.25
N ILE D 180 19.89 -46.39 15.84
CA ILE D 180 20.44 -47.55 15.14
C ILE D 180 21.38 -48.26 16.10
N LYS D 181 21.03 -49.49 16.46
CA LYS D 181 21.72 -50.17 17.55
C LYS D 181 23.20 -50.42 17.22
N ALA D 182 23.54 -50.53 15.93
CA ALA D 182 24.92 -50.75 15.54
C ALA D 182 25.82 -49.55 15.85
N HIS D 183 25.25 -48.41 16.19
CA HIS D 183 26.02 -47.22 16.51
C HIS D 183 26.40 -47.11 17.98
N HIS D 184 25.81 -47.92 18.85
CA HIS D 184 26.00 -47.74 20.28
C HIS D 184 27.42 -48.03 20.74
N SER D 185 28.18 -48.81 19.97
CA SER D 185 29.57 -49.09 20.29
C SER D 185 30.54 -48.17 19.58
N ILE D 186 30.04 -47.17 18.86
CA ILE D 186 30.85 -46.28 18.04
C ILE D 186 30.75 -44.87 18.62
N PRO D 187 31.85 -44.22 18.95
CA PRO D 187 31.78 -42.84 19.43
C PRO D 187 31.43 -41.86 18.31
N TYR D 188 30.83 -40.74 18.70
CA TYR D 188 30.33 -39.75 17.76
C TYR D 188 31.26 -38.54 17.70
N LEU D 189 31.43 -38.01 16.50
CA LEU D 189 32.09 -36.73 16.29
C LEU D 189 31.11 -35.77 15.62
N SER D 190 31.14 -34.51 16.03
CA SER D 190 30.34 -33.45 15.41
C SER D 190 31.32 -32.39 14.90
N ASN D 191 31.44 -32.30 13.59
CA ASN D 191 32.37 -31.36 12.96
C ASN D 191 31.61 -30.48 11.96
N SER D 192 32.20 -29.32 11.68
CA SER D 192 31.47 -28.31 10.90
C SER D 192 31.50 -28.58 9.41
N ASP D 193 32.53 -29.26 8.90
CA ASP D 193 32.79 -29.36 7.47
C ASP D 193 32.83 -27.96 6.85
N ALA D 194 33.63 -27.09 7.47
CA ALA D 194 33.67 -25.70 7.10
C ALA D 194 34.28 -25.52 5.71
N HIS D 195 33.58 -24.79 4.85
CA HIS D 195 34.11 -24.33 3.59
C HIS D 195 34.48 -22.85 3.62
N SER D 196 34.36 -22.21 4.79
CA SER D 196 34.59 -20.80 4.99
C SER D 196 35.20 -20.61 6.37
N PRO D 197 36.13 -19.67 6.54
CA PRO D 197 36.78 -19.50 7.85
C PRO D 197 35.98 -18.69 8.85
N ASN D 198 34.97 -17.96 8.42
CA ASN D 198 34.21 -17.11 9.33
C ASN D 198 33.59 -17.95 10.45
N PRO D 199 33.52 -17.43 11.67
CA PRO D 199 32.91 -18.19 12.77
C PRO D 199 31.46 -18.61 12.51
N HIS D 200 30.81 -18.04 11.49
CA HIS D 200 29.49 -18.52 11.10
C HIS D 200 29.54 -19.97 10.61
N ARG D 201 30.67 -20.38 10.05
CA ARG D 201 30.84 -21.73 9.53
C ARG D 201 31.90 -22.53 10.28
N LEU D 202 33.06 -21.93 10.55
CA LEU D 202 34.10 -22.64 11.29
C LEU D 202 33.64 -22.91 12.71
N GLY D 203 33.78 -24.17 13.15
CA GLY D 203 33.28 -24.54 14.45
C GLY D 203 31.78 -24.53 14.59
N ARG D 204 31.05 -24.52 13.47
CA ARG D 204 29.59 -24.58 13.52
C ARG D 204 29.12 -25.82 14.26
N GLU D 205 29.82 -26.93 14.10
CA GLU D 205 29.72 -28.05 15.02
C GLU D 205 31.13 -28.36 15.52
N PHE D 206 31.23 -28.81 16.76
CA PHE D 206 32.52 -29.10 17.35
C PHE D 206 32.35 -30.10 18.48
N ASN D 207 33.47 -30.56 19.02
CA ASN D 207 33.52 -31.50 20.13
C ASN D 207 34.28 -30.87 21.29
N ARG D 208 33.88 -31.24 22.50
CA ARG D 208 34.56 -30.82 23.72
C ARG D 208 35.26 -32.04 24.31
N PHE D 209 36.58 -32.01 24.32
CA PHE D 209 37.39 -33.11 24.83
C PHE D 209 37.95 -32.75 26.20
N GLU D 210 38.03 -33.75 27.08
CA GLU D 210 38.80 -33.65 28.32
C GLU D 210 40.07 -34.47 28.14
N VAL D 211 41.22 -33.80 28.24
CA VAL D 211 42.52 -34.41 27.98
C VAL D 211 43.53 -33.79 28.94
N LYS D 212 44.73 -34.38 28.97
CA LYS D 212 45.83 -33.79 29.72
C LYS D 212 46.52 -32.69 28.92
N ASP D 213 46.83 -32.97 27.65
CA ASP D 213 47.44 -32.00 26.74
C ASP D 213 46.72 -32.09 25.41
N VAL D 214 46.99 -31.12 24.53
CA VAL D 214 46.40 -31.10 23.20
C VAL D 214 47.41 -31.75 22.26
N THR D 215 47.31 -33.07 22.14
CA THR D 215 48.08 -33.84 21.17
C THR D 215 47.16 -34.84 20.49
N PHE D 216 47.64 -35.41 19.38
CA PHE D 216 46.84 -36.43 18.71
C PHE D 216 46.57 -37.62 19.63
N GLU D 217 47.59 -38.05 20.36
CA GLU D 217 47.44 -39.23 21.21
C GLU D 217 46.40 -39.00 22.30
N GLU D 218 46.39 -37.81 22.90
CA GLU D 218 45.38 -37.49 23.89
C GLU D 218 43.99 -37.45 23.28
N ILE D 219 43.87 -36.88 22.08
CA ILE D 219 42.58 -36.84 21.40
C ILE D 219 42.12 -38.25 21.05
N ARG D 220 43.06 -39.11 20.64
CA ARG D 220 42.70 -40.49 20.35
C ARG D 220 42.17 -41.20 21.59
N LYS D 221 42.79 -40.95 22.74
CA LYS D 221 42.31 -41.55 23.99
C LYS D 221 40.94 -41.01 24.36
N ALA D 222 40.70 -39.72 24.11
CA ALA D 222 39.38 -39.15 24.40
C ALA D 222 38.31 -39.78 23.51
N ILE D 223 38.60 -39.95 22.22
CA ILE D 223 37.66 -40.58 21.31
C ILE D 223 37.37 -42.00 21.76
N LYS D 224 38.41 -42.74 22.17
CA LYS D 224 38.25 -44.11 22.64
C LYS D 224 37.87 -44.19 24.10
N GLY D 225 37.90 -43.09 24.83
CA GLY D 225 37.48 -43.09 26.23
C GLY D 225 38.35 -43.94 27.14
N VAL D 226 39.67 -43.85 26.99
CA VAL D 226 40.59 -44.63 27.79
C VAL D 226 41.41 -43.69 28.66
N GLY D 227 41.74 -44.14 29.87
CA GLY D 227 42.65 -43.41 30.73
C GLY D 227 42.11 -42.12 31.31
N GLY D 228 40.79 -41.95 31.38
CA GLY D 228 40.20 -40.75 31.90
C GLY D 228 39.92 -39.68 30.86
N ARG D 229 40.44 -39.83 29.65
CA ARG D 229 40.10 -38.93 28.56
C ARG D 229 38.76 -39.34 27.96
N LYS D 230 38.00 -38.33 27.51
CA LYS D 230 36.68 -38.61 26.95
C LYS D 230 36.18 -37.39 26.20
N ILE D 231 35.14 -37.61 25.39
CA ILE D 231 34.40 -36.52 24.77
C ILE D 231 33.37 -36.03 25.78
N MET D 232 33.50 -34.78 26.22
CA MET D 232 32.59 -34.25 27.22
C MET D 232 31.21 -33.97 26.63
N LEU D 233 31.16 -33.43 25.42
CA LEU D 233 29.89 -33.12 24.79
C LEU D 233 30.11 -32.95 23.29
N ASN D 234 29.01 -33.08 22.54
CA ASN D 234 28.96 -32.74 21.13
C ASN D 234 28.07 -31.51 20.96
N ALA D 235 28.55 -30.54 20.19
CA ALA D 235 27.82 -29.30 19.95
C ALA D 235 27.59 -29.14 18.45
N GLY D 236 26.35 -28.81 18.07
CA GLY D 236 26.05 -28.66 16.67
C GLY D 236 24.71 -28.00 16.46
N LEU D 237 24.30 -27.99 15.20
CA LEU D 237 23.03 -27.37 14.83
C LEU D 237 21.86 -28.24 15.27
N ASP D 238 20.73 -27.59 15.49
CA ASP D 238 19.48 -28.31 15.68
C ASP D 238 19.12 -28.99 14.37
N PRO D 239 19.13 -30.32 14.30
CA PRO D 239 18.88 -30.99 13.02
C PRO D 239 17.47 -30.77 12.48
N ARG D 240 16.52 -30.43 13.35
CA ARG D 240 15.15 -30.20 12.91
C ARG D 240 15.04 -29.03 11.94
N LEU D 241 15.99 -28.09 11.99
CA LEU D 241 15.98 -26.95 11.09
C LEU D 241 16.62 -27.24 9.74
N GLY D 242 17.15 -28.44 9.54
CA GLY D 242 17.88 -28.73 8.32
C GLY D 242 17.01 -28.65 7.09
N LYS D 243 17.66 -28.36 5.95
CA LYS D 243 16.97 -28.22 4.68
C LYS D 243 16.18 -29.47 4.29
N TYR D 244 16.53 -30.63 4.84
CA TYR D 244 15.92 -31.89 4.43
C TYR D 244 15.58 -32.74 5.63
N HIS D 245 15.11 -32.12 6.71
CA HIS D 245 14.75 -32.90 7.90
C HIS D 245 13.47 -33.69 7.67
N LEU D 246 12.41 -33.03 7.22
CA LEU D 246 11.14 -33.70 6.93
C LEU D 246 10.99 -33.94 5.43
N THR D 247 10.29 -35.01 5.09
CA THR D 247 9.95 -35.28 3.70
C THR D 247 8.98 -34.20 3.22
N ALA D 248 9.34 -33.51 2.14
CA ALA D 248 8.56 -32.38 1.69
C ALA D 248 8.70 -32.20 0.19
N CYS D 249 7.71 -31.52 -0.40
CA CYS D 249 7.82 -31.12 -1.80
C CYS D 249 8.97 -30.13 -1.96
N SER D 250 9.70 -30.26 -3.05
CA SER D 250 10.83 -29.38 -3.33
C SER D 250 10.41 -28.11 -4.06
N ARG D 251 9.10 -27.90 -4.28
CA ARG D 251 8.60 -26.72 -4.94
C ARG D 251 7.81 -25.81 -4.00
N CYS D 252 6.79 -26.34 -3.32
CA CYS D 252 6.00 -25.56 -2.39
C CYS D 252 6.31 -25.88 -0.93
N TYR D 253 7.17 -26.86 -0.67
CA TYR D 253 7.64 -27.19 0.67
C TYR D 253 6.54 -27.69 1.60
N THR D 254 5.48 -28.24 1.03
CA THR D 254 4.47 -28.94 1.83
C THR D 254 5.07 -30.24 2.36
N LYS D 255 4.86 -30.50 3.65
CA LYS D 255 5.41 -31.70 4.27
C LYS D 255 4.49 -32.89 4.04
N TYR D 256 5.10 -34.06 3.87
CA TYR D 256 4.38 -35.30 3.68
C TYR D 256 5.05 -36.40 4.49
N THR D 257 4.24 -37.32 5.02
CA THR D 257 4.79 -38.49 5.69
C THR D 257 5.44 -39.41 4.65
N LEU D 258 6.21 -40.37 5.16
CA LEU D 258 6.98 -41.25 4.26
C LEU D 258 6.05 -42.09 3.40
N GLN D 259 5.02 -42.69 3.99
CA GLN D 259 4.13 -43.56 3.23
C GLN D 259 3.18 -42.77 2.34
N ASP D 260 2.82 -41.55 2.73
CA ASP D 260 2.02 -40.71 1.85
C ASP D 260 2.82 -40.31 0.62
N ALA D 261 4.12 -40.06 0.79
CA ALA D 261 4.96 -39.71 -0.36
C ALA D 261 5.09 -40.89 -1.31
N VAL D 262 5.13 -42.11 -0.79
CA VAL D 262 5.25 -43.28 -1.64
C VAL D 262 3.98 -43.50 -2.45
N SER D 263 2.82 -43.44 -1.78
CA SER D 263 1.54 -43.63 -2.47
C SER D 263 1.25 -42.53 -3.48
N LEU D 264 1.84 -41.35 -3.31
CA LEU D 264 1.74 -40.28 -4.30
C LEU D 264 2.76 -40.42 -5.41
N SER D 265 3.55 -41.49 -5.41
CA SER D 265 4.65 -41.68 -6.36
C SER D 265 5.64 -40.52 -6.32
N TRP D 266 5.80 -39.92 -5.14
CA TRP D 266 6.76 -38.84 -4.90
C TRP D 266 6.49 -37.62 -5.75
N LYS D 267 5.22 -37.40 -6.10
CA LYS D 267 4.80 -36.22 -6.86
C LYS D 267 3.79 -35.46 -6.01
N CYS D 268 4.06 -34.18 -5.77
CA CYS D 268 3.17 -33.37 -4.93
C CYS D 268 1.83 -33.17 -5.63
N PRO D 269 0.71 -33.52 -4.99
CA PRO D 269 -0.59 -33.31 -5.65
C PRO D 269 -1.03 -31.86 -5.71
N LYS D 270 -0.34 -30.95 -5.01
CA LYS D 270 -0.71 -29.54 -5.04
C LYS D 270 -0.14 -28.84 -6.26
N CYS D 271 1.18 -28.90 -6.44
CA CYS D 271 1.86 -28.13 -7.47
C CYS D 271 2.60 -29.00 -8.49
N GLY D 272 2.52 -30.32 -8.38
CA GLY D 272 3.24 -31.18 -9.30
C GLY D 272 4.73 -31.23 -9.09
N GLY D 273 5.23 -30.70 -7.98
CA GLY D 273 6.65 -30.73 -7.71
C GLY D 273 7.13 -32.10 -7.26
N ILE D 274 8.45 -32.23 -7.17
CA ILE D 274 9.09 -33.48 -6.78
C ILE D 274 9.23 -33.49 -5.26
N ILE D 275 8.69 -34.53 -4.63
CA ILE D 275 8.85 -34.71 -3.20
C ILE D 275 10.20 -35.35 -2.93
N LYS D 276 10.89 -34.88 -1.90
CA LYS D 276 12.23 -35.35 -1.57
C LYS D 276 12.23 -35.98 -0.17
N LYS D 277 12.93 -37.10 -0.06
CA LYS D 277 13.03 -37.82 1.19
C LYS D 277 13.69 -36.97 2.27
N GLY D 278 13.14 -37.03 3.48
CA GLY D 278 13.70 -36.31 4.61
C GLY D 278 14.63 -37.19 5.44
N VAL D 279 15.60 -36.55 6.09
CA VAL D 279 16.56 -37.29 6.90
C VAL D 279 15.85 -38.02 8.04
N ARG D 280 14.83 -37.39 8.61
CA ARG D 280 14.07 -38.02 9.70
C ARG D 280 13.48 -39.35 9.25
N ASP D 281 12.94 -39.40 8.03
CA ASP D 281 12.32 -40.63 7.54
C ASP D 281 13.36 -41.68 7.14
N ARG D 282 14.56 -41.25 6.73
CA ARG D 282 15.61 -42.21 6.45
C ARG D 282 16.02 -42.95 7.71
N ILE D 283 16.07 -42.25 8.84
CA ILE D 283 16.43 -42.89 10.10
C ILE D 283 15.31 -43.77 10.61
N LEU D 284 14.05 -43.35 10.40
CA LEU D 284 12.93 -44.20 10.79
C LEU D 284 12.91 -45.49 10.00
N GLU D 285 13.39 -45.47 8.76
CA GLU D 285 13.54 -46.71 8.00
C GLU D 285 14.55 -47.65 8.64
N LEU D 286 15.55 -47.10 9.34
CA LEU D 286 16.66 -47.88 9.86
C LEU D 286 16.57 -48.16 11.36
N ALA D 287 15.70 -47.45 12.08
CA ALA D 287 15.67 -47.55 13.53
C ALA D 287 15.29 -48.95 13.98
N ASP D 288 16.10 -49.52 14.88
CA ASP D 288 15.83 -50.84 15.43
C ASP D 288 15.98 -50.88 16.95
N THR D 289 16.02 -49.72 17.62
CA THR D 289 16.17 -49.69 19.06
C THR D 289 15.66 -48.36 19.60
N SER D 290 15.18 -48.38 20.84
CA SER D 290 14.73 -47.19 21.53
C SER D 290 15.69 -46.78 22.64
N GLU D 291 16.85 -47.42 22.73
CA GLU D 291 17.80 -47.18 23.80
C GLU D 291 18.98 -46.35 23.32
N LYS D 292 19.73 -45.81 24.28
CA LYS D 292 20.98 -45.12 24.03
C LYS D 292 22.04 -45.65 24.98
N PRO D 293 23.31 -45.57 24.60
CA PRO D 293 24.38 -45.96 25.53
C PRO D 293 24.36 -45.09 26.77
N LYS D 294 24.67 -45.71 27.91
CA LYS D 294 24.60 -44.99 29.19
C LYS D 294 25.62 -43.85 29.23
N ASP D 295 26.79 -44.06 28.63
CA ASP D 295 27.86 -43.08 28.68
C ASP D 295 27.93 -42.20 27.43
N ARG D 296 26.88 -42.18 26.63
CA ARG D 296 26.87 -41.32 25.44
C ARG D 296 26.91 -39.86 25.88
N PRO D 297 27.84 -39.06 25.37
CA PRO D 297 27.88 -37.65 25.75
C PRO D 297 26.65 -36.91 25.23
N PRO D 298 26.26 -35.83 25.89
CA PRO D 298 25.10 -35.06 25.42
C PRO D 298 25.41 -34.34 24.13
N TYR D 299 24.34 -33.95 23.43
CA TYR D 299 24.42 -33.15 22.21
C TYR D 299 23.76 -31.81 22.49
N VAL D 300 24.54 -30.74 22.50
CA VAL D 300 24.03 -29.40 22.76
C VAL D 300 23.72 -28.72 21.43
N ARG D 301 22.45 -28.37 21.24
CA ARG D 301 22.03 -27.66 20.03
C ARG D 301 22.31 -26.17 20.19
N LEU D 302 22.96 -25.58 19.20
CA LEU D 302 23.30 -24.17 19.26
C LEU D 302 23.58 -23.66 17.86
N ALA D 303 23.48 -22.34 17.72
CA ALA D 303 23.75 -21.63 16.49
C ALA D 303 24.90 -20.64 16.71
N PRO D 304 25.61 -20.26 15.65
CA PRO D 304 26.66 -19.25 15.81
C PRO D 304 26.13 -17.98 16.44
N LEU D 305 27.00 -17.31 17.20
CA LEU D 305 26.57 -16.17 18.01
C LEU D 305 26.00 -15.05 17.13
N ALA D 306 26.70 -14.72 16.04
CA ALA D 306 26.20 -13.68 15.14
C ALA D 306 24.88 -14.10 14.50
N GLU D 307 24.63 -15.40 14.36
CA GLU D 307 23.36 -15.87 13.84
C GLU D 307 22.25 -15.72 14.88
N ILE D 308 22.57 -15.94 16.15
CA ILE D 308 21.60 -15.72 17.21
C ILE D 308 21.32 -14.24 17.37
N ILE D 309 22.37 -13.40 17.28
CA ILE D 309 22.18 -11.97 17.40
C ILE D 309 21.31 -11.43 16.27
N ALA D 310 21.48 -11.98 15.06
CA ALA D 310 20.67 -11.55 13.93
C ALA D 310 19.19 -11.84 14.17
N MET D 311 18.88 -12.96 14.81
CA MET D 311 17.50 -13.29 15.12
C MET D 311 16.93 -12.37 16.19
N VAL D 312 17.70 -12.11 17.24
CA VAL D 312 17.19 -11.32 18.36
C VAL D 312 16.97 -9.87 17.96
N LEU D 313 17.99 -9.26 17.34
CA LEU D 313 17.87 -7.86 16.92
C LEU D 313 16.91 -7.68 15.77
N GLY D 314 16.46 -8.75 15.11
CA GLY D 314 15.56 -8.61 14.00
C GLY D 314 16.15 -7.95 12.77
N LYS D 315 17.46 -8.13 12.55
CA LYS D 315 18.14 -7.54 11.41
C LYS D 315 19.02 -8.59 10.75
N GLY D 316 19.57 -8.24 9.60
CA GLY D 316 20.41 -9.16 8.87
C GLY D 316 21.74 -9.43 9.57
N ILE D 317 22.35 -10.56 9.23
CA ILE D 317 23.61 -10.94 9.84
C ILE D 317 24.78 -10.10 9.37
N GLU D 318 24.70 -9.50 8.16
CA GLU D 318 25.80 -8.69 7.66
C GLU D 318 25.80 -7.27 8.22
N SER D 319 24.70 -6.82 8.78
CA SER D 319 24.59 -5.44 9.25
C SER D 319 25.55 -5.16 10.41
N LYS D 320 25.98 -3.91 10.50
CA LYS D 320 26.88 -3.51 11.58
C LYS D 320 26.20 -3.51 12.94
N ALA D 321 24.87 -3.47 12.98
CA ALA D 321 24.17 -3.59 14.26
C ALA D 321 24.43 -4.95 14.90
N VAL D 322 24.49 -6.00 14.08
CA VAL D 322 24.86 -7.32 14.58
C VAL D 322 26.36 -7.41 14.82
N LYS D 323 27.16 -6.77 13.96
CA LYS D 323 28.60 -6.85 14.09
C LYS D 323 29.10 -6.12 15.33
N LEU D 324 28.47 -4.99 15.68
CA LEU D 324 28.88 -4.26 16.88
C LEU D 324 28.53 -5.02 18.14
N LEU D 325 27.38 -5.70 18.15
CA LEU D 325 27.01 -6.50 19.32
C LEU D 325 27.86 -7.77 19.41
N TRP D 326 28.19 -8.36 18.26
CA TRP D 326 29.06 -9.53 18.26
C TRP D 326 30.46 -9.17 18.72
N ASN D 327 31.01 -8.07 18.23
CA ASN D 327 32.30 -7.60 18.71
C ASN D 327 32.25 -7.23 20.20
N ARG D 328 31.11 -6.71 20.66
CA ARG D 328 30.98 -6.38 22.06
C ARG D 328 31.02 -7.63 22.94
N PHE D 329 30.37 -8.71 22.49
CA PHE D 329 30.49 -9.97 23.20
C PHE D 329 31.92 -10.52 23.13
N LEU D 330 32.56 -10.39 21.97
CA LEU D 330 33.92 -10.88 21.82
C LEU D 330 34.95 -10.01 22.55
N ARG D 331 34.62 -8.75 22.82
CA ARG D 331 35.54 -7.90 23.57
C ARG D 331 35.48 -8.20 25.06
N GLU D 332 34.28 -8.35 25.61
CA GLU D 332 34.12 -8.69 27.02
C GLU D 332 34.69 -10.07 27.31
N PHE D 333 34.17 -11.09 26.64
CA PHE D 333 34.55 -12.47 26.86
C PHE D 333 35.43 -12.96 25.72
N GLY D 334 36.29 -13.93 26.03
CA GLY D 334 37.37 -14.26 25.13
C GLY D 334 36.92 -14.90 23.83
N SER D 335 35.81 -15.62 23.83
CA SER D 335 35.46 -16.43 22.67
C SER D 335 33.95 -16.56 22.54
N GLU D 336 33.53 -16.92 21.33
CA GLU D 336 32.11 -17.13 21.05
C GLU D 336 31.59 -18.38 21.74
N ILE D 337 32.38 -19.46 21.75
CA ILE D 337 31.95 -20.69 22.40
C ILE D 337 31.71 -20.47 23.89
N ARG D 338 32.50 -19.61 24.52
CA ARG D 338 32.29 -19.31 25.94
C ARG D 338 30.94 -18.65 26.17
N VAL D 339 30.54 -17.75 25.28
CA VAL D 339 29.23 -17.13 25.39
C VAL D 339 28.13 -18.16 25.16
N LEU D 340 28.35 -19.09 24.22
CA LEU D 340 27.28 -19.98 23.80
C LEU D 340 27.01 -21.08 24.82
N ILE D 341 28.02 -21.50 25.58
CA ILE D 341 27.95 -22.73 26.37
C ILE D 341 28.25 -22.46 27.85
N ASP D 342 29.32 -21.73 28.14
CA ASP D 342 29.87 -21.69 29.49
C ASP D 342 29.39 -20.52 30.33
N LEU D 343 29.14 -19.36 29.73
CA LEU D 343 28.77 -18.20 30.52
C LEU D 343 27.39 -18.39 31.15
N PRO D 344 27.21 -18.01 32.42
CA PRO D 344 25.87 -17.97 32.98
C PRO D 344 25.00 -16.98 32.21
N ILE D 345 23.70 -17.23 32.23
CA ILE D 345 22.77 -16.35 31.51
C ILE D 345 22.84 -14.94 32.06
N GLU D 346 23.07 -14.80 33.36
CA GLU D 346 23.19 -13.48 33.97
C GLU D 346 24.37 -12.71 33.39
N SER D 347 25.48 -13.40 33.12
CA SER D 347 26.64 -12.73 32.55
C SER D 347 26.36 -12.29 31.12
N ILE D 348 25.67 -13.12 30.33
CA ILE D 348 25.29 -12.73 28.99
C ILE D 348 24.33 -11.55 29.03
N ALA D 349 23.44 -11.53 30.03
CA ALA D 349 22.43 -10.48 30.12
C ALA D 349 23.02 -9.12 30.49
N SER D 350 24.22 -9.10 31.10
CA SER D 350 24.86 -7.83 31.39
C SER D 350 25.26 -7.09 30.12
N VAL D 351 25.30 -7.79 28.98
CA VAL D 351 25.57 -7.18 27.69
C VAL D 351 24.29 -7.01 26.88
N HIS D 352 23.46 -8.05 26.82
CA HIS D 352 22.20 -7.97 26.10
C HIS D 352 21.24 -8.99 26.69
N GLU D 353 20.10 -8.53 27.21
CA GLU D 353 19.15 -9.43 27.85
C GLU D 353 18.46 -10.33 26.84
N GLY D 354 18.21 -9.82 25.63
CA GLY D 354 17.54 -10.63 24.62
C GLY D 354 18.40 -11.79 24.13
N VAL D 355 19.70 -11.53 23.92
CA VAL D 355 20.61 -12.59 23.50
C VAL D 355 20.71 -13.66 24.58
N ALA D 356 20.72 -13.24 25.86
CA ALA D 356 20.80 -14.19 26.96
C ALA D 356 19.60 -15.12 26.97
N LYS D 357 18.40 -14.58 26.73
CA LYS D 357 17.20 -15.40 26.70
C LYS D 357 17.25 -16.41 25.55
N ALA D 358 17.66 -15.94 24.36
CA ALA D 358 17.76 -16.84 23.21
C ALA D 358 18.76 -17.95 23.45
N ILE D 359 19.91 -17.63 24.06
CA ILE D 359 20.90 -18.65 24.36
C ILE D 359 20.37 -19.62 25.41
N TRP D 360 19.69 -19.10 26.43
CA TRP D 360 19.08 -19.95 27.45
C TRP D 360 18.10 -20.93 26.81
N ALA D 361 17.30 -20.47 25.85
CA ALA D 361 16.37 -21.36 25.17
C ALA D 361 17.09 -22.43 24.37
N TYR D 362 18.26 -22.09 23.79
CA TYR D 362 19.06 -23.10 23.11
C TYR D 362 19.62 -24.12 24.10
N ARG D 363 20.09 -23.65 25.25
CA ARG D 363 20.68 -24.55 26.24
C ARG D 363 19.64 -25.45 26.90
N ASN D 364 18.35 -25.12 26.79
CA ASN D 364 17.30 -25.88 27.44
C ASN D 364 16.25 -26.38 26.46
N ASN D 365 16.48 -26.22 25.15
CA ASN D 365 15.57 -26.71 24.12
C ASN D 365 14.16 -26.17 24.32
N LYS D 366 14.07 -24.84 24.46
CA LYS D 366 12.80 -24.17 24.71
C LYS D 366 12.32 -23.37 23.51
N LEU D 367 12.96 -23.50 22.36
CA LEU D 367 12.59 -22.73 21.18
C LEU D 367 11.45 -23.43 20.44
N ILE D 368 10.57 -22.61 19.87
CA ILE D 368 9.50 -23.13 19.02
C ILE D 368 10.04 -23.32 17.61
N ILE D 369 9.89 -24.52 17.08
CA ILE D 369 10.57 -24.94 15.86
C ILE D 369 9.53 -25.22 14.77
N VAL D 370 9.73 -24.63 13.60
CA VAL D 370 9.05 -25.03 12.37
C VAL D 370 10.06 -25.83 11.55
N PRO D 371 9.90 -27.15 11.43
CA PRO D 371 10.95 -27.96 10.80
C PRO D 371 11.12 -27.65 9.32
N GLY D 372 12.34 -27.85 8.84
CA GLY D 372 12.64 -27.69 7.43
C GLY D 372 12.40 -28.96 6.65
N GLY D 373 12.51 -28.83 5.32
CA GLY D 373 12.30 -29.97 4.44
C GLY D 373 12.21 -29.58 2.98
N GLY D 374 12.54 -30.50 2.09
CA GLY D 374 12.51 -30.24 0.66
C GLY D 374 13.44 -29.17 0.15
N GLY D 375 14.44 -28.77 0.93
CA GLY D 375 15.37 -27.72 0.52
C GLY D 375 15.20 -26.42 1.27
N LYS D 376 14.09 -26.24 1.99
CA LYS D 376 13.85 -25.02 2.74
C LYS D 376 14.29 -25.21 4.19
N TYR D 377 14.99 -24.21 4.72
CA TYR D 377 15.44 -24.27 6.10
C TYR D 377 14.28 -24.04 7.06
N GLY D 378 14.40 -24.62 8.25
CA GLY D 378 13.40 -24.42 9.27
C GLY D 378 13.41 -23.01 9.83
N GLU D 379 12.42 -22.73 10.68
CA GLU D 379 12.27 -21.41 11.26
C GLU D 379 12.34 -21.49 12.78
N ILE D 380 12.84 -20.42 13.39
CA ILE D 380 13.15 -20.38 14.81
C ILE D 380 12.34 -19.26 15.45
N ARG D 381 11.95 -19.48 16.71
CA ARG D 381 11.07 -18.53 17.39
C ARG D 381 11.17 -18.75 18.89
N ILE D 382 11.16 -17.66 19.64
CA ILE D 382 11.24 -17.69 21.10
C ILE D 382 9.84 -17.44 21.65
N PRO D 383 9.30 -18.33 22.49
CA PRO D 383 7.92 -18.16 22.96
C PRO D 383 7.77 -16.92 23.82
N GLU D 384 6.54 -16.40 23.85
CA GLU D 384 6.26 -15.12 24.51
C GLU D 384 6.57 -15.16 25.99
N GLU D 385 6.39 -16.31 26.64
CA GLU D 385 6.65 -16.42 28.08
C GLU D 385 8.10 -16.08 28.39
N ILE D 386 9.04 -16.62 27.62
CA ILE D 386 10.45 -16.32 27.84
C ILE D 386 10.75 -14.86 27.51
N LEU D 387 10.06 -14.30 26.51
CA LEU D 387 10.33 -12.92 26.11
C LEU D 387 9.87 -11.92 27.18
N LYS D 388 8.83 -12.25 27.93
CA LYS D 388 8.25 -11.36 28.92
C LYS D 388 8.55 -11.83 30.34
N ALA D 389 9.76 -12.32 30.58
CA ALA D 389 10.12 -12.88 31.87
C ALA D 389 11.46 -12.34 32.33
N LYS D 390 11.59 -12.13 33.65
CA LYS D 390 12.88 -11.81 34.23
C LYS D 390 13.81 -13.02 34.15
N ILE D 391 15.11 -12.75 34.07
CA ILE D 391 16.09 -13.82 33.96
C ILE D 391 15.99 -14.78 35.13
N GLU D 392 15.67 -14.26 36.32
CA GLU D 392 15.62 -15.09 37.52
C GLU D 392 14.54 -16.16 37.44
N ASP D 393 13.49 -15.92 36.65
CA ASP D 393 12.31 -16.78 36.66
C ASP D 393 12.29 -17.78 35.50
N LEU D 394 13.37 -17.86 34.71
CA LEU D 394 13.33 -18.63 33.47
C LEU D 394 13.05 -20.11 33.73
N ASN D 395 13.72 -20.69 34.73
CA ASN D 395 13.57 -22.13 34.98
C ASN D 395 12.21 -22.51 35.57
N SER D 396 11.38 -21.52 35.94
CA SER D 396 10.12 -21.79 36.60
C SER D 396 8.90 -21.64 35.70
N ILE D 397 9.09 -21.29 34.42
CA ILE D 397 7.98 -21.09 33.50
C ILE D 397 7.62 -22.44 32.87
N GLU D 398 6.32 -22.72 32.82
CA GLU D 398 5.80 -23.80 31.97
C GLU D 398 5.36 -23.19 30.65
N ILE D 399 5.86 -23.74 29.55
CA ILE D 399 5.62 -23.17 28.24
C ILE D 399 4.68 -24.08 27.44
N MET E 1 32.81 22.06 -3.92
CA MET E 1 32.68 22.84 -5.15
C MET E 1 32.73 21.91 -6.36
N VAL E 2 31.82 22.13 -7.30
CA VAL E 2 31.67 21.30 -8.50
C VAL E 2 32.07 22.12 -9.72
N VAL E 3 32.98 21.58 -10.51
CA VAL E 3 33.53 22.27 -11.67
C VAL E 3 33.67 21.28 -12.82
N ASP E 4 33.27 21.71 -14.01
CA ASP E 4 33.39 20.91 -15.23
C ASP E 4 34.61 21.38 -16.01
N GLY E 5 35.45 20.42 -16.41
CA GLY E 5 36.71 20.75 -17.06
C GLY E 5 37.04 19.93 -18.30
N ASP E 6 37.57 20.60 -19.32
CA ASP E 6 37.99 19.98 -20.57
C ASP E 6 39.49 20.25 -20.72
N LEU E 7 40.31 19.20 -20.56
CA LEU E 7 41.75 19.37 -20.37
C LEU E 7 42.56 18.99 -21.62
N HIS E 8 41.93 18.90 -22.79
CA HIS E 8 42.65 18.57 -24.02
C HIS E 8 42.04 19.38 -25.15
N ILE E 9 42.64 20.51 -25.48
CA ILE E 9 42.28 21.33 -26.62
C ILE E 9 43.56 21.66 -27.38
N HIS E 10 43.42 22.43 -28.46
CA HIS E 10 44.55 22.87 -29.26
C HIS E 10 44.36 24.32 -29.64
N SER E 11 45.47 25.02 -29.83
CA SER E 11 45.47 26.45 -30.11
C SER E 11 45.57 26.69 -31.62
N HIS E 12 45.52 27.97 -31.99
CA HIS E 12 45.64 28.33 -33.41
C HIS E 12 47.04 28.06 -33.93
N TYR E 13 48.03 27.86 -33.06
CA TYR E 13 49.35 27.46 -33.49
C TYR E 13 49.41 25.99 -33.91
N SER E 14 48.36 25.22 -33.68
CA SER E 14 48.33 23.82 -34.03
C SER E 14 47.81 23.62 -35.45
N LYS E 15 48.18 22.49 -36.04
CA LYS E 15 47.84 22.21 -37.42
C LYS E 15 46.37 21.84 -37.57
N ALA E 16 45.72 22.35 -38.62
CA ALA E 16 44.33 22.06 -38.94
C ALA E 16 43.40 22.45 -37.80
N VAL E 17 43.68 23.59 -37.17
CA VAL E 17 42.90 24.08 -36.04
C VAL E 17 42.41 25.49 -36.36
N SER E 18 41.19 25.80 -35.93
CA SER E 18 40.60 27.10 -36.18
C SER E 18 41.48 28.20 -35.61
N LYS E 19 41.69 29.26 -36.42
CA LYS E 19 42.41 30.43 -35.93
C LYS E 19 41.63 31.16 -34.84
N LEU E 20 40.34 30.87 -34.70
CA LEU E 20 39.55 31.38 -33.59
C LEU E 20 39.88 30.71 -32.27
N MET E 21 40.85 29.78 -32.24
CA MET E 21 41.29 29.16 -31.00
C MET E 21 42.30 30.09 -30.32
N THR E 22 41.77 31.20 -29.82
CA THR E 22 42.51 32.16 -29.01
C THR E 22 41.99 32.14 -27.59
N PHE E 23 42.84 32.54 -26.65
CA PHE E 23 42.43 32.57 -25.24
C PHE E 23 41.17 33.37 -24.99
N PRO E 24 40.94 34.54 -25.59
CA PRO E 24 39.65 35.22 -25.37
C PRO E 24 38.47 34.46 -25.93
N ILE E 25 38.60 33.88 -27.13
CA ILE E 25 37.48 33.17 -27.74
C ILE E 25 37.26 31.81 -27.10
N ILE E 26 38.33 31.14 -26.66
CA ILE E 26 38.17 29.89 -25.93
C ILE E 26 37.50 30.13 -24.59
N ALA E 27 37.81 31.24 -23.94
CA ALA E 27 37.23 31.53 -22.63
C ALA E 27 35.74 31.86 -22.75
N GLU E 28 35.37 32.69 -23.72
CA GLU E 28 33.97 33.08 -23.84
C GLU E 28 33.10 31.93 -24.32
N ASN E 29 33.67 30.96 -25.03
CA ASN E 29 32.91 29.79 -25.43
C ASN E 29 32.81 28.77 -24.30
N ALA E 30 33.82 28.72 -23.43
CA ALA E 30 33.73 27.86 -22.25
C ALA E 30 32.61 28.32 -21.33
N LYS E 31 32.36 29.64 -21.26
CA LYS E 31 31.25 30.14 -20.47
C LYS E 31 29.91 29.66 -21.01
N LEU E 32 29.77 29.66 -22.34
CA LEU E 32 28.51 29.19 -22.94
C LEU E 32 28.35 27.68 -22.76
N LYS E 33 29.46 26.94 -22.83
CA LYS E 33 29.39 25.49 -22.67
C LYS E 33 29.08 25.10 -21.24
N GLY E 34 29.63 25.83 -20.28
CA GLY E 34 29.55 25.47 -18.89
C GLY E 34 30.85 24.98 -18.30
N LEU E 35 31.97 25.22 -18.98
CA LEU E 35 33.28 24.73 -18.52
C LEU E 35 33.92 25.81 -17.66
N ASN E 36 33.98 25.57 -16.35
CA ASN E 36 34.69 26.47 -15.45
C ASN E 36 36.20 26.25 -15.48
N LEU E 37 36.67 25.20 -16.13
CA LEU E 37 38.08 24.85 -16.19
C LEU E 37 38.40 24.35 -17.60
N VAL E 38 39.48 24.87 -18.19
CA VAL E 38 39.94 24.45 -19.50
C VAL E 38 41.45 24.31 -19.44
N GLY E 39 41.97 23.27 -20.10
CA GLY E 39 43.41 23.17 -20.30
C GLY E 39 43.84 24.14 -21.40
N THR E 40 45.04 24.70 -21.21
CA THR E 40 45.55 25.63 -22.22
C THR E 40 45.81 24.92 -23.54
N GLY E 41 46.38 23.72 -23.49
CA GLY E 41 46.78 23.02 -24.69
C GLY E 41 48.00 23.67 -25.32
N ASP E 42 48.82 22.88 -25.99
CA ASP E 42 49.99 23.39 -26.73
C ASP E 42 50.91 24.22 -25.83
N SER E 43 50.96 23.92 -24.53
CA SER E 43 51.71 24.74 -23.60
C SER E 43 53.22 24.69 -23.83
N LEU E 44 53.72 23.71 -24.59
CA LEU E 44 55.14 23.67 -24.92
C LEU E 44 55.52 24.67 -25.99
N ASN E 45 54.56 25.38 -26.58
CA ASN E 45 54.85 26.42 -27.57
C ASN E 45 55.15 27.72 -26.85
N PRO E 46 56.28 28.37 -27.13
CA PRO E 46 56.60 29.61 -26.41
C PRO E 46 55.70 30.78 -26.76
N HIS E 47 55.21 30.86 -28.00
CA HIS E 47 54.31 31.94 -28.37
C HIS E 47 52.96 31.78 -27.69
N TRP E 48 52.44 30.56 -27.63
CA TRP E 48 51.17 30.31 -26.96
C TRP E 48 51.27 30.54 -25.46
N GLU E 49 52.45 30.31 -24.88
CA GLU E 49 52.68 30.68 -23.48
C GLU E 49 52.60 32.19 -23.30
N LYS E 50 53.16 32.94 -24.26
CA LYS E 50 53.14 34.39 -24.15
C LYS E 50 51.72 34.94 -24.25
N GLU E 51 50.89 34.35 -25.11
CA GLU E 51 49.50 34.79 -25.18
C GLU E 51 48.74 34.48 -23.90
N LEU E 52 49.13 33.42 -23.20
CA LEU E 52 48.54 33.13 -21.90
C LEU E 52 48.86 34.22 -20.90
N LEU E 53 50.14 34.55 -20.74
CA LEU E 53 50.52 35.65 -19.87
C LEU E 53 49.99 36.98 -20.39
N LYS E 54 49.64 37.06 -21.67
CA LYS E 54 49.11 38.29 -22.23
C LYS E 54 47.65 38.49 -21.84
N HIS E 55 46.84 37.45 -21.98
CA HIS E 55 45.40 37.58 -21.80
C HIS E 55 44.92 37.12 -20.42
N SER E 56 45.76 36.46 -19.63
CA SER E 56 45.35 35.93 -18.35
C SER E 56 45.97 36.71 -17.21
N LYS E 57 45.45 36.46 -16.01
CA LYS E 57 45.98 36.99 -14.78
C LYS E 57 46.25 35.84 -13.82
N PRO E 58 47.35 35.86 -13.08
CA PRO E 58 47.67 34.73 -12.20
C PRO E 58 46.68 34.54 -11.07
N ILE E 59 46.25 33.30 -10.93
CA ILE E 59 45.53 32.85 -9.75
C ILE E 59 46.47 32.16 -8.78
N ASP E 60 47.54 31.58 -9.30
CA ASP E 60 48.28 30.50 -8.67
C ASP E 60 49.55 30.29 -9.48
N ASP E 61 50.57 29.66 -8.90
CA ASP E 61 51.79 29.45 -9.70
C ASP E 61 51.56 28.51 -10.90
N GLY E 62 50.41 27.85 -10.96
CA GLY E 62 50.08 26.98 -12.05
C GLY E 62 48.64 27.07 -12.54
N THR E 63 47.91 28.07 -12.07
CA THR E 63 46.53 28.30 -12.49
C THR E 63 46.39 29.72 -13.01
N PHE E 64 45.74 29.87 -14.15
CA PHE E 64 45.62 31.14 -14.84
C PHE E 64 44.15 31.38 -15.16
N GLU E 65 43.78 32.66 -15.30
CA GLU E 65 42.38 33.04 -15.49
C GLU E 65 42.28 33.99 -16.67
N VAL E 66 41.52 33.58 -17.70
CA VAL E 66 41.29 34.39 -18.89
C VAL E 66 39.83 34.82 -18.86
N ASN E 67 39.60 36.08 -18.48
CA ASN E 67 38.28 36.70 -18.55
C ASN E 67 37.20 35.84 -17.88
N GLY E 68 37.50 35.38 -16.67
CA GLY E 68 36.55 34.63 -15.87
C GLY E 68 36.61 33.12 -15.99
N VAL E 69 37.54 32.59 -16.77
CA VAL E 69 37.66 31.15 -16.98
C VAL E 69 39.03 30.69 -16.49
N LYS E 70 39.06 29.61 -15.73
CA LYS E 70 40.30 29.08 -15.17
C LYS E 70 41.00 28.17 -16.18
N PHE E 71 42.32 28.31 -16.26
CA PHE E 71 43.14 27.52 -17.17
C PHE E 71 44.28 26.86 -16.39
N ILE E 72 44.57 25.60 -16.73
CA ILE E 72 45.76 24.92 -16.23
C ILE E 72 46.60 24.51 -17.44
N LEU E 73 47.88 24.25 -17.18
CA LEU E 73 48.85 24.05 -18.24
C LEU E 73 48.80 22.60 -18.73
N THR E 74 48.29 22.41 -19.95
CA THR E 74 48.26 21.11 -20.60
C THR E 74 48.92 21.19 -21.95
N CYS E 75 49.39 20.04 -22.44
CA CYS E 75 49.97 19.94 -23.77
C CYS E 75 49.99 18.49 -24.19
N GLU E 76 49.92 18.27 -25.50
CA GLU E 76 49.95 16.93 -26.10
C GLU E 76 51.19 16.81 -26.97
N VAL E 77 51.87 15.67 -26.86
CA VAL E 77 53.06 15.39 -27.66
C VAL E 77 52.85 14.09 -28.43
N GLU E 78 53.56 13.97 -29.54
CA GLU E 78 53.50 12.80 -30.41
C GLU E 78 54.89 12.17 -30.45
N ASP E 79 54.97 10.88 -30.12
CA ASP E 79 56.27 10.23 -29.97
C ASP E 79 56.73 9.66 -31.31
N LYS E 80 57.77 8.81 -31.26
CA LYS E 80 58.38 8.30 -32.48
C LYS E 80 57.43 7.39 -33.26
N ARG E 81 56.58 6.64 -32.55
CA ARG E 81 55.59 5.77 -33.18
C ARG E 81 54.29 6.50 -33.50
N ARG E 82 54.31 7.84 -33.47
CA ARG E 82 53.16 8.70 -33.72
C ARG E 82 52.05 8.53 -32.68
N VAL E 83 52.37 7.94 -31.53
CA VAL E 83 51.40 7.81 -30.44
C VAL E 83 51.35 9.12 -29.66
N HIS E 84 50.14 9.54 -29.30
CA HIS E 84 49.92 10.79 -28.60
C HIS E 84 49.83 10.59 -27.10
N HIS E 85 50.32 11.57 -26.35
CA HIS E 85 50.30 11.54 -24.89
C HIS E 85 49.90 12.91 -24.38
N LEU E 86 49.13 12.92 -23.28
CA LEU E 86 48.66 14.16 -22.68
C LEU E 86 49.53 14.50 -21.47
N LEU E 87 49.94 15.76 -21.38
CA LEU E 87 50.77 16.26 -20.29
C LEU E 87 50.03 17.39 -19.58
N ILE E 88 50.09 17.38 -18.24
CA ILE E 88 49.53 18.44 -17.41
C ILE E 88 50.64 18.94 -16.51
N PHE E 89 50.96 20.24 -16.61
CA PHE E 89 52.15 20.79 -15.97
C PHE E 89 51.79 21.54 -14.69
N PRO E 90 52.54 21.31 -13.60
CA PRO E 90 52.24 22.00 -12.33
C PRO E 90 52.45 23.50 -12.39
N THR E 91 53.66 23.94 -12.71
CA THR E 91 53.99 25.36 -12.84
C THR E 91 54.55 25.63 -14.22
N LEU E 92 54.81 26.91 -14.50
CA LEU E 92 55.40 27.27 -15.79
C LEU E 92 56.88 26.90 -15.87
N SER E 93 57.53 26.65 -14.73
CA SER E 93 58.91 26.22 -14.76
C SER E 93 59.03 24.75 -15.15
N GLN E 94 58.01 23.93 -14.85
CA GLN E 94 58.00 22.56 -15.34
C GLN E 94 57.84 22.51 -16.85
N VAL E 95 57.09 23.45 -17.43
CA VAL E 95 56.97 23.52 -18.88
C VAL E 95 58.33 23.80 -19.51
N ARG E 96 59.06 24.76 -18.94
CA ARG E 96 60.32 25.18 -19.54
C ARG E 96 61.41 24.13 -19.37
N GLU E 97 61.41 23.42 -18.23
CA GLU E 97 62.34 22.32 -18.06
C GLU E 97 62.06 21.21 -19.06
N PHE E 98 60.78 20.85 -19.22
CA PHE E 98 60.41 19.81 -20.19
C PHE E 98 60.68 20.27 -21.61
N ARG E 99 60.33 21.51 -21.93
CA ARG E 99 60.61 22.06 -23.26
C ARG E 99 62.11 22.04 -23.53
N GLU E 100 62.92 22.31 -22.50
CA GLU E 100 64.37 22.27 -22.66
C GLU E 100 64.86 20.83 -22.79
N LYS E 101 64.22 19.89 -22.10
CA LYS E 101 64.68 18.51 -22.11
C LYS E 101 64.41 17.82 -23.45
N VAL E 102 63.38 18.27 -24.18
CA VAL E 102 62.98 17.63 -25.42
C VAL E 102 63.26 18.49 -26.63
N LYS E 103 63.85 19.67 -26.48
CA LYS E 103 64.12 20.52 -27.62
C LYS E 103 65.14 19.89 -28.56
N ILE E 104 66.00 19.01 -28.05
CA ILE E 104 67.04 18.41 -28.87
C ILE E 104 66.46 17.31 -29.77
N TYR E 105 65.37 16.68 -29.34
CA TYR E 105 64.74 15.61 -30.10
C TYR E 105 63.56 16.09 -30.92
N SER E 106 63.37 17.40 -31.07
CA SER E 106 62.23 17.94 -31.78
C SER E 106 62.66 19.09 -32.67
N THR E 107 61.84 19.39 -33.68
CA THR E 107 62.07 20.49 -34.58
C THR E 107 60.90 21.46 -34.70
N ASN E 108 59.74 21.13 -34.15
CA ASN E 108 58.55 21.97 -34.29
C ASN E 108 58.04 22.47 -32.94
N ILE E 109 58.94 22.61 -31.97
CA ILE E 109 58.54 23.12 -30.66
C ILE E 109 57.99 24.55 -30.77
N GLU E 110 58.60 25.37 -31.64
CA GLU E 110 58.21 26.75 -31.79
C GLU E 110 57.31 27.01 -32.99
N SER E 111 57.17 26.05 -33.90
CA SER E 111 56.42 26.27 -35.14
C SER E 111 55.00 25.71 -35.08
N GLU E 112 54.76 24.63 -34.35
CA GLU E 112 53.45 23.99 -34.30
C GLU E 112 53.02 23.85 -32.84
N GLY E 113 51.80 23.34 -32.66
CA GLY E 113 51.21 23.22 -31.33
C GLY E 113 51.48 21.89 -30.65
N ARG E 114 51.43 20.79 -31.41
CA ARG E 114 51.74 19.47 -30.88
C ARG E 114 53.09 19.03 -31.41
N PRO E 115 54.13 19.02 -30.57
CA PRO E 115 55.47 18.69 -31.07
C PRO E 115 55.66 17.20 -31.30
N ASN E 116 56.34 16.87 -32.40
CA ASN E 116 56.73 15.50 -32.69
C ASN E 116 58.10 15.25 -32.05
N LEU E 117 58.16 14.29 -31.14
CA LEU E 117 59.37 14.03 -30.36
C LEU E 117 59.99 12.72 -30.78
N ASN E 118 61.31 12.74 -30.98
CA ASN E 118 62.06 11.52 -31.32
C ASN E 118 62.43 10.76 -30.04
N LEU E 119 61.37 10.37 -29.31
CA LEU E 119 61.50 9.62 -28.07
C LEU E 119 60.43 8.54 -28.04
N THR E 120 60.69 7.47 -27.30
CA THR E 120 59.68 6.44 -27.14
C THR E 120 58.64 6.88 -26.12
N ALA E 121 57.54 6.13 -26.06
CA ALA E 121 56.50 6.42 -25.06
C ALA E 121 57.06 6.26 -23.65
N GLU E 122 57.95 5.28 -23.46
CA GLU E 122 58.53 5.05 -22.13
C GLU E 122 59.44 6.21 -21.72
N GLU E 123 60.28 6.68 -22.64
CA GLU E 123 61.19 7.78 -22.32
C GLU E 123 60.43 9.06 -21.98
N ILE E 124 59.39 9.37 -22.76
CA ILE E 124 58.59 10.56 -22.48
C ILE E 124 57.96 10.47 -21.11
N ALA E 125 57.49 9.28 -20.72
CA ALA E 125 56.76 9.14 -19.48
C ALA E 125 57.68 9.30 -18.26
N GLU E 126 58.88 8.72 -18.31
CA GLU E 126 59.79 8.87 -17.18
C GLU E 126 60.48 10.22 -17.17
N MET E 127 60.48 10.95 -18.29
CA MET E 127 60.82 12.37 -18.24
C MET E 127 59.77 13.14 -17.45
N ALA E 128 58.49 12.90 -17.74
CA ALA E 128 57.41 13.56 -17.01
C ALA E 128 57.39 13.13 -15.55
N ASN E 129 57.71 11.86 -15.28
CA ASN E 129 57.74 11.39 -13.90
C ASN E 129 58.80 12.12 -13.08
N GLU E 130 59.96 12.37 -13.69
CA GLU E 130 61.04 13.05 -12.97
C GLU E 130 60.68 14.50 -12.67
N LEU E 131 59.98 15.16 -13.61
CA LEU E 131 59.60 16.55 -13.45
C LEU E 131 58.25 16.73 -12.77
N ASP E 132 57.68 15.65 -12.23
CA ASP E 132 56.36 15.68 -11.58
C ASP E 132 55.29 16.22 -12.52
N ILE E 133 55.40 15.86 -13.80
CA ILE E 133 54.42 16.24 -14.82
C ILE E 133 53.46 15.08 -15.02
N LEU E 134 52.16 15.37 -14.91
CA LEU E 134 51.15 14.33 -15.11
C LEU E 134 51.12 13.92 -16.58
N ILE E 135 51.17 12.61 -16.82
CA ILE E 135 51.22 12.08 -18.18
C ILE E 135 50.24 10.91 -18.31
N GLY E 136 49.65 10.80 -19.49
CA GLY E 136 48.79 9.70 -19.85
C GLY E 136 48.60 9.62 -21.35
N PRO E 137 48.17 8.45 -21.84
CA PRO E 137 47.93 8.32 -23.29
C PRO E 137 46.66 9.04 -23.71
N ALA E 138 46.79 9.92 -24.69
CA ALA E 138 45.63 10.63 -25.21
C ALA E 138 44.78 9.70 -26.08
N HIS E 139 43.45 9.84 -25.95
CA HIS E 139 42.45 9.08 -26.70
C HIS E 139 42.93 7.67 -27.03
N ALA E 140 43.09 6.84 -25.99
CA ALA E 140 43.88 5.62 -26.12
C ALA E 140 43.31 4.64 -27.13
N PHE E 141 42.01 4.70 -27.39
CA PHE E 141 41.34 3.67 -28.19
C PHE E 141 40.96 4.16 -29.59
N THR E 142 41.43 5.35 -29.99
CA THR E 142 41.17 5.88 -31.32
C THR E 142 42.03 5.16 -32.34
N PRO E 143 41.48 4.85 -33.53
CA PRO E 143 42.22 4.04 -34.51
C PRO E 143 43.44 4.71 -35.14
N TRP E 144 43.93 5.80 -34.56
CA TRP E 144 45.10 6.48 -35.11
C TRP E 144 45.76 7.32 -34.03
N THR E 145 47.10 7.39 -34.10
CA THR E 145 47.91 8.21 -33.21
C THR E 145 47.61 7.91 -31.74
N SER E 146 47.32 6.65 -31.44
CA SER E 146 46.85 6.28 -30.11
C SER E 146 47.61 5.05 -29.61
N LEU E 147 47.44 4.80 -28.31
CA LEU E 147 48.19 3.75 -27.63
C LEU E 147 47.92 2.39 -28.25
N TYR E 148 46.66 1.97 -28.28
CA TYR E 148 46.33 0.59 -28.62
C TYR E 148 46.25 0.34 -30.11
N LYS E 149 46.68 1.28 -30.94
CA LYS E 149 46.99 0.97 -32.33
C LYS E 149 48.41 0.44 -32.49
N GLU E 150 49.34 0.91 -31.65
CA GLU E 150 50.73 0.50 -31.73
C GLU E 150 51.14 -0.48 -30.64
N TYR E 151 50.34 -0.61 -29.57
CA TYR E 151 50.70 -1.45 -28.44
C TYR E 151 49.51 -2.29 -28.01
N ASP E 152 49.82 -3.36 -27.28
CA ASP E 152 48.80 -4.27 -26.78
C ASP E 152 48.52 -4.09 -25.29
N SER E 153 49.32 -3.28 -24.59
CA SER E 153 49.10 -3.01 -23.17
C SER E 153 49.88 -1.77 -22.79
N LEU E 154 49.62 -1.29 -21.57
CA LEU E 154 50.35 -0.13 -21.05
C LEU E 154 51.79 -0.49 -20.72
N LYS E 155 52.00 -1.66 -20.11
CA LYS E 155 53.35 -2.14 -19.84
C LYS E 155 54.20 -2.15 -21.11
N ASP E 156 53.58 -2.52 -22.24
CA ASP E 156 54.30 -2.58 -23.50
C ASP E 156 54.85 -1.23 -23.89
N ALA E 157 54.07 -0.17 -23.71
CA ALA E 157 54.43 1.15 -24.20
C ALA E 157 55.30 1.94 -23.21
N TYR E 158 54.96 1.90 -21.92
CA TYR E 158 55.61 2.76 -20.94
C TYR E 158 56.63 2.04 -20.08
N GLY E 159 56.69 0.71 -20.14
CA GLY E 159 57.72 -0.03 -19.42
C GLY E 159 57.63 0.18 -17.92
N ASP E 160 58.74 0.65 -17.33
CA ASP E 160 58.80 0.90 -15.89
C ASP E 160 58.20 2.23 -15.48
N ALA E 161 57.89 3.10 -16.44
CA ALA E 161 57.39 4.42 -16.12
C ALA E 161 55.94 4.36 -15.62
N LYS E 162 55.56 5.35 -14.83
CA LYS E 162 54.22 5.45 -14.28
C LYS E 162 53.42 6.47 -15.08
N ILE E 163 52.17 6.11 -15.40
CA ILE E 163 51.24 7.06 -16.00
C ILE E 163 50.22 7.44 -14.95
N ASP E 164 49.72 8.67 -15.05
CA ASP E 164 48.84 9.24 -14.04
C ASP E 164 47.36 9.17 -14.42
N PHE E 165 47.05 8.88 -15.68
CA PHE E 165 45.67 8.80 -16.13
C PHE E 165 45.66 8.16 -17.52
N LEU E 166 44.46 7.88 -18.00
CA LEU E 166 44.23 7.43 -19.38
C LEU E 166 43.06 8.23 -19.93
N GLU E 167 43.25 8.81 -21.12
CA GLU E 167 42.20 9.56 -21.79
C GLU E 167 41.40 8.63 -22.69
N LEU E 168 40.09 8.59 -22.49
CA LEU E 168 39.25 7.64 -23.19
C LEU E 168 39.19 7.92 -24.68
N GLY E 169 38.92 9.17 -25.05
CA GLY E 169 38.75 9.54 -26.44
C GLY E 169 37.33 9.37 -26.92
N LEU E 170 37.10 9.84 -28.16
CA LEU E 170 35.76 9.88 -28.71
C LEU E 170 35.23 8.52 -29.14
N SER E 171 36.05 7.47 -29.11
CA SER E 171 35.65 6.16 -29.59
C SER E 171 35.43 5.15 -28.47
N ALA E 172 35.47 5.58 -27.20
CA ALA E 172 35.31 4.65 -26.10
C ALA E 172 34.72 5.36 -24.89
N ASP E 173 34.06 4.58 -24.04
CA ASP E 173 33.60 5.04 -22.73
C ASP E 173 34.27 4.19 -21.66
N SER E 174 33.89 4.45 -20.40
CA SER E 174 34.60 3.84 -19.27
C SER E 174 34.37 2.33 -19.22
N ASP E 175 33.17 1.87 -19.54
CA ASP E 175 32.89 0.44 -19.48
C ASP E 175 33.70 -0.34 -20.50
N MET E 176 33.96 0.24 -21.67
CA MET E 176 34.81 -0.42 -22.66
C MET E 176 36.25 -0.50 -22.17
N ALA E 177 36.77 0.59 -21.61
CA ALA E 177 38.15 0.61 -21.13
C ALA E 177 38.35 -0.30 -19.94
N ASP E 178 37.34 -0.44 -19.08
CA ASP E 178 37.48 -1.25 -17.88
C ASP E 178 37.46 -2.76 -18.16
N MET E 179 37.33 -3.19 -19.42
CA MET E 179 37.47 -4.60 -19.74
C MET E 179 38.93 -5.05 -19.77
N ILE E 180 39.86 -4.15 -19.47
CA ILE E 180 41.28 -4.46 -19.41
C ILE E 180 41.75 -4.22 -17.99
N LYS E 181 42.26 -5.27 -17.35
CA LYS E 181 42.54 -5.23 -15.91
C LYS E 181 43.53 -4.13 -15.55
N ALA E 182 44.57 -3.95 -16.38
CA ALA E 182 45.62 -2.99 -16.06
C ALA E 182 45.10 -1.57 -15.91
N HIS E 183 43.93 -1.26 -16.46
CA HIS E 183 43.37 0.08 -16.36
C HIS E 183 42.68 0.34 -15.03
N HIS E 184 42.37 -0.71 -14.27
CA HIS E 184 41.57 -0.56 -13.05
C HIS E 184 42.26 0.29 -12.00
N SER E 185 43.59 0.39 -12.04
CA SER E 185 44.34 1.20 -11.09
C SER E 185 44.67 2.58 -11.64
N ILE E 186 44.01 2.99 -12.72
CA ILE E 186 44.37 4.23 -13.41
C ILE E 186 43.12 5.08 -13.64
N PRO E 187 43.12 6.33 -13.21
CA PRO E 187 41.94 7.18 -13.42
C PRO E 187 41.74 7.54 -14.88
N TYR E 188 40.48 7.83 -15.22
CA TYR E 188 40.10 8.13 -16.60
C TYR E 188 39.84 9.62 -16.76
N LEU E 189 40.24 10.15 -17.91
CA LEU E 189 39.87 11.50 -18.32
C LEU E 189 39.10 11.42 -19.64
N SER E 190 38.06 12.23 -19.74
CA SER E 190 37.30 12.36 -20.99
C SER E 190 37.40 13.82 -21.42
N ASN E 191 38.14 14.07 -22.50
CA ASN E 191 38.36 15.40 -23.01
C ASN E 191 38.00 15.45 -24.48
N SER E 192 37.70 16.65 -24.97
CA SER E 192 37.09 16.81 -26.29
C SER E 192 38.10 16.74 -27.44
N ASP E 193 39.38 17.02 -27.19
CA ASP E 193 40.36 17.20 -28.26
C ASP E 193 39.87 18.27 -29.23
N ALA E 194 39.50 19.42 -28.68
CA ALA E 194 38.80 20.44 -29.44
C ALA E 194 39.76 21.16 -30.39
N HIS E 195 39.40 21.17 -31.67
CA HIS E 195 40.12 21.94 -32.69
C HIS E 195 39.32 23.17 -33.11
N SER E 196 38.19 23.45 -32.45
CA SER E 196 37.30 24.54 -32.79
C SER E 196 36.70 25.08 -31.50
N PRO E 197 36.49 26.40 -31.40
CA PRO E 197 35.92 26.97 -30.17
C PRO E 197 34.43 26.75 -30.02
N ASN E 198 33.74 26.26 -31.06
CA ASN E 198 32.30 26.11 -31.00
C ASN E 198 31.90 25.18 -29.87
N PRO E 199 30.82 25.48 -29.14
CA PRO E 199 30.36 24.54 -28.10
C PRO E 199 30.00 23.17 -28.64
N HIS E 200 29.80 23.03 -29.95
CA HIS E 200 29.63 21.73 -30.57
C HIS E 200 30.90 20.88 -30.49
N ARG E 201 32.05 21.51 -30.26
CA ARG E 201 33.33 20.81 -30.12
C ARG E 201 33.94 21.01 -28.74
N LEU E 202 34.09 22.26 -28.30
CA LEU E 202 34.63 22.55 -26.98
C LEU E 202 33.72 21.97 -25.90
N GLY E 203 34.21 20.98 -25.16
CA GLY E 203 33.40 20.28 -24.20
C GLY E 203 32.58 19.14 -24.76
N ARG E 204 32.91 18.68 -25.98
CA ARG E 204 32.29 17.47 -26.51
C ARG E 204 32.44 16.32 -25.52
N GLU E 205 33.59 16.24 -24.86
CA GLU E 205 33.77 15.44 -23.67
C GLU E 205 34.37 16.32 -22.58
N PHE E 206 34.03 16.04 -21.34
CA PHE E 206 34.56 16.81 -20.22
C PHE E 206 34.51 15.97 -18.95
N ASN E 207 35.11 16.50 -17.90
CA ASN E 207 35.18 15.85 -16.60
C ASN E 207 34.56 16.75 -15.54
N ARG E 208 33.77 16.16 -14.66
CA ARG E 208 33.19 16.88 -13.53
C ARG E 208 34.04 16.58 -12.30
N PHE E 209 34.74 17.59 -11.80
CA PHE E 209 35.63 17.45 -10.66
C PHE E 209 34.95 17.92 -9.39
N GLU E 210 35.32 17.30 -8.27
CA GLU E 210 34.91 17.73 -6.94
C GLU E 210 36.16 18.24 -6.24
N VAL E 211 36.30 19.56 -6.16
CA VAL E 211 37.48 20.19 -5.60
C VAL E 211 37.03 21.28 -4.63
N LYS E 212 37.99 21.74 -3.82
CA LYS E 212 37.75 22.83 -2.89
C LYS E 212 38.19 24.18 -3.44
N ASP E 213 38.84 24.19 -4.60
CA ASP E 213 39.19 25.38 -5.36
C ASP E 213 39.58 24.92 -6.74
N VAL E 214 39.50 25.85 -7.70
CA VAL E 214 39.90 25.51 -9.07
C VAL E 214 41.36 25.88 -9.30
N THR E 215 42.27 25.01 -8.87
CA THR E 215 43.69 25.17 -9.08
C THR E 215 44.26 23.85 -9.61
N PHE E 216 45.50 23.89 -10.12
CA PHE E 216 46.16 22.67 -10.58
C PHE E 216 46.25 21.65 -9.45
N GLU E 217 46.74 22.08 -8.29
CA GLU E 217 46.96 21.15 -7.17
C GLU E 217 45.67 20.47 -6.76
N GLU E 218 44.56 21.20 -6.78
CA GLU E 218 43.27 20.59 -6.49
C GLU E 218 42.88 19.58 -7.56
N ILE E 219 43.12 19.90 -8.83
CA ILE E 219 42.78 18.99 -9.92
C ILE E 219 43.66 17.75 -9.86
N ARG E 220 44.95 17.92 -9.55
CA ARG E 220 45.83 16.77 -9.37
C ARG E 220 45.29 15.87 -8.26
N LYS E 221 44.87 16.46 -7.14
CA LYS E 221 44.29 15.67 -6.05
C LYS E 221 43.00 14.99 -6.50
N ALA E 222 42.21 15.66 -7.33
CA ALA E 222 40.96 15.07 -7.81
C ALA E 222 41.24 13.85 -8.69
N ILE E 223 42.20 13.98 -9.61
CA ILE E 223 42.52 12.88 -10.51
C ILE E 223 43.02 11.67 -9.73
N LYS E 224 43.86 11.89 -8.72
CA LYS E 224 44.36 10.81 -7.89
C LYS E 224 43.40 10.41 -6.79
N GLY E 225 42.34 11.17 -6.57
CA GLY E 225 41.34 10.84 -5.58
C GLY E 225 41.87 10.85 -4.16
N VAL E 226 42.43 11.99 -3.74
CA VAL E 226 43.00 12.13 -2.41
C VAL E 226 42.44 13.39 -1.76
N GLY E 227 42.39 13.37 -0.43
CA GLY E 227 41.91 14.51 0.32
C GLY E 227 40.46 14.89 0.11
N GLY E 228 39.62 13.93 -0.29
CA GLY E 228 38.23 14.20 -0.60
C GLY E 228 37.98 14.64 -2.02
N ARG E 229 39.00 15.10 -2.73
CA ARG E 229 38.85 15.49 -4.12
C ARG E 229 38.68 14.25 -5.00
N LYS E 230 37.89 14.39 -6.06
CA LYS E 230 37.58 13.25 -6.92
C LYS E 230 36.98 13.75 -8.22
N ILE E 231 36.84 12.82 -9.16
CA ILE E 231 36.09 13.04 -10.39
C ILE E 231 34.70 12.47 -10.18
N MET E 232 33.67 13.33 -10.25
CA MET E 232 32.31 12.86 -10.00
C MET E 232 31.78 12.03 -11.17
N LEU E 233 32.09 12.43 -12.40
CA LEU E 233 31.64 11.68 -13.56
C LEU E 233 32.51 12.05 -14.75
N ASN E 234 32.42 11.21 -15.78
CA ASN E 234 32.98 11.50 -17.09
C ASN E 234 31.84 11.61 -18.10
N ALA E 235 31.92 12.60 -18.97
CA ALA E 235 30.87 12.85 -19.95
C ALA E 235 31.49 12.88 -21.33
N GLY E 236 30.86 12.20 -22.28
CA GLY E 236 31.37 12.18 -23.63
C GLY E 236 30.35 11.59 -24.59
N LEU E 237 30.80 11.41 -25.83
CA LEU E 237 29.92 10.89 -26.87
C LEU E 237 29.61 9.42 -26.63
N ASP E 238 28.49 8.99 -27.18
CA ASP E 238 28.15 7.57 -27.22
C ASP E 238 29.12 6.86 -28.16
N PRO E 239 29.98 5.98 -27.67
CA PRO E 239 30.98 5.35 -28.57
C PRO E 239 30.37 4.46 -29.63
N ARG E 240 29.12 4.01 -29.45
CA ARG E 240 28.51 3.11 -30.42
C ARG E 240 28.29 3.78 -31.76
N LEU E 241 28.12 5.11 -31.76
CA LEU E 241 27.88 5.86 -33.00
C LEU E 241 29.16 6.14 -33.77
N GLY E 242 30.31 5.67 -33.31
CA GLY E 242 31.57 6.03 -33.92
C GLY E 242 31.75 5.44 -35.31
N LYS E 243 32.63 6.09 -36.08
CA LYS E 243 32.91 5.67 -37.45
C LYS E 243 33.39 4.22 -37.52
N TYR E 244 34.12 3.77 -36.51
CA TYR E 244 34.75 2.45 -36.53
C TYR E 244 34.44 1.65 -35.28
N HIS E 245 33.22 1.78 -34.75
CA HIS E 245 32.87 1.06 -33.53
C HIS E 245 32.79 -0.44 -33.77
N LEU E 246 32.04 -0.84 -34.79
CA LEU E 246 31.88 -2.25 -35.13
C LEU E 246 32.74 -2.60 -36.33
N THR E 247 33.18 -3.86 -36.37
CA THR E 247 33.88 -4.37 -37.55
C THR E 247 32.93 -4.49 -38.71
N ALA E 248 33.28 -3.87 -39.84
CA ALA E 248 32.37 -3.82 -40.98
C ALA E 248 33.15 -3.59 -42.26
N CYS E 249 32.51 -3.95 -43.37
CA CYS E 249 33.06 -3.64 -44.68
C CYS E 249 33.00 -2.14 -44.93
N SER E 250 34.10 -1.59 -45.45
CA SER E 250 34.18 -0.15 -45.70
C SER E 250 33.47 0.26 -46.97
N ARG E 251 32.76 -0.65 -47.64
CA ARG E 251 32.02 -0.31 -48.86
C ARG E 251 30.52 -0.52 -48.71
N CYS E 252 30.09 -1.71 -48.29
CA CYS E 252 28.66 -1.98 -48.08
C CYS E 252 28.25 -1.91 -46.63
N TYR E 253 29.19 -1.75 -45.71
CA TYR E 253 28.93 -1.50 -44.29
C TYR E 253 28.23 -2.66 -43.60
N THR E 254 28.30 -3.85 -44.18
CA THR E 254 27.85 -5.06 -43.49
C THR E 254 28.75 -5.32 -42.29
N LYS E 255 28.14 -5.52 -41.13
CA LYS E 255 28.91 -5.79 -39.92
C LYS E 255 29.32 -7.26 -39.87
N TYR E 256 30.53 -7.51 -39.40
CA TYR E 256 31.06 -8.86 -39.26
C TYR E 256 31.67 -9.03 -37.88
N THR E 257 31.53 -10.23 -37.33
CA THR E 257 32.22 -10.55 -36.09
C THR E 257 33.73 -10.61 -36.33
N LEU E 258 34.49 -10.45 -35.25
CA LEU E 258 35.94 -10.45 -35.37
C LEU E 258 36.45 -11.77 -35.93
N GLN E 259 35.88 -12.88 -35.46
CA GLN E 259 36.34 -14.19 -35.93
C GLN E 259 35.96 -14.43 -37.38
N ASP E 260 34.79 -13.95 -37.80
CA ASP E 260 34.42 -14.10 -39.20
C ASP E 260 35.32 -13.30 -40.12
N ALA E 261 35.86 -12.18 -39.64
CA ALA E 261 36.69 -11.33 -40.49
C ALA E 261 37.99 -12.02 -40.88
N VAL E 262 38.64 -12.71 -39.93
CA VAL E 262 39.91 -13.35 -40.26
C VAL E 262 39.69 -14.60 -41.10
N SER E 263 38.59 -15.32 -40.89
CA SER E 263 38.27 -16.46 -41.75
C SER E 263 37.91 -16.01 -43.15
N LEU E 264 37.33 -14.82 -43.29
CA LEU E 264 37.11 -14.21 -44.59
C LEU E 264 38.33 -13.47 -45.10
N SER E 265 39.43 -13.47 -44.34
CA SER E 265 40.68 -12.78 -44.71
C SER E 265 40.46 -11.29 -44.93
N TRP E 266 39.54 -10.71 -44.14
CA TRP E 266 39.23 -9.28 -44.18
C TRP E 266 38.77 -8.80 -45.55
N LYS E 267 38.24 -9.71 -46.37
CA LYS E 267 37.63 -9.37 -47.64
C LYS E 267 36.14 -9.66 -47.55
N CYS E 268 35.33 -8.66 -47.87
CA CYS E 268 33.88 -8.81 -47.76
C CYS E 268 33.36 -9.80 -48.79
N PRO E 269 32.73 -10.91 -48.38
CA PRO E 269 32.20 -11.86 -49.36
C PRO E 269 31.00 -11.34 -50.12
N LYS E 270 30.41 -10.23 -49.69
CA LYS E 270 29.21 -9.70 -50.34
C LYS E 270 29.56 -8.84 -51.54
N CYS E 271 30.53 -7.93 -51.38
CA CYS E 271 30.88 -6.98 -52.43
C CYS E 271 32.37 -6.91 -52.73
N GLY E 272 33.20 -7.70 -52.04
CA GLY E 272 34.63 -7.65 -52.28
C GLY E 272 35.35 -6.50 -51.61
N GLY E 273 34.66 -5.71 -50.79
CA GLY E 273 35.28 -4.57 -50.15
C GLY E 273 36.20 -4.97 -49.02
N ILE E 274 36.92 -3.97 -48.52
CA ILE E 274 37.89 -4.16 -47.45
C ILE E 274 37.18 -4.02 -46.11
N ILE E 275 37.32 -5.03 -45.26
CA ILE E 275 36.71 -5.01 -43.93
C ILE E 275 37.63 -4.26 -42.97
N LYS E 276 37.06 -3.32 -42.22
CA LYS E 276 37.79 -2.56 -41.22
C LYS E 276 37.47 -3.09 -39.84
N LYS E 277 38.50 -3.33 -39.03
CA LYS E 277 38.27 -3.83 -37.68
C LYS E 277 37.70 -2.74 -36.79
N GLY E 278 36.73 -3.11 -35.96
CA GLY E 278 36.11 -2.15 -35.07
C GLY E 278 36.91 -1.92 -33.81
N VAL E 279 36.64 -0.75 -33.19
CA VAL E 279 37.27 -0.44 -31.91
C VAL E 279 36.80 -1.42 -30.84
N ARG E 280 35.53 -1.81 -30.88
CA ARG E 280 35.00 -2.74 -29.90
C ARG E 280 35.69 -4.10 -29.97
N ASP E 281 36.00 -4.56 -31.19
CA ASP E 281 36.71 -5.83 -31.33
C ASP E 281 38.16 -5.71 -30.95
N ARG E 282 38.76 -4.52 -31.10
CA ARG E 282 40.11 -4.30 -30.60
C ARG E 282 40.17 -4.48 -29.09
N ILE E 283 39.15 -3.99 -28.37
CA ILE E 283 39.12 -4.15 -26.93
C ILE E 283 38.81 -5.59 -26.55
N LEU E 284 38.03 -6.29 -27.38
CA LEU E 284 37.75 -7.71 -27.12
C LEU E 284 39.02 -8.54 -27.23
N GLU E 285 39.92 -8.18 -28.15
CA GLU E 285 41.19 -8.89 -28.27
C GLU E 285 42.00 -8.78 -26.99
N LEU E 286 41.92 -7.63 -26.32
CA LEU E 286 42.71 -7.36 -25.12
C LEU E 286 41.95 -7.59 -23.83
N ALA E 287 40.64 -7.85 -23.90
CA ALA E 287 39.83 -7.97 -22.71
C ALA E 287 40.29 -9.15 -21.86
N ASP E 288 40.43 -8.91 -20.55
CA ASP E 288 40.82 -9.97 -19.63
C ASP E 288 40.06 -9.93 -18.31
N THR E 289 39.00 -9.12 -18.21
CA THR E 289 38.22 -9.04 -16.98
C THR E 289 36.79 -8.63 -17.31
N SER E 290 35.86 -9.16 -16.52
CA SER E 290 34.46 -8.73 -16.56
C SER E 290 34.12 -7.77 -15.44
N GLU E 291 35.07 -7.49 -14.55
CA GLU E 291 34.84 -6.66 -13.38
C GLU E 291 35.26 -5.22 -13.66
N LYS E 292 34.88 -4.33 -12.74
CA LYS E 292 35.18 -2.92 -12.80
C LYS E 292 35.55 -2.44 -11.41
N PRO E 293 36.35 -1.37 -11.30
CA PRO E 293 36.63 -0.79 -9.98
C PRO E 293 35.33 -0.33 -9.31
N LYS E 294 35.25 -0.53 -8.00
CA LYS E 294 34.02 -0.20 -7.30
C LYS E 294 33.82 1.32 -7.18
N ASP E 295 34.91 2.08 -7.22
CA ASP E 295 34.84 3.53 -7.11
C ASP E 295 35.03 4.23 -8.45
N ARG E 296 34.89 3.50 -9.55
CA ARG E 296 35.02 4.10 -10.88
C ARG E 296 33.85 5.04 -11.11
N PRO E 297 34.09 6.31 -11.46
CA PRO E 297 33.00 7.24 -11.71
C PRO E 297 32.18 6.79 -12.92
N PRO E 298 30.92 7.23 -13.02
CA PRO E 298 30.11 6.85 -14.17
C PRO E 298 30.48 7.65 -15.41
N TYR E 299 30.19 7.05 -16.56
CA TYR E 299 30.34 7.71 -17.86
C TYR E 299 28.96 8.08 -18.38
N VAL E 300 28.78 9.36 -18.71
CA VAL E 300 27.50 9.88 -19.15
C VAL E 300 27.57 10.13 -20.65
N ARG E 301 26.89 9.29 -21.42
CA ARG E 301 26.79 9.51 -22.86
C ARG E 301 25.87 10.70 -23.13
N LEU E 302 26.37 11.67 -23.88
CA LEU E 302 25.58 12.86 -24.19
C LEU E 302 26.06 13.44 -25.51
N ALA E 303 25.23 14.30 -26.07
CA ALA E 303 25.51 15.03 -27.29
C ALA E 303 25.40 16.52 -27.05
N PRO E 304 26.16 17.34 -27.77
CA PRO E 304 26.04 18.79 -27.60
C PRO E 304 24.63 19.28 -27.92
N LEU E 305 24.26 20.39 -27.29
CA LEU E 305 22.87 20.85 -27.38
C LEU E 305 22.50 21.20 -28.82
N ALA E 306 23.39 21.87 -29.55
CA ALA E 306 23.11 22.19 -30.94
C ALA E 306 22.88 20.94 -31.78
N GLU E 307 23.58 19.85 -31.46
CA GLU E 307 23.38 18.60 -32.17
C GLU E 307 22.01 18.01 -31.87
N ILE E 308 21.58 18.09 -30.60
CA ILE E 308 20.25 17.60 -30.23
C ILE E 308 19.17 18.43 -30.92
N ILE E 309 19.33 19.75 -30.93
CA ILE E 309 18.34 20.63 -31.54
C ILE E 309 18.22 20.33 -33.03
N ALA E 310 19.35 20.10 -33.70
CA ALA E 310 19.31 19.79 -35.13
C ALA E 310 18.52 18.52 -35.40
N MET E 311 18.69 17.50 -34.54
CA MET E 311 17.92 16.27 -34.69
C MET E 311 16.44 16.51 -34.43
N VAL E 312 16.12 17.33 -33.42
CA VAL E 312 14.72 17.59 -33.09
C VAL E 312 14.03 18.38 -34.19
N LEU E 313 14.70 19.42 -34.70
CA LEU E 313 14.11 20.27 -35.74
C LEU E 313 14.24 19.68 -37.14
N GLY E 314 15.09 18.69 -37.34
CA GLY E 314 15.31 18.16 -38.68
C GLY E 314 16.03 19.13 -39.60
N LYS E 315 16.84 20.04 -39.04
CA LYS E 315 17.55 21.04 -39.81
C LYS E 315 19.04 20.93 -39.55
N GLY E 316 19.82 21.63 -40.38
CA GLY E 316 21.27 21.57 -40.27
C GLY E 316 21.78 22.27 -39.03
N ILE E 317 22.94 21.79 -38.54
CA ILE E 317 23.45 22.27 -37.26
C ILE E 317 23.90 23.72 -37.32
N GLU E 318 24.24 24.23 -38.51
CA GLU E 318 24.63 25.63 -38.65
C GLU E 318 23.51 26.48 -39.25
N SER E 319 22.28 25.96 -39.28
CA SER E 319 21.15 26.72 -39.78
C SER E 319 20.72 27.77 -38.76
N LYS E 320 19.98 28.78 -39.25
CA LYS E 320 19.51 29.82 -38.36
C LYS E 320 18.46 29.30 -37.38
N ALA E 321 17.68 28.30 -37.79
CA ALA E 321 16.68 27.72 -36.89
C ALA E 321 17.34 27.09 -35.67
N VAL E 322 18.45 26.37 -35.88
CA VAL E 322 19.15 25.75 -34.76
C VAL E 322 19.79 26.81 -33.87
N LYS E 323 20.38 27.85 -34.48
CA LYS E 323 21.06 28.86 -33.69
C LYS E 323 20.09 29.66 -32.83
N LEU E 324 18.90 29.95 -33.35
CA LEU E 324 17.94 30.74 -32.59
C LEU E 324 17.41 29.97 -31.39
N LEU E 325 17.08 28.69 -31.56
CA LEU E 325 16.62 27.90 -30.43
C LEU E 325 17.74 27.63 -29.44
N TRP E 326 18.96 27.48 -29.93
CA TRP E 326 20.11 27.31 -29.05
C TRP E 326 20.36 28.58 -28.23
N ASN E 327 20.18 29.74 -28.84
CA ASN E 327 20.33 31.00 -28.11
C ASN E 327 19.25 31.15 -27.04
N ARG E 328 18.03 30.71 -27.35
CA ARG E 328 16.94 30.78 -26.37
C ARG E 328 17.27 29.96 -25.13
N PHE E 329 17.75 28.72 -25.33
CA PHE E 329 18.17 27.91 -24.19
C PHE E 329 19.32 28.55 -23.43
N LEU E 330 20.30 29.10 -24.16
CA LEU E 330 21.47 29.68 -23.51
C LEU E 330 21.16 31.01 -22.83
N ARG E 331 20.00 31.61 -23.10
CA ARG E 331 19.65 32.86 -22.44
C ARG E 331 18.83 32.61 -21.17
N GLU E 332 17.86 31.69 -21.22
CA GLU E 332 17.08 31.37 -20.03
C GLU E 332 17.94 30.63 -19.00
N PHE E 333 18.79 29.73 -19.46
CA PHE E 333 19.69 28.99 -18.59
C PHE E 333 21.12 29.40 -18.87
N GLY E 334 21.97 29.28 -17.85
CA GLY E 334 23.30 29.87 -17.92
C GLY E 334 24.16 29.29 -19.03
N SER E 335 24.19 27.96 -19.16
CA SER E 335 25.15 27.31 -20.02
C SER E 335 24.54 26.05 -20.63
N GLU E 336 25.35 25.34 -21.41
CA GLU E 336 24.84 24.20 -22.17
C GLU E 336 24.85 22.92 -21.35
N ILE E 337 25.95 22.67 -20.62
CA ILE E 337 26.04 21.48 -19.79
C ILE E 337 24.89 21.44 -18.78
N ARG E 338 24.50 22.61 -18.27
CA ARG E 338 23.41 22.68 -17.31
C ARG E 338 22.11 22.14 -17.91
N VAL E 339 21.87 22.43 -19.19
CA VAL E 339 20.65 21.94 -19.84
C VAL E 339 20.75 20.43 -20.09
N LEU E 340 21.95 19.94 -20.40
CA LEU E 340 22.09 18.58 -20.90
C LEU E 340 21.86 17.56 -19.78
N ILE E 341 22.46 17.77 -18.61
CA ILE E 341 22.44 16.74 -17.58
C ILE E 341 21.88 17.20 -16.24
N ASP E 342 21.75 18.50 -15.96
CA ASP E 342 21.42 18.96 -14.61
C ASP E 342 19.97 19.41 -14.44
N LEU E 343 19.48 20.24 -15.35
CA LEU E 343 18.16 20.82 -15.19
C LEU E 343 17.06 19.76 -15.32
N PRO E 344 15.97 19.90 -14.57
CA PRO E 344 14.84 18.97 -14.73
C PRO E 344 14.24 19.08 -16.13
N ILE E 345 13.69 17.95 -16.58
CA ILE E 345 13.05 17.92 -17.90
C ILE E 345 11.88 18.90 -17.96
N GLU E 346 11.14 19.02 -16.86
CA GLU E 346 10.01 19.94 -16.81
C GLU E 346 10.45 21.39 -17.03
N SER E 347 11.65 21.75 -16.54
CA SER E 347 12.15 23.09 -16.74
C SER E 347 12.57 23.32 -18.18
N ILE E 348 13.29 22.36 -18.76
CA ILE E 348 13.70 22.47 -20.16
C ILE E 348 12.49 22.64 -21.06
N ALA E 349 11.40 21.92 -20.75
CA ALA E 349 10.19 21.97 -21.58
C ALA E 349 9.57 23.37 -21.61
N SER E 350 9.90 24.23 -20.64
CA SER E 350 9.40 25.60 -20.67
C SER E 350 9.90 26.33 -21.92
N VAL E 351 11.06 25.93 -22.45
CA VAL E 351 11.61 26.58 -23.63
C VAL E 351 11.22 25.83 -24.90
N HIS E 352 11.29 24.50 -24.89
CA HIS E 352 10.92 23.71 -26.07
C HIS E 352 10.59 22.30 -25.64
N GLU E 353 9.36 21.87 -25.91
CA GLU E 353 8.91 20.53 -25.51
C GLU E 353 9.71 19.45 -26.22
N GLY E 354 9.90 19.61 -27.54
CA GLY E 354 10.55 18.56 -28.31
C GLY E 354 11.98 18.30 -27.89
N VAL E 355 12.75 19.36 -27.64
CA VAL E 355 14.13 19.20 -27.23
C VAL E 355 14.20 18.55 -25.84
N ALA E 356 13.27 18.92 -24.96
CA ALA E 356 13.26 18.35 -23.61
C ALA E 356 13.00 16.85 -23.65
N LYS E 357 12.15 16.40 -24.58
CA LYS E 357 11.91 14.96 -24.71
C LYS E 357 13.14 14.25 -25.25
N ALA E 358 13.85 14.88 -26.20
CA ALA E 358 15.07 14.28 -26.73
C ALA E 358 16.13 14.17 -25.64
N ILE E 359 16.30 15.22 -24.84
CA ILE E 359 17.27 15.18 -23.75
C ILE E 359 16.86 14.14 -22.71
N TRP E 360 15.56 14.02 -22.45
CA TRP E 360 15.09 12.98 -21.55
C TRP E 360 15.43 11.59 -22.10
N ALA E 361 15.27 11.39 -23.40
CA ALA E 361 15.63 10.11 -24.00
C ALA E 361 17.12 9.84 -23.93
N TYR E 362 17.94 10.90 -23.98
CA TYR E 362 19.38 10.74 -23.80
C TYR E 362 19.70 10.28 -22.39
N ARG E 363 19.16 10.97 -21.39
CA ARG E 363 19.48 10.68 -20.00
C ARG E 363 19.05 9.26 -19.60
N ASN E 364 17.98 8.76 -20.18
CA ASN E 364 17.41 7.48 -19.79
C ASN E 364 17.68 6.37 -20.79
N ASN E 365 18.55 6.61 -21.79
CA ASN E 365 18.98 5.58 -22.73
C ASN E 365 17.77 4.95 -23.45
N LYS E 366 16.95 5.81 -24.04
CA LYS E 366 15.74 5.37 -24.73
C LYS E 366 15.77 5.67 -26.22
N LEU E 367 16.91 6.06 -26.77
CA LEU E 367 17.03 6.38 -28.18
C LEU E 367 17.34 5.12 -28.99
N ILE E 368 16.75 5.03 -30.17
CA ILE E 368 17.02 3.93 -31.10
C ILE E 368 18.34 4.21 -31.81
N ILE E 369 19.27 3.26 -31.73
CA ILE E 369 20.64 3.48 -32.17
C ILE E 369 21.07 2.36 -33.09
N VAL E 370 21.57 2.74 -34.27
CA VAL E 370 22.24 1.85 -35.21
C VAL E 370 23.74 2.13 -35.11
N PRO E 371 24.53 1.20 -34.60
CA PRO E 371 25.96 1.49 -34.37
C PRO E 371 26.72 1.69 -35.66
N GLY E 372 27.82 2.43 -35.55
CA GLY E 372 28.68 2.71 -36.69
C GLY E 372 29.70 1.62 -36.93
N GLY E 373 30.45 1.79 -38.00
CA GLY E 373 31.46 0.82 -38.35
C GLY E 373 31.88 0.97 -39.80
N GLY E 374 33.08 0.47 -40.10
CA GLY E 374 33.62 0.53 -41.45
C GLY E 374 33.88 1.92 -42.00
N GLY E 375 33.78 2.97 -41.18
CA GLY E 375 33.93 4.33 -41.64
C GLY E 375 32.64 5.13 -41.70
N LYS E 376 31.50 4.49 -41.51
CA LYS E 376 30.20 5.15 -41.54
C LYS E 376 29.73 5.41 -40.11
N TYR E 377 29.34 6.64 -39.84
CA TYR E 377 28.84 6.98 -38.51
C TYR E 377 27.53 6.27 -38.23
N GLY E 378 27.21 6.16 -36.94
CA GLY E 378 25.98 5.53 -36.53
C GLY E 378 24.78 6.43 -36.68
N GLU E 379 23.61 5.83 -36.57
CA GLU E 379 22.34 6.53 -36.66
C GLU E 379 21.65 6.53 -35.30
N ILE E 380 20.87 7.56 -35.05
CA ILE E 380 20.20 7.74 -33.75
C ILE E 380 18.81 8.31 -34.01
N ARG E 381 17.79 7.61 -33.51
CA ARG E 381 16.39 8.00 -33.71
C ARG E 381 15.69 8.20 -32.38
N ILE E 382 14.80 9.18 -32.34
CA ILE E 382 13.86 9.35 -31.25
C ILE E 382 12.62 8.51 -31.59
N PRO E 383 12.27 7.50 -30.79
CA PRO E 383 11.12 6.66 -31.13
C PRO E 383 9.83 7.46 -31.21
N GLU E 384 8.89 6.96 -32.01
CA GLU E 384 7.66 7.69 -32.28
C GLU E 384 6.82 7.91 -31.03
N GLU E 385 6.86 6.96 -30.09
CA GLU E 385 6.03 7.07 -28.90
C GLU E 385 6.51 8.22 -28.00
N ILE E 386 7.80 8.52 -28.03
CA ILE E 386 8.28 9.69 -27.30
C ILE E 386 8.00 10.96 -28.10
N LEU E 387 7.95 10.86 -29.43
CA LEU E 387 7.62 12.02 -30.25
C LEU E 387 6.19 12.50 -29.98
N LYS E 388 5.26 11.57 -29.81
CA LYS E 388 3.86 11.90 -29.59
C LYS E 388 3.54 12.18 -28.12
N ALA E 389 4.44 11.85 -27.21
CA ALA E 389 4.11 11.87 -25.78
C ALA E 389 4.05 13.30 -25.24
N LYS E 390 3.24 13.47 -24.20
CA LYS E 390 3.30 14.68 -23.40
C LYS E 390 4.44 14.57 -22.39
N ILE E 391 4.91 15.73 -21.91
CA ILE E 391 6.02 15.74 -20.97
C ILE E 391 5.67 14.95 -19.71
N GLU E 392 4.43 15.10 -19.23
CA GLU E 392 4.01 14.37 -18.04
C GLU E 392 3.81 12.88 -18.29
N ASP E 393 3.88 12.43 -19.53
CA ASP E 393 3.74 11.01 -19.86
C ASP E 393 5.07 10.28 -19.93
N LEU E 394 6.20 10.98 -19.83
CA LEU E 394 7.50 10.37 -20.09
C LEU E 394 7.88 9.34 -19.03
N ASN E 395 7.49 9.57 -17.77
CA ASN E 395 7.87 8.65 -16.70
C ASN E 395 7.31 7.26 -16.92
N SER E 396 6.20 7.15 -17.65
CA SER E 396 5.56 5.86 -17.89
C SER E 396 5.54 5.53 -19.37
N ILE E 397 6.68 5.67 -20.04
CA ILE E 397 6.72 5.59 -21.49
C ILE E 397 6.81 4.14 -21.94
N GLU E 398 6.29 3.90 -23.15
CA GLU E 398 6.47 2.65 -23.88
C GLU E 398 7.14 2.99 -25.20
N ILE E 399 8.24 2.31 -25.52
CA ILE E 399 8.97 2.59 -26.75
C ILE E 399 9.08 1.32 -27.58
N SER E 400 8.99 1.48 -28.89
CA SER E 400 9.32 0.42 -29.83
C SER E 400 10.32 0.95 -30.83
#